data_5ZJA
#
_entry.id   5ZJA
#
_cell.length_a   150.294
_cell.length_b   182.641
_cell.length_c   51.121
_cell.angle_alpha   90.00
_cell.angle_beta   90.00
_cell.angle_gamma   90.00
#
_symmetry.space_group_name_H-M   'P 21 21 2'
#
loop_
_entity.id
_entity.type
_entity.pdbx_description
1 polymer 'D-amino-acid oxidase'
2 non-polymer 'FLAVIN-ADENINE DINUCLEOTIDE'
3 non-polymer '5-chloro thiophene-2-carboxylic acid'
4 water water
#
_entity_poly.entity_id   1
_entity_poly.type   'polypeptide(L)'
_entity_poly.pdbx_seq_one_letter_code
;MRVVVIGAGVIGLSTALCIHERYHSVLQPLDIKVYADRFTPLTTTDVAAGLWQPYLSDPNNPQEADWSQQTFDYLLSHVH
SPNAENLGLFLISGYNLFHEAIPDPSWKDTVLGFRKLTPRELDMFPDYGYGWFHTSLILEGKNYLQWLTERLTERGVKFF
QRKVESFEEVAREGADVIVNCTGVWAGALQRDPLLQPGRGQIMKVDAPWMKHFILTHDPERGIYNSPYIIPGTQTVTLGG
IFQLGNWSELNNIQDHNTIWEGCCRLEPTLKNARIIGERTGFRPVRPQIRLEREQLRTGPSNTEVIHNYGHGGYGLTIHW
GCALEAAKLFGRILEEKKLS
;
_entity_poly.pdbx_strand_id   A,B,C,D
#
loop_
_chem_comp.id
_chem_comp.type
_chem_comp.name
_chem_comp.formula
9E9 non-polymer '5-chloro thiophene-2-carboxylic acid' 'C5 H3 Cl O2 S'
FAD non-polymer 'FLAVIN-ADENINE DINUCLEOTIDE' 'C27 H33 N9 O15 P2'
#
# COMPACT_ATOMS: atom_id res chain seq x y z
N MET A 1 8.39 47.33 -5.06
CA MET A 1 7.03 46.86 -4.90
C MET A 1 7.00 45.56 -4.10
N ARG A 2 6.91 45.69 -2.78
CA ARG A 2 6.97 44.55 -1.88
C ARG A 2 5.55 44.12 -1.50
N VAL A 3 5.26 42.83 -1.70
CA VAL A 3 3.97 42.25 -1.37
C VAL A 3 4.17 41.21 -0.26
N VAL A 4 3.20 41.12 0.65
CA VAL A 4 3.22 40.14 1.73
C VAL A 4 1.86 39.44 1.77
N VAL A 5 1.87 38.13 1.65
CA VAL A 5 0.66 37.32 1.68
C VAL A 5 0.64 36.57 3.00
N ILE A 6 -0.38 36.86 3.82
CA ILE A 6 -0.57 36.18 5.11
C ILE A 6 -1.48 34.99 4.86
N GLY A 7 -0.95 33.78 5.03
CA GLY A 7 -1.73 32.57 4.84
C GLY A 7 -1.16 31.64 3.79
N ALA A 8 -0.83 30.41 4.18
CA ALA A 8 -0.28 29.40 3.28
C ALA A 8 -1.31 28.32 2.94
N GLY A 9 -2.60 28.66 3.00
CA GLY A 9 -3.64 27.76 2.57
C GLY A 9 -3.78 27.78 1.06
N VAL A 10 -4.85 27.12 0.59
CA VAL A 10 -5.11 27.09 -0.84
C VAL A 10 -5.29 28.51 -1.37
N ILE A 11 -5.94 29.37 -0.61
CA ILE A 11 -6.19 30.74 -1.06
C ILE A 11 -4.90 31.55 -1.00
N GLY A 12 -4.15 31.43 0.10
CA GLY A 12 -2.91 32.20 0.22
C GLY A 12 -1.88 31.83 -0.83
N LEU A 13 -1.68 30.53 -1.05
CA LEU A 13 -0.65 30.10 -1.98
C LEU A 13 -1.06 30.32 -3.43
N SER A 14 -2.30 29.95 -3.77
CA SER A 14 -2.76 30.13 -5.16
C SER A 14 -2.79 31.60 -5.53
N THR A 15 -3.21 32.47 -4.60
CA THR A 15 -3.23 33.89 -4.87
C THR A 15 -1.81 34.44 -5.05
N ALA A 16 -0.88 34.00 -4.20
CA ALA A 16 0.51 34.42 -4.37
C ALA A 16 1.07 33.97 -5.71
N LEU A 17 0.58 32.85 -6.25
CA LEU A 17 1.06 32.37 -7.54
C LEU A 17 0.49 33.20 -8.68
N CYS A 18 -0.83 33.44 -8.67
CA CYS A 18 -1.45 34.24 -9.72
C CYS A 18 -0.85 35.64 -9.77
N ILE A 19 -0.57 36.23 -8.62
CA ILE A 19 -0.03 37.59 -8.60
C ILE A 19 1.36 37.61 -9.24
N HIS A 20 2.16 36.58 -8.99
CA HIS A 20 3.50 36.54 -9.56
C HIS A 20 3.46 36.21 -11.05
N GLU A 21 2.57 35.30 -11.45
CA GLU A 21 2.46 34.95 -12.87
C GLU A 21 2.11 36.15 -13.73
N ARG A 22 1.29 37.07 -13.20
CA ARG A 22 0.76 38.15 -14.01
C ARG A 22 1.60 39.43 -13.97
N TYR A 23 2.30 39.69 -12.87
CA TYR A 23 2.97 40.98 -12.69
C TYR A 23 4.45 40.86 -12.36
N HIS A 24 5.05 39.69 -12.50
CA HIS A 24 6.49 39.58 -12.30
C HIS A 24 7.29 40.14 -13.46
N SER A 25 6.67 40.28 -14.63
CA SER A 25 7.35 40.84 -15.80
C SER A 25 7.17 42.34 -15.94
N VAL A 26 6.13 42.91 -15.34
CA VAL A 26 5.82 44.34 -15.45
C VAL A 26 6.19 45.11 -14.19
N LEU A 27 6.71 44.44 -13.17
CA LEU A 27 7.18 45.09 -11.96
C LEU A 27 8.62 44.63 -11.72
N GLN A 28 9.57 45.53 -11.95
CA GLN A 28 10.96 45.17 -11.82
C GLN A 28 11.21 44.64 -10.41
N PRO A 29 10.99 45.46 -9.38
CA PRO A 29 11.11 45.00 -7.98
C PRO A 29 9.80 44.43 -7.42
N LEU A 30 9.48 43.19 -7.79
CA LEU A 30 8.32 42.48 -7.26
C LEU A 30 8.81 41.41 -6.29
N ASP A 31 8.99 41.80 -5.03
CA ASP A 31 9.47 40.89 -3.98
C ASP A 31 8.27 40.44 -3.15
N ILE A 32 7.87 39.18 -3.31
CA ILE A 32 6.71 38.62 -2.63
C ILE A 32 7.19 37.69 -1.52
N LYS A 33 6.63 37.86 -0.32
CA LYS A 33 6.88 36.99 0.80
C LYS A 33 5.57 36.41 1.30
N VAL A 34 5.64 35.22 1.88
CA VAL A 34 4.47 34.51 2.40
C VAL A 34 4.67 34.32 3.90
N TYR A 35 3.84 34.99 4.69
CA TYR A 35 3.83 34.85 6.14
C TYR A 35 2.65 33.96 6.53
N ALA A 36 2.94 32.84 7.18
CA ALA A 36 1.90 31.89 7.53
C ALA A 36 2.17 31.36 8.94
N ASP A 37 1.09 31.29 9.73
CA ASP A 37 1.19 30.69 11.06
C ASP A 37 1.41 29.19 10.98
N ARG A 38 0.69 28.52 10.08
CA ARG A 38 0.85 27.10 9.84
C ARG A 38 1.01 26.84 8.35
N PHE A 39 1.83 25.84 8.03
CA PHE A 39 2.00 25.37 6.66
C PHE A 39 1.53 23.94 6.56
N THR A 40 1.35 23.48 5.31
CA THR A 40 0.93 22.12 5.08
C THR A 40 1.86 21.16 5.82
N PRO A 41 1.33 20.04 6.36
CA PRO A 41 -0.07 19.65 6.26
C PRO A 41 -0.89 20.04 7.51
N LEU A 42 -0.70 21.25 8.01
CA LEU A 42 -1.35 21.69 9.24
C LEU A 42 -2.39 22.77 9.00
N THR A 43 -2.94 22.85 7.78
CA THR A 43 -3.93 23.85 7.43
C THR A 43 -5.27 23.19 7.13
N THR A 44 -6.33 24.00 7.19
CA THR A 44 -7.66 23.49 6.86
C THR A 44 -7.69 22.89 5.46
N THR A 45 -6.88 23.42 4.54
CA THR A 45 -6.85 22.88 3.18
C THR A 45 -6.41 21.42 3.18
N ASP A 46 -5.65 20.98 4.17
CA ASP A 46 -5.20 19.60 4.22
C ASP A 46 -6.31 18.65 4.67
N VAL A 47 -7.19 19.11 5.56
CA VAL A 47 -8.26 18.25 6.06
C VAL A 47 -9.27 17.95 4.96
N ALA A 48 -9.45 18.87 4.02
CA ALA A 48 -10.49 18.71 3.00
C ALA A 48 -10.16 17.58 2.05
N ALA A 49 -11.20 16.84 1.64
CA ALA A 49 -11.01 15.79 0.64
C ALA A 49 -10.57 16.36 -0.69
N GLY A 50 -11.08 17.53 -1.05
CA GLY A 50 -10.70 18.19 -2.29
C GLY A 50 -11.72 18.07 -3.41
N LEU A 51 -12.91 17.56 -3.14
CA LEU A 51 -13.93 17.44 -4.18
C LEU A 51 -14.42 18.80 -4.62
N TRP A 52 -14.70 18.93 -5.91
CA TRP A 52 -15.25 20.16 -6.47
C TRP A 52 -16.77 20.04 -6.50
N GLN A 53 -17.43 20.75 -5.60
CA GLN A 53 -18.88 20.86 -5.66
C GLN A 53 -19.33 22.06 -4.84
N PRO A 54 -20.01 23.03 -5.45
CA PRO A 54 -20.50 24.18 -4.68
C PRO A 54 -21.71 23.81 -3.85
N TYR A 55 -22.09 24.74 -2.96
CA TYR A 55 -23.31 24.58 -2.20
C TYR A 55 -24.49 24.37 -3.16
N LEU A 56 -25.56 23.76 -2.66
CA LEU A 56 -26.70 23.46 -3.53
C LEU A 56 -27.52 24.71 -3.85
N SER A 57 -27.58 25.67 -2.93
CA SER A 57 -28.32 26.90 -3.17
C SER A 57 -27.41 27.96 -3.78
N ASP A 58 -28.01 28.83 -4.59
CA ASP A 58 -27.25 29.84 -5.29
C ASP A 58 -26.56 30.77 -4.29
N PRO A 59 -25.42 31.33 -4.66
CA PRO A 59 -24.66 32.15 -3.72
C PRO A 59 -25.20 33.57 -3.61
N ASN A 60 -25.10 34.11 -2.39
CA ASN A 60 -25.55 35.48 -2.15
C ASN A 60 -24.75 36.49 -2.97
N ASN A 61 -23.61 36.09 -3.51
CA ASN A 61 -22.85 36.91 -4.45
C ASN A 61 -22.73 36.12 -5.75
N PRO A 62 -23.42 36.52 -6.83
CA PRO A 62 -23.40 35.70 -8.05
C PRO A 62 -22.05 35.60 -8.72
N GLN A 63 -21.06 36.39 -8.29
CA GLN A 63 -19.71 36.24 -8.85
C GLN A 63 -19.16 34.86 -8.54
N GLU A 64 -19.32 34.39 -7.31
CA GLU A 64 -18.74 33.11 -6.90
C GLU A 64 -19.14 31.99 -7.84
N ALA A 65 -20.34 32.07 -8.42
CA ALA A 65 -20.74 31.08 -9.43
C ALA A 65 -19.77 31.07 -10.60
N ASP A 66 -19.25 32.24 -10.99
CA ASP A 66 -18.26 32.30 -12.06
C ASP A 66 -16.90 31.81 -11.56
N TRP A 67 -16.53 32.17 -10.34
CA TRP A 67 -15.26 31.70 -9.79
C TRP A 67 -15.22 30.19 -9.72
N SER A 68 -16.31 29.56 -9.23
CA SER A 68 -16.37 28.11 -9.20
C SER A 68 -16.22 27.53 -10.60
N GLN A 69 -16.91 28.12 -11.59
CA GLN A 69 -16.84 27.62 -12.95
C GLN A 69 -15.46 27.85 -13.57
N GLN A 70 -14.79 28.94 -13.21
CA GLN A 70 -13.44 29.18 -13.71
C GLN A 70 -12.48 28.12 -13.19
N THR A 71 -12.49 27.90 -11.87
CA THR A 71 -11.62 26.89 -11.28
C THR A 71 -11.81 25.53 -11.94
N PHE A 72 -13.07 25.14 -12.15
CA PHE A 72 -13.35 23.83 -12.74
C PHE A 72 -12.74 23.71 -14.13
N ASP A 73 -13.03 24.69 -15.00
CA ASP A 73 -12.46 24.65 -16.35
C ASP A 73 -10.93 24.61 -16.30
N TYR A 74 -10.34 25.44 -15.44
CA TYR A 74 -8.89 25.44 -15.27
C TYR A 74 -8.39 24.04 -14.91
N LEU A 75 -8.89 23.50 -13.80
CA LEU A 75 -8.45 22.18 -13.36
C LEU A 75 -8.74 21.12 -14.44
N LEU A 76 -9.88 21.22 -15.11
CA LEU A 76 -10.23 20.23 -16.11
C LEU A 76 -9.27 20.25 -17.30
N SER A 77 -8.71 21.42 -17.64
CA SER A 77 -7.78 21.51 -18.75
C SER A 77 -6.42 20.91 -18.42
N HIS A 78 -6.21 20.46 -17.18
CA HIS A 78 -4.96 19.83 -16.78
C HIS A 78 -5.16 18.42 -16.24
N VAL A 79 -6.39 17.89 -16.26
CA VAL A 79 -6.64 16.58 -15.68
C VAL A 79 -5.79 15.51 -16.34
N HIS A 80 -5.52 15.65 -17.63
CA HIS A 80 -4.69 14.70 -18.36
C HIS A 80 -3.27 15.21 -18.56
N SER A 81 -2.89 16.31 -17.93
CA SER A 81 -1.54 16.79 -18.00
C SER A 81 -0.60 15.81 -17.30
N PRO A 82 0.69 15.81 -17.68
CA PRO A 82 1.61 14.83 -17.07
C PRO A 82 1.74 14.98 -15.57
N ASN A 83 1.72 16.21 -15.06
CA ASN A 83 1.88 16.48 -13.63
C ASN A 83 0.55 16.53 -12.90
N ALA A 84 -0.52 16.00 -13.49
CA ALA A 84 -1.80 15.96 -12.78
C ALA A 84 -1.68 15.17 -11.49
N GLU A 85 -1.00 14.03 -11.53
CA GLU A 85 -0.75 13.26 -10.31
C GLU A 85 -0.03 14.10 -9.26
N ASN A 86 0.82 15.04 -9.69
CA ASN A 86 1.51 15.90 -8.73
C ASN A 86 0.55 16.86 -8.05
N LEU A 87 -0.43 17.39 -8.79
CA LEU A 87 -1.41 18.28 -8.20
C LEU A 87 -2.40 17.54 -7.31
N GLY A 88 -2.48 16.22 -7.42
CA GLY A 88 -3.55 15.49 -6.77
C GLY A 88 -4.88 15.63 -7.48
N LEU A 89 -4.85 15.81 -8.79
CA LEU A 89 -6.05 16.08 -9.58
C LEU A 89 -6.44 14.84 -10.37
N PHE A 90 -7.74 14.56 -10.41
CA PHE A 90 -8.25 13.41 -11.16
C PHE A 90 -9.76 13.49 -11.23
N LEU A 91 -10.32 12.83 -12.25
CA LEU A 91 -11.76 12.76 -12.42
C LEU A 91 -12.38 11.75 -11.46
N ILE A 92 -13.63 12.01 -11.08
CA ILE A 92 -14.37 11.09 -10.22
C ILE A 92 -15.85 11.37 -10.39
N SER A 93 -16.63 10.30 -10.51
CA SER A 93 -18.07 10.38 -10.57
C SER A 93 -18.68 9.90 -9.26
N GLY A 94 -19.94 10.26 -9.03
CA GLY A 94 -20.55 9.95 -7.75
C GLY A 94 -22.00 10.40 -7.71
N TYR A 95 -22.61 10.20 -6.55
CA TYR A 95 -24.03 10.43 -6.35
C TYR A 95 -24.25 11.52 -5.30
N ASN A 96 -25.32 12.29 -5.50
CA ASN A 96 -25.90 13.14 -4.47
C ASN A 96 -27.29 12.61 -4.16
N LEU A 97 -27.48 12.12 -2.94
CA LEU A 97 -28.71 11.44 -2.57
C LEU A 97 -29.62 12.37 -1.79
N PHE A 98 -30.92 12.30 -2.08
CA PHE A 98 -31.92 13.13 -1.44
C PHE A 98 -33.11 12.27 -1.02
N HIS A 99 -33.73 12.67 0.09
CA HIS A 99 -34.97 12.01 0.50
C HIS A 99 -36.12 12.38 -0.43
N GLU A 100 -36.15 13.62 -0.91
CA GLU A 100 -37.22 14.08 -1.76
C GLU A 100 -36.68 14.85 -2.95
N ALA A 101 -37.52 15.01 -3.96
CA ALA A 101 -37.13 15.74 -5.17
C ALA A 101 -36.85 17.20 -4.85
N ILE A 102 -35.77 17.71 -5.40
CA ILE A 102 -35.37 19.11 -5.19
C ILE A 102 -34.81 19.66 -6.50
N PRO A 103 -34.83 20.98 -6.64
CA PRO A 103 -34.44 21.58 -7.92
C PRO A 103 -32.97 21.36 -8.26
N ASP A 104 -32.71 21.29 -9.56
CA ASP A 104 -31.34 21.11 -10.05
C ASP A 104 -30.43 22.22 -9.53
N PRO A 105 -29.11 21.97 -9.51
CA PRO A 105 -28.17 23.00 -9.08
C PRO A 105 -27.78 23.92 -10.22
N SER A 106 -27.32 25.12 -9.84
CA SER A 106 -26.89 26.10 -10.83
C SER A 106 -25.71 25.59 -11.64
N TRP A 107 -24.84 24.79 -11.03
CA TRP A 107 -23.66 24.26 -11.68
C TRP A 107 -23.93 22.98 -12.46
N LYS A 108 -25.19 22.67 -12.74
CA LYS A 108 -25.52 21.44 -13.45
C LYS A 108 -24.77 21.32 -14.77
N ASP A 109 -24.47 22.45 -15.41
CA ASP A 109 -23.80 22.44 -16.71
C ASP A 109 -22.29 22.65 -16.61
N THR A 110 -21.76 22.89 -15.41
CA THR A 110 -20.32 22.98 -15.26
C THR A 110 -19.68 21.59 -15.20
N VAL A 111 -20.25 20.70 -14.40
CA VAL A 111 -19.78 19.32 -14.29
C VAL A 111 -20.14 18.57 -15.56
N LEU A 112 -19.60 17.36 -15.73
CA LEU A 112 -19.80 16.57 -16.93
C LEU A 112 -20.94 15.59 -16.76
N GLY A 113 -21.72 15.44 -17.82
CA GLY A 113 -22.74 14.39 -17.86
C GLY A 113 -23.69 14.39 -16.69
N PHE A 114 -24.06 15.57 -16.21
CA PHE A 114 -25.04 15.66 -15.13
C PHE A 114 -26.34 14.98 -15.55
N ARG A 115 -27.03 14.38 -14.57
CA ARG A 115 -28.28 13.70 -14.85
C ARG A 115 -28.90 13.30 -13.52
N LYS A 116 -30.16 12.84 -13.59
CA LYS A 116 -30.86 12.32 -12.44
C LYS A 116 -30.61 10.82 -12.28
N LEU A 117 -30.87 10.32 -11.08
CA LEU A 117 -30.60 8.93 -10.77
C LEU A 117 -31.71 8.02 -11.29
N THR A 118 -31.32 6.97 -12.00
CA THR A 118 -32.27 5.99 -12.48
C THR A 118 -32.94 5.28 -11.31
N PRO A 119 -34.19 4.83 -11.47
CA PRO A 119 -34.83 4.06 -10.39
C PRO A 119 -33.95 2.93 -9.88
N ARG A 120 -33.32 2.16 -10.77
CA ARG A 120 -32.47 1.07 -10.32
C ARG A 120 -31.31 1.58 -9.46
N GLU A 121 -30.74 2.73 -9.82
CA GLU A 121 -29.67 3.31 -9.03
C GLU A 121 -30.15 3.67 -7.64
N LEU A 122 -31.33 4.27 -7.53
CA LEU A 122 -31.88 4.64 -6.23
C LEU A 122 -32.19 3.43 -5.36
N ASP A 123 -32.31 2.24 -5.96
CA ASP A 123 -32.56 1.04 -5.16
C ASP A 123 -31.34 0.61 -4.36
N MET A 124 -30.15 1.09 -4.74
CA MET A 124 -28.95 0.81 -3.95
C MET A 124 -28.96 1.54 -2.61
N PHE A 125 -29.78 2.57 -2.47
CA PHE A 125 -29.78 3.43 -1.28
C PHE A 125 -31.21 3.51 -0.75
N PRO A 126 -31.60 2.59 0.13
CA PRO A 126 -32.98 2.57 0.62
C PRO A 126 -33.40 3.84 1.34
N ASP A 127 -32.48 4.51 2.04
CA ASP A 127 -32.82 5.69 2.82
C ASP A 127 -32.98 6.95 1.98
N TYR A 128 -32.93 6.85 0.65
CA TYR A 128 -32.99 8.03 -0.21
C TYR A 128 -33.71 7.67 -1.50
N GLY A 129 -34.55 8.58 -1.97
CA GLY A 129 -35.40 8.31 -3.12
C GLY A 129 -35.20 9.22 -4.31
N TYR A 130 -34.28 10.18 -4.20
CA TYR A 130 -33.99 11.10 -5.30
C TYR A 130 -32.52 11.50 -5.22
N GLY A 131 -31.89 11.66 -6.37
CA GLY A 131 -30.49 12.02 -6.38
C GLY A 131 -29.99 12.33 -7.77
N TRP A 132 -28.75 12.83 -7.81
CA TRP A 132 -28.07 13.18 -9.05
C TRP A 132 -26.93 12.21 -9.32
N PHE A 133 -26.36 12.33 -10.51
CA PHE A 133 -25.14 11.62 -10.89
C PHE A 133 -24.39 12.50 -11.87
N HIS A 134 -23.09 12.64 -11.65
CA HIS A 134 -22.29 13.44 -12.57
C HIS A 134 -20.81 13.15 -12.31
N THR A 135 -19.97 13.68 -13.20
CA THR A 135 -18.53 13.53 -13.11
C THR A 135 -17.93 14.87 -12.71
N SER A 136 -17.06 14.85 -11.70
CA SER A 136 -16.47 16.06 -11.14
C SER A 136 -14.98 15.80 -10.92
N LEU A 137 -14.33 16.74 -10.24
CA LEU A 137 -12.89 16.69 -9.99
C LEU A 137 -12.61 16.59 -8.50
N ILE A 138 -11.46 16.02 -8.16
CA ILE A 138 -10.91 16.06 -6.82
C ILE A 138 -9.53 16.69 -6.90
N LEU A 139 -9.28 17.70 -6.08
CA LEU A 139 -7.98 18.37 -6.01
C LEU A 139 -7.50 18.22 -4.57
N GLU A 140 -6.75 17.16 -4.31
CA GLU A 140 -6.34 16.84 -2.95
C GLU A 140 -5.44 17.94 -2.40
N GLY A 141 -5.81 18.49 -1.24
CA GLY A 141 -5.11 19.65 -0.72
C GLY A 141 -3.65 19.38 -0.41
N LYS A 142 -3.37 18.26 0.26
CA LYS A 142 -2.00 17.98 0.66
C LYS A 142 -1.06 18.03 -0.54
N ASN A 143 -1.47 17.45 -1.67
CA ASN A 143 -0.66 17.50 -2.87
C ASN A 143 -0.66 18.90 -3.48
N TYR A 144 -1.85 19.49 -3.66
CA TYR A 144 -1.94 20.78 -4.32
C TYR A 144 -1.16 21.86 -3.56
N LEU A 145 -1.28 21.87 -2.23
CA LEU A 145 -0.48 22.81 -1.46
C LEU A 145 1.01 22.61 -1.71
N GLN A 146 1.46 21.35 -1.67
CA GLN A 146 2.87 21.08 -1.91
C GLN A 146 3.28 21.47 -3.33
N TRP A 147 2.37 21.31 -4.30
CA TRP A 147 2.69 21.70 -5.66
C TRP A 147 2.85 23.22 -5.78
N LEU A 148 1.85 23.97 -5.30
CA LEU A 148 1.94 25.42 -5.31
C LEU A 148 3.24 25.90 -4.68
N THR A 149 3.59 25.31 -3.53
CA THR A 149 4.81 25.71 -2.83
C THR A 149 6.04 25.57 -3.72
N GLU A 150 6.12 24.47 -4.48
CA GLU A 150 7.28 24.25 -5.34
C GLU A 150 7.33 25.27 -6.47
N ARG A 151 6.17 25.67 -7.00
CA ARG A 151 6.15 26.67 -8.06
C ARG A 151 6.55 28.05 -7.51
N LEU A 152 6.03 28.40 -6.34
CA LEU A 152 6.33 29.71 -5.77
C LEU A 152 7.79 29.82 -5.36
N THR A 153 8.32 28.78 -4.70
CA THR A 153 9.72 28.81 -4.28
C THR A 153 10.65 28.96 -5.48
N GLU A 154 10.44 28.14 -6.52
CA GLU A 154 11.27 28.26 -7.72
C GLU A 154 11.06 29.60 -8.43
N ARG A 155 10.10 30.40 -8.00
CA ARG A 155 9.92 31.75 -8.52
C ARG A 155 10.47 32.81 -7.56
N GLY A 156 11.20 32.40 -6.53
CA GLY A 156 11.79 33.34 -5.59
C GLY A 156 10.87 33.83 -4.50
N VAL A 157 9.68 33.27 -4.37
CA VAL A 157 8.76 33.66 -3.30
C VAL A 157 9.23 33.00 -2.01
N LYS A 158 9.67 33.80 -1.05
CA LYS A 158 10.22 33.30 0.21
C LYS A 158 9.11 33.08 1.22
N PHE A 159 9.25 32.01 2.00
CA PHE A 159 8.26 31.61 3.00
C PHE A 159 8.83 31.80 4.40
N PHE A 160 7.95 32.13 5.35
CA PHE A 160 8.37 32.38 6.72
C PHE A 160 7.28 31.89 7.67
N GLN A 161 7.69 31.14 8.71
CA GLN A 161 6.76 30.64 9.71
C GLN A 161 6.61 31.71 10.79
N ARG A 162 5.47 32.40 10.78
CA ARG A 162 5.32 33.61 11.59
C ARG A 162 3.84 33.91 11.78
N LYS A 163 3.45 34.18 13.02
CA LYS A 163 2.08 34.57 13.34
C LYS A 163 1.98 36.09 13.30
N VAL A 164 1.27 36.60 12.29
CA VAL A 164 1.07 38.04 12.19
C VAL A 164 0.14 38.52 13.29
N GLU A 165 0.56 39.56 13.99
CA GLU A 165 -0.26 40.15 15.05
C GLU A 165 -1.19 41.25 14.55
N SER A 166 -0.76 42.03 13.56
CA SER A 166 -1.58 43.13 13.08
C SER A 166 -1.14 43.53 11.68
N PHE A 167 -2.07 44.13 10.94
CA PHE A 167 -1.73 44.68 9.63
C PHE A 167 -0.68 45.77 9.74
N GLU A 168 -0.78 46.62 10.78
CA GLU A 168 0.19 47.68 10.95
C GLU A 168 1.58 47.11 11.20
N GLU A 169 1.66 45.97 11.89
CA GLU A 169 2.94 45.31 12.11
C GLU A 169 3.64 45.03 10.79
N VAL A 170 2.90 44.51 9.80
CA VAL A 170 3.50 44.20 8.51
C VAL A 170 3.79 45.49 7.74
N ALA A 171 2.83 46.42 7.73
CA ALA A 171 3.03 47.67 7.01
C ALA A 171 4.22 48.44 7.56
N ARG A 172 4.41 48.43 8.88
CA ARG A 172 5.51 49.18 9.48
C ARG A 172 6.87 48.65 9.03
N GLU A 173 6.97 47.35 8.74
CA GLU A 173 8.22 46.74 8.31
C GLU A 173 8.46 46.86 6.81
N GLY A 174 7.58 47.56 6.10
CA GLY A 174 7.83 47.90 4.70
C GLY A 174 6.84 47.34 3.69
N ALA A 175 5.78 46.67 4.09
CA ALA A 175 4.87 46.05 3.13
C ALA A 175 4.14 47.12 2.32
N ASP A 176 4.13 46.95 1.00
CA ASP A 176 3.38 47.85 0.12
C ASP A 176 1.94 47.38 -0.06
N VAL A 177 1.75 46.12 -0.41
CA VAL A 177 0.44 45.51 -0.50
C VAL A 177 0.41 44.30 0.42
N ILE A 178 -0.72 44.11 1.10
CA ILE A 178 -0.91 42.97 1.99
C ILE A 178 -2.09 42.16 1.47
N VAL A 179 -1.85 40.88 1.21
CA VAL A 179 -2.88 39.98 0.70
C VAL A 179 -3.38 39.15 1.87
N ASN A 180 -4.60 39.42 2.32
CA ASN A 180 -5.15 38.80 3.52
C ASN A 180 -5.87 37.52 3.12
N CYS A 181 -5.19 36.39 3.29
CA CYS A 181 -5.77 35.08 3.03
C CYS A 181 -5.72 34.24 4.30
N THR A 182 -6.12 34.84 5.41
CA THR A 182 -5.92 34.26 6.72
C THR A 182 -7.04 33.30 7.14
N GLY A 183 -8.09 33.17 6.33
CA GLY A 183 -9.08 32.13 6.55
C GLY A 183 -9.92 32.36 7.79
N VAL A 184 -10.31 31.25 8.42
CA VAL A 184 -11.24 31.30 9.56
C VAL A 184 -10.69 32.18 10.68
N TRP A 185 -9.36 32.25 10.81
CA TRP A 185 -8.73 33.08 11.82
C TRP A 185 -8.64 34.55 11.40
N ALA A 186 -9.40 34.95 10.39
CA ALA A 186 -9.29 36.32 9.88
C ALA A 186 -9.69 37.36 10.91
N GLY A 187 -10.59 37.00 11.84
CA GLY A 187 -11.10 37.97 12.79
C GLY A 187 -10.02 38.58 13.67
N ALA A 188 -8.99 37.79 14.00
CA ALA A 188 -7.96 38.26 14.93
C ALA A 188 -7.19 39.46 14.38
N LEU A 189 -7.22 39.69 13.07
CA LEU A 189 -6.53 40.84 12.49
C LEU A 189 -7.45 42.00 12.20
N GLN A 190 -8.73 41.73 11.89
CA GLN A 190 -9.73 42.78 11.77
C GLN A 190 -11.08 42.15 12.06
N ARG A 191 -11.66 42.50 13.20
CA ARG A 191 -12.91 41.89 13.65
C ARG A 191 -13.95 41.86 12.53
N ASP A 192 -14.51 40.68 12.29
CA ASP A 192 -15.58 40.50 11.31
C ASP A 192 -16.65 39.60 11.90
N PRO A 193 -17.85 40.12 12.14
CA PRO A 193 -18.91 39.28 12.74
C PRO A 193 -19.56 38.30 11.77
N LEU A 194 -19.34 38.46 10.46
CA LEU A 194 -19.91 37.55 9.48
C LEU A 194 -19.09 36.29 9.29
N LEU A 195 -17.86 36.27 9.81
CA LEU A 195 -16.96 35.13 9.66
C LEU A 195 -17.01 34.28 10.93
N GLN A 196 -17.31 33.00 10.79
CA GLN A 196 -17.42 32.10 11.93
C GLN A 196 -16.95 30.71 11.52
N PRO A 197 -16.48 29.90 12.46
CA PRO A 197 -15.91 28.59 12.12
C PRO A 197 -17.00 27.54 11.93
N GLY A 198 -17.03 26.94 10.75
CA GLY A 198 -17.86 25.78 10.50
C GLY A 198 -17.13 24.48 10.80
N ARG A 199 -16.93 24.18 12.07
CA ARG A 199 -16.12 23.01 12.47
C ARG A 199 -16.54 21.78 11.69
N GLY A 200 -15.55 20.97 11.32
CA GLY A 200 -15.80 19.72 10.64
C GLY A 200 -14.83 18.65 11.08
N GLN A 201 -15.28 17.40 10.95
CA GLN A 201 -14.47 16.25 11.33
C GLN A 201 -14.63 15.17 10.28
N ILE A 202 -13.52 14.53 9.90
CA ILE A 202 -13.53 13.44 8.94
C ILE A 202 -12.58 12.36 9.42
N MET A 203 -12.81 11.14 8.93
CA MET A 203 -11.88 10.04 9.10
C MET A 203 -11.56 9.45 7.74
N LYS A 204 -10.31 9.02 7.57
CA LYS A 204 -9.84 8.46 6.32
C LYS A 204 -9.65 6.96 6.51
N VAL A 205 -10.30 6.16 5.66
CA VAL A 205 -10.28 4.71 5.78
C VAL A 205 -9.73 4.12 4.49
N ASP A 206 -9.28 2.87 4.59
CA ASP A 206 -8.70 2.15 3.45
C ASP A 206 -9.80 1.28 2.85
N ALA A 207 -10.39 1.74 1.75
CA ALA A 207 -11.41 1.00 1.01
C ALA A 207 -11.20 1.26 -0.48
N PRO A 208 -10.14 0.69 -1.06
CA PRO A 208 -9.79 1.04 -2.44
C PRO A 208 -10.82 0.60 -3.48
N TRP A 209 -11.82 -0.20 -3.11
CA TRP A 209 -12.86 -0.56 -4.05
C TRP A 209 -13.85 0.58 -4.29
N MET A 210 -13.84 1.61 -3.44
CA MET A 210 -14.71 2.77 -3.61
C MET A 210 -14.22 3.58 -4.81
N LYS A 211 -15.02 3.63 -5.87
CA LYS A 211 -14.68 4.40 -7.05
C LYS A 211 -15.56 5.62 -7.25
N HIS A 212 -16.69 5.71 -6.55
CA HIS A 212 -17.59 6.85 -6.64
C HIS A 212 -17.60 7.62 -5.32
N PHE A 213 -18.07 8.87 -5.40
CA PHE A 213 -18.40 9.63 -4.21
C PHE A 213 -19.90 9.58 -3.97
N ILE A 214 -20.27 9.58 -2.70
CA ILE A 214 -21.67 9.49 -2.28
C ILE A 214 -21.91 10.60 -1.26
N LEU A 215 -22.57 11.66 -1.70
CA LEU A 215 -22.91 12.77 -0.81
C LEU A 215 -24.39 12.69 -0.46
N THR A 216 -24.67 12.63 0.84
CA THR A 216 -26.04 12.57 1.33
C THR A 216 -26.51 13.98 1.69
N HIS A 217 -27.82 14.19 1.60
CA HIS A 217 -28.40 15.50 1.89
C HIS A 217 -29.66 15.35 2.71
N ASP A 218 -29.77 16.16 3.76
CA ASP A 218 -30.94 16.26 4.62
C ASP A 218 -31.11 17.72 5.02
N PRO A 219 -32.16 18.39 4.53
CA PRO A 219 -32.26 19.84 4.77
C PRO A 219 -32.34 20.22 6.24
N GLU A 220 -32.98 19.40 7.06
CA GLU A 220 -33.10 19.72 8.48
C GLU A 220 -31.73 19.90 9.13
N ARG A 221 -30.87 18.89 8.98
CA ARG A 221 -29.58 18.90 9.67
C ARG A 221 -28.62 19.95 9.09
N GLY A 222 -28.86 20.43 7.88
CA GLY A 222 -27.92 21.36 7.29
C GLY A 222 -26.92 20.67 6.39
N ILE A 223 -26.41 21.43 5.42
CA ILE A 223 -25.52 20.84 4.42
C ILE A 223 -24.26 20.32 5.09
N TYR A 224 -23.77 19.19 4.59
CA TYR A 224 -22.56 18.55 5.10
C TYR A 224 -22.69 18.17 6.57
N ASN A 225 -23.91 18.12 7.09
CA ASN A 225 -24.24 17.51 8.36
C ASN A 225 -24.93 16.18 8.13
N SER A 226 -24.50 15.48 7.07
CA SER A 226 -25.08 14.22 6.64
C SER A 226 -23.98 13.40 6.00
N PRO A 227 -24.09 12.08 6.01
CA PRO A 227 -22.97 11.23 5.57
C PRO A 227 -22.54 11.53 4.14
N TYR A 228 -21.23 11.64 3.95
CA TYR A 228 -20.66 11.71 2.61
C TYR A 228 -19.39 10.85 2.56
N ILE A 229 -19.12 10.31 1.38
CA ILE A 229 -18.00 9.41 1.14
C ILE A 229 -17.27 9.87 -0.11
N ILE A 230 -15.98 10.20 0.03
CA ILE A 230 -15.21 10.77 -1.07
C ILE A 230 -13.91 10.00 -1.24
N PRO A 231 -13.83 9.09 -2.21
CA PRO A 231 -12.57 8.36 -2.44
C PRO A 231 -11.47 9.30 -2.91
N GLY A 232 -10.36 9.27 -2.18
CA GLY A 232 -9.16 10.00 -2.57
C GLY A 232 -8.21 9.13 -3.35
N THR A 233 -6.96 9.58 -3.43
CA THR A 233 -5.94 8.80 -4.12
C THR A 233 -5.52 7.58 -3.30
N GLN A 234 -5.14 7.79 -2.05
CA GLN A 234 -4.68 6.71 -1.19
C GLN A 234 -5.71 6.25 -0.17
N THR A 235 -6.78 7.01 0.04
CA THR A 235 -7.73 6.67 1.10
C THR A 235 -9.10 7.25 0.74
N VAL A 236 -10.11 6.82 1.49
CA VAL A 236 -11.48 7.30 1.34
C VAL A 236 -11.81 8.17 2.54
N THR A 237 -12.40 9.34 2.27
CA THR A 237 -12.78 10.28 3.32
C THR A 237 -14.23 10.04 3.73
N LEU A 238 -14.45 9.88 5.03
CA LEU A 238 -15.78 9.71 5.61
C LEU A 238 -16.08 10.94 6.47
N GLY A 239 -17.14 11.66 6.13
CA GLY A 239 -17.47 12.89 6.83
C GLY A 239 -18.95 13.09 7.06
N GLY A 240 -19.36 14.34 7.27
CA GLY A 240 -20.75 14.66 7.55
C GLY A 240 -20.96 15.45 8.83
N ILE A 241 -19.94 16.18 9.26
CA ILE A 241 -19.99 16.97 10.49
C ILE A 241 -19.80 18.44 10.15
N PHE A 242 -20.82 19.24 10.43
CA PHE A 242 -20.79 20.68 10.21
C PHE A 242 -21.38 21.35 11.45
N GLN A 243 -20.52 21.79 12.36
CA GLN A 243 -20.93 22.37 13.63
C GLN A 243 -20.51 23.84 13.65
N LEU A 244 -21.49 24.73 13.55
CA LEU A 244 -21.21 26.16 13.48
C LEU A 244 -20.84 26.69 14.86
N GLY A 245 -19.78 27.49 14.93
CA GLY A 245 -19.37 28.14 16.16
C GLY A 245 -18.46 27.32 17.05
N ASN A 246 -18.14 26.08 16.69
CA ASN A 246 -17.27 25.23 17.49
C ASN A 246 -15.82 25.45 17.08
N TRP A 247 -15.01 25.92 18.03
CA TRP A 247 -13.61 26.23 17.78
C TRP A 247 -12.66 25.14 18.28
N SER A 248 -13.18 23.94 18.57
CA SER A 248 -12.38 22.86 19.13
C SER A 248 -11.68 22.10 17.99
N GLU A 249 -10.38 22.33 17.83
CA GLU A 249 -9.56 21.56 16.89
C GLU A 249 -9.16 20.23 17.51
N LEU A 250 -10.17 19.41 17.80
CA LEU A 250 -9.96 18.15 18.51
C LEU A 250 -10.99 17.15 18.01
N ASN A 251 -10.53 15.94 17.70
CA ASN A 251 -11.45 14.91 17.23
C ASN A 251 -12.39 14.51 18.35
N ASN A 252 -13.69 14.53 18.05
CA ASN A 252 -14.72 14.25 19.04
C ASN A 252 -15.25 12.83 18.85
N ILE A 253 -15.25 12.05 19.94
CA ILE A 253 -15.68 10.65 19.86
C ILE A 253 -17.12 10.55 19.36
N GLN A 254 -17.97 11.52 19.72
CA GLN A 254 -19.36 11.50 19.28
C GLN A 254 -19.45 11.71 17.77
N ASP A 255 -18.70 12.68 17.25
CA ASP A 255 -18.69 12.89 15.81
C ASP A 255 -18.06 11.70 15.09
N HIS A 256 -17.08 11.05 15.72
CA HIS A 256 -16.52 9.82 15.17
C HIS A 256 -17.63 8.80 14.93
N ASN A 257 -18.44 8.54 15.95
CA ASN A 257 -19.51 7.55 15.82
C ASN A 257 -20.54 7.99 14.79
N THR A 258 -20.96 9.26 14.85
CA THR A 258 -21.90 9.76 13.86
C THR A 258 -21.40 9.53 12.45
N ILE A 259 -20.10 9.78 12.21
CA ILE A 259 -19.54 9.56 10.88
C ILE A 259 -19.56 8.09 10.52
N TRP A 260 -19.21 7.21 11.46
CA TRP A 260 -19.12 5.79 11.16
C TRP A 260 -20.49 5.18 10.93
N GLU A 261 -21.40 5.33 11.91
CA GLU A 261 -22.74 4.78 11.75
C GLU A 261 -23.40 5.30 10.48
N GLY A 262 -23.20 6.58 10.17
CA GLY A 262 -23.82 7.15 8.98
C GLY A 262 -23.27 6.55 7.70
N CYS A 263 -21.95 6.53 7.54
CA CYS A 263 -21.36 6.03 6.32
C CYS A 263 -21.50 4.52 6.18
N CYS A 264 -21.50 3.79 7.30
CA CYS A 264 -21.67 2.34 7.23
C CYS A 264 -23.08 1.98 6.80
N ARG A 265 -24.08 2.75 7.23
CA ARG A 265 -25.44 2.50 6.77
C ARG A 265 -25.62 2.91 5.31
N LEU A 266 -24.81 3.87 4.84
CA LEU A 266 -24.86 4.30 3.46
C LEU A 266 -24.13 3.32 2.54
N GLU A 267 -23.00 2.77 3.00
CA GLU A 267 -22.23 1.78 2.26
C GLU A 267 -21.89 0.64 3.20
N PRO A 268 -22.68 -0.43 3.21
CA PRO A 268 -22.42 -1.53 4.15
C PRO A 268 -21.04 -2.15 4.00
N THR A 269 -20.46 -2.12 2.79
CA THR A 269 -19.13 -2.67 2.60
C THR A 269 -18.06 -1.92 3.40
N LEU A 270 -18.41 -0.79 4.00
CA LEU A 270 -17.45 0.00 4.78
C LEU A 270 -17.17 -0.60 6.14
N LYS A 271 -18.07 -1.43 6.68
CA LYS A 271 -17.88 -1.99 8.01
C LYS A 271 -16.57 -2.76 8.14
N ASN A 272 -15.99 -3.22 7.03
CA ASN A 272 -14.75 -3.98 7.05
C ASN A 272 -13.60 -3.19 6.43
N ALA A 273 -13.54 -1.90 6.70
CA ALA A 273 -12.48 -1.02 6.22
C ALA A 273 -11.68 -0.51 7.41
N ARG A 274 -10.36 -0.55 7.29
CA ARG A 274 -9.48 -0.11 8.37
C ARG A 274 -9.43 1.41 8.40
N ILE A 275 -9.51 1.96 9.61
CA ILE A 275 -9.48 3.41 9.78
C ILE A 275 -8.03 3.88 9.80
N ILE A 276 -7.69 4.76 8.86
CA ILE A 276 -6.31 5.18 8.73
C ILE A 276 -6.00 6.44 9.54
N GLY A 277 -6.97 7.35 9.67
CA GLY A 277 -6.72 8.58 10.40
C GLY A 277 -8.01 9.34 10.62
N GLU A 278 -7.88 10.42 11.39
CA GLU A 278 -9.01 11.27 11.74
C GLU A 278 -8.49 12.69 11.94
N ARG A 279 -9.23 13.67 11.43
CA ARG A 279 -8.78 15.06 11.44
C ARG A 279 -9.97 15.98 11.63
N THR A 280 -9.70 17.14 12.25
CA THR A 280 -10.70 18.17 12.47
C THR A 280 -10.26 19.45 11.79
N GLY A 281 -11.22 20.15 11.16
CA GLY A 281 -10.93 21.39 10.48
C GLY A 281 -12.06 22.39 10.67
N PHE A 282 -11.77 23.64 10.32
CA PHE A 282 -12.70 24.75 10.49
C PHE A 282 -12.96 25.39 9.14
N ARG A 283 -14.13 25.14 8.58
CA ARG A 283 -14.55 25.85 7.37
C ARG A 283 -14.67 27.33 7.70
N PRO A 284 -14.02 28.21 6.93
CA PRO A 284 -14.20 29.67 7.16
C PRO A 284 -15.54 30.16 6.63
N VAL A 285 -16.58 29.99 7.46
CA VAL A 285 -17.94 30.29 7.03
C VAL A 285 -18.16 31.80 7.01
N ARG A 286 -18.84 32.27 5.96
CA ARG A 286 -19.19 33.67 5.82
C ARG A 286 -20.35 33.78 4.85
N PRO A 287 -21.26 34.73 5.04
CA PRO A 287 -22.42 34.85 4.15
C PRO A 287 -22.02 34.94 2.68
N GLN A 288 -20.81 35.41 2.44
CA GLN A 288 -20.24 35.49 1.10
C GLN A 288 -18.76 35.80 1.22
N ILE A 289 -17.97 35.28 0.28
CA ILE A 289 -16.53 35.53 0.31
C ILE A 289 -16.26 37.01 0.39
N ARG A 290 -15.25 37.39 1.17
CA ARG A 290 -14.80 38.77 1.24
C ARG A 290 -13.55 38.88 0.37
N LEU A 291 -13.74 39.30 -0.87
CA LEU A 291 -12.66 39.46 -1.85
C LEU A 291 -12.72 40.91 -2.33
N GLU A 292 -11.95 41.78 -1.67
CA GLU A 292 -12.06 43.21 -1.91
C GLU A 292 -10.81 43.90 -1.37
N ARG A 293 -10.58 45.12 -1.86
CA ARG A 293 -9.48 45.95 -1.40
C ARG A 293 -9.93 46.81 -0.21
N GLU A 294 -8.94 47.37 0.48
CA GLU A 294 -9.21 48.25 1.61
C GLU A 294 -7.98 49.08 1.89
N GLN A 295 -8.11 50.41 1.79
CA GLN A 295 -7.03 51.31 2.18
C GLN A 295 -6.92 51.33 3.70
N LEU A 296 -5.75 50.98 4.22
CA LEU A 296 -5.49 51.02 5.66
C LEU A 296 -4.77 52.32 5.97
N ARG A 297 -5.49 53.27 6.58
CA ARG A 297 -4.96 54.59 6.88
C ARG A 297 -4.03 54.52 8.10
N THR A 298 -3.01 53.67 7.98
CA THR A 298 -2.12 53.34 9.08
C THR A 298 -0.74 53.93 8.86
N GLY A 299 -0.19 54.56 9.91
CA GLY A 299 1.14 55.14 9.84
C GLY A 299 1.12 56.40 9.01
N PRO A 300 2.28 56.78 8.48
CA PRO A 300 2.33 58.01 7.67
C PRO A 300 1.53 57.91 6.38
N SER A 301 1.60 56.78 5.68
CA SER A 301 0.94 56.60 4.40
C SER A 301 -0.15 55.53 4.50
N ASN A 302 -0.74 55.20 3.36
CA ASN A 302 -1.78 54.18 3.27
C ASN A 302 -1.17 52.91 2.70
N THR A 303 -1.23 51.83 3.47
CA THR A 303 -0.80 50.51 3.01
C THR A 303 -1.99 49.77 2.44
N GLU A 304 -1.86 49.30 1.20
CA GLU A 304 -2.98 48.69 0.49
C GLU A 304 -3.17 47.26 0.98
N VAL A 305 -4.39 46.95 1.44
CA VAL A 305 -4.75 45.61 1.90
C VAL A 305 -5.81 45.04 0.99
N ILE A 306 -5.69 43.75 0.67
CA ILE A 306 -6.63 43.07 -0.21
C ILE A 306 -7.02 41.76 0.46
N HIS A 307 -8.31 41.62 0.77
CA HIS A 307 -8.81 40.49 1.54
C HIS A 307 -9.25 39.36 0.62
N ASN A 308 -8.98 38.12 1.05
CA ASN A 308 -9.47 36.93 0.34
C ASN A 308 -9.65 35.85 1.41
N TYR A 309 -10.88 35.74 1.93
CA TYR A 309 -11.18 34.78 2.99
C TYR A 309 -12.69 34.61 3.06
N GLY A 310 -13.10 33.60 3.82
CA GLY A 310 -14.51 33.29 3.98
C GLY A 310 -15.07 32.34 2.96
N HIS A 311 -14.27 31.40 2.47
CA HIS A 311 -14.71 30.47 1.44
C HIS A 311 -15.45 29.26 2.01
N GLY A 312 -15.60 29.17 3.32
CA GLY A 312 -16.40 28.11 3.92
C GLY A 312 -15.98 26.73 3.47
N GLY A 313 -16.95 25.93 3.05
CA GLY A 313 -16.69 24.56 2.66
C GLY A 313 -16.55 24.37 1.17
N TYR A 314 -16.11 25.41 0.45
CA TYR A 314 -15.86 25.29 -0.98
C TYR A 314 -14.59 26.02 -1.39
N GLY A 315 -13.63 26.13 -0.48
CA GLY A 315 -12.36 26.77 -0.78
C GLY A 315 -11.68 26.22 -2.02
N LEU A 316 -11.45 24.91 -2.06
CA LEU A 316 -10.82 24.30 -3.23
C LEU A 316 -11.65 24.53 -4.49
N THR A 317 -12.98 24.68 -4.34
CA THR A 317 -13.85 24.73 -5.51
C THR A 317 -13.79 26.08 -6.23
N ILE A 318 -13.55 27.17 -5.49
CA ILE A 318 -13.46 28.50 -6.09
C ILE A 318 -12.05 29.06 -6.10
N HIS A 319 -11.11 28.44 -5.40
CA HIS A 319 -9.81 29.04 -5.11
C HIS A 319 -9.18 29.73 -6.32
N TRP A 320 -9.35 29.15 -7.51
CA TRP A 320 -8.66 29.70 -8.68
C TRP A 320 -9.29 31.01 -9.12
N GLY A 321 -10.62 31.05 -9.25
CA GLY A 321 -11.29 32.30 -9.56
C GLY A 321 -10.93 33.41 -8.60
N CYS A 322 -10.92 33.10 -7.30
CA CYS A 322 -10.58 34.10 -6.30
C CYS A 322 -9.15 34.58 -6.48
N ALA A 323 -8.23 33.69 -6.85
CA ALA A 323 -6.86 34.10 -7.11
C ALA A 323 -6.80 35.02 -8.33
N LEU A 324 -7.54 34.68 -9.39
CA LEU A 324 -7.58 35.54 -10.57
C LEU A 324 -8.20 36.89 -10.24
N GLU A 325 -9.24 36.89 -9.40
CA GLU A 325 -9.89 38.14 -9.03
C GLU A 325 -8.99 39.00 -8.14
N ALA A 326 -8.32 38.38 -7.17
CA ALA A 326 -7.36 39.12 -6.36
C ALA A 326 -6.18 39.62 -7.18
N ALA A 327 -5.92 39.01 -8.33
CA ALA A 327 -4.88 39.51 -9.22
C ALA A 327 -5.34 40.78 -9.93
N LYS A 328 -6.62 40.84 -10.32
CA LYS A 328 -7.16 42.06 -10.88
C LYS A 328 -7.08 43.20 -9.88
N LEU A 329 -7.59 42.98 -8.67
CA LEU A 329 -7.51 44.01 -7.63
C LEU A 329 -6.07 44.46 -7.42
N PHE A 330 -5.11 43.55 -7.57
CA PHE A 330 -3.71 43.94 -7.50
C PHE A 330 -3.32 44.81 -8.68
N GLY A 331 -3.91 44.56 -9.84
CA GLY A 331 -3.60 45.38 -11.02
C GLY A 331 -4.07 46.81 -10.87
N ARG A 332 -5.34 46.99 -10.47
CA ARG A 332 -5.87 48.33 -10.28
C ARG A 332 -5.00 49.13 -9.30
N ILE A 333 -4.47 48.45 -8.28
CA ILE A 333 -3.54 49.11 -7.36
C ILE A 333 -2.30 49.59 -8.12
N LEU A 334 -1.85 48.79 -9.09
CA LEU A 334 -0.67 49.17 -9.85
C LEU A 334 -0.96 50.37 -10.74
N GLU A 335 -2.16 50.42 -11.34
CA GLU A 335 -2.56 51.58 -12.12
C GLU A 335 -2.64 52.83 -11.26
N GLU A 336 -3.25 52.72 -10.08
CA GLU A 336 -3.45 53.89 -9.24
C GLU A 336 -2.12 54.46 -8.76
N LYS A 337 -1.16 53.61 -8.44
CA LYS A 337 0.18 54.08 -8.15
C LYS A 337 0.89 54.60 -9.39
N LYS A 338 0.30 54.42 -10.58
CA LYS A 338 0.85 54.94 -11.83
C LYS A 338 2.18 54.26 -12.17
N LEU A 339 2.21 52.94 -12.06
CA LEU A 339 3.36 52.14 -12.48
C LEU A 339 2.88 50.88 -13.20
N SER A 340 1.89 51.04 -14.07
CA SER A 340 1.34 49.91 -14.81
C SER A 340 1.53 50.10 -16.32
N MET B 1 -25.29 -40.56 -6.19
CA MET B 1 -25.07 -39.67 -7.32
C MET B 1 -23.71 -38.97 -7.20
N ARG B 2 -22.76 -39.39 -8.02
CA ARG B 2 -21.41 -38.85 -8.01
C ARG B 2 -21.21 -37.95 -9.23
N VAL B 3 -20.89 -36.68 -8.98
CA VAL B 3 -20.63 -35.69 -10.01
C VAL B 3 -19.15 -35.34 -9.99
N VAL B 4 -18.59 -35.11 -11.17
CA VAL B 4 -17.19 -34.73 -11.32
C VAL B 4 -17.14 -33.49 -12.21
N VAL B 5 -16.58 -32.40 -11.68
CA VAL B 5 -16.49 -31.14 -12.39
C VAL B 5 -15.03 -30.93 -12.79
N ILE B 6 -14.79 -30.87 -14.10
CA ILE B 6 -13.44 -30.63 -14.63
C ILE B 6 -13.26 -29.14 -14.86
N GLY B 7 -12.32 -28.54 -14.13
CA GLY B 7 -12.04 -27.14 -14.29
C GLY B 7 -12.33 -26.33 -13.05
N ALA B 8 -11.32 -25.62 -12.56
CA ALA B 8 -11.45 -24.78 -11.37
C ALA B 8 -11.54 -23.30 -11.70
N GLY B 9 -11.77 -22.95 -12.97
CA GLY B 9 -11.99 -21.57 -13.34
C GLY B 9 -13.32 -21.07 -12.84
N VAL B 10 -13.66 -19.86 -13.27
CA VAL B 10 -14.93 -19.26 -12.86
C VAL B 10 -16.10 -20.11 -13.31
N ILE B 11 -15.99 -20.70 -14.50
CA ILE B 11 -17.10 -21.50 -15.01
C ILE B 11 -17.25 -22.80 -14.22
N GLY B 12 -16.13 -23.44 -13.90
CA GLY B 12 -16.21 -24.70 -13.18
C GLY B 12 -16.72 -24.54 -11.76
N LEU B 13 -16.13 -23.63 -11.00
CA LEU B 13 -16.51 -23.46 -9.60
C LEU B 13 -17.94 -22.94 -9.48
N SER B 14 -18.28 -21.88 -10.23
CA SER B 14 -19.64 -21.34 -10.14
C SER B 14 -20.66 -22.39 -10.53
N THR B 15 -20.39 -23.16 -11.59
CA THR B 15 -21.29 -24.23 -11.97
C THR B 15 -21.41 -25.26 -10.84
N ALA B 16 -20.27 -25.67 -10.27
CA ALA B 16 -20.30 -26.59 -9.13
C ALA B 16 -21.17 -26.04 -8.00
N LEU B 17 -21.09 -24.73 -7.73
CA LEU B 17 -21.85 -24.16 -6.63
C LEU B 17 -23.35 -24.21 -6.92
N CYS B 18 -23.76 -23.75 -8.10
CA CYS B 18 -25.17 -23.80 -8.47
C CYS B 18 -25.73 -25.21 -8.36
N ILE B 19 -25.02 -26.18 -8.95
CA ILE B 19 -25.50 -27.56 -8.93
C ILE B 19 -25.69 -28.03 -7.49
N HIS B 20 -24.80 -27.63 -6.59
CA HIS B 20 -24.95 -28.02 -5.20
C HIS B 20 -26.11 -27.29 -4.53
N GLU B 21 -26.23 -25.98 -4.77
CA GLU B 21 -27.29 -25.21 -4.12
C GLU B 21 -28.68 -25.69 -4.52
N ARG B 22 -28.82 -26.27 -5.71
CA ARG B 22 -30.13 -26.65 -6.21
C ARG B 22 -30.47 -28.11 -6.00
N TYR B 23 -29.50 -28.99 -5.77
CA TYR B 23 -29.77 -30.43 -5.73
C TYR B 23 -29.11 -31.14 -4.56
N HIS B 24 -28.56 -30.41 -3.59
CA HIS B 24 -28.01 -31.09 -2.42
C HIS B 24 -29.11 -31.60 -1.51
N SER B 25 -30.27 -30.96 -1.51
CA SER B 25 -31.37 -31.35 -0.63
C SER B 25 -32.18 -32.50 -1.21
N VAL B 26 -32.25 -32.61 -2.54
CA VAL B 26 -33.10 -33.60 -3.20
C VAL B 26 -32.31 -34.80 -3.70
N LEU B 27 -31.01 -34.87 -3.41
CA LEU B 27 -30.19 -36.04 -3.71
C LEU B 27 -29.46 -36.44 -2.45
N GLN B 28 -29.84 -37.58 -1.87
CA GLN B 28 -29.16 -38.04 -0.65
C GLN B 28 -27.67 -38.18 -0.87
N PRO B 29 -27.19 -39.07 -1.75
CA PRO B 29 -25.75 -39.12 -2.08
C PRO B 29 -25.37 -38.21 -3.26
N LEU B 30 -25.25 -36.92 -2.98
CA LEU B 30 -24.76 -35.95 -3.98
C LEU B 30 -23.31 -35.64 -3.64
N ASP B 31 -22.40 -36.44 -4.19
CA ASP B 31 -20.97 -36.24 -3.99
C ASP B 31 -20.41 -35.52 -5.20
N ILE B 32 -19.76 -34.38 -4.96
CA ILE B 32 -19.22 -33.54 -6.03
C ILE B 32 -17.72 -33.39 -5.83
N LYS B 33 -16.96 -33.72 -6.86
CA LYS B 33 -15.51 -33.49 -6.88
C LYS B 33 -15.17 -32.53 -8.00
N VAL B 34 -14.07 -31.81 -7.84
CA VAL B 34 -13.57 -30.90 -8.84
C VAL B 34 -12.19 -31.38 -9.27
N TYR B 35 -12.05 -31.75 -10.54
CA TYR B 35 -10.77 -32.12 -11.12
C TYR B 35 -10.28 -30.94 -11.95
N ALA B 36 -9.15 -30.37 -11.57
CA ALA B 36 -8.60 -29.22 -12.29
C ALA B 36 -7.09 -29.36 -12.40
N ASP B 37 -6.56 -28.89 -13.53
CA ASP B 37 -5.12 -28.90 -13.74
C ASP B 37 -4.45 -27.73 -13.04
N ARG B 38 -5.05 -26.54 -13.11
CA ARG B 38 -4.55 -25.36 -12.42
C ARG B 38 -5.66 -24.76 -11.58
N PHE B 39 -5.31 -24.34 -10.37
CA PHE B 39 -6.22 -23.61 -9.50
C PHE B 39 -5.75 -22.17 -9.38
N THR B 40 -6.65 -21.30 -8.94
CA THR B 40 -6.29 -19.92 -8.69
C THR B 40 -5.01 -19.86 -7.87
N PRO B 41 -4.09 -18.94 -8.17
CA PRO B 41 -4.24 -17.90 -9.19
C PRO B 41 -3.55 -18.23 -10.51
N LEU B 42 -3.68 -19.48 -10.96
CA LEU B 42 -3.00 -19.94 -12.17
C LEU B 42 -3.96 -20.21 -13.32
N THR B 43 -5.17 -19.67 -13.25
CA THR B 43 -6.17 -19.87 -14.29
C THR B 43 -6.33 -18.61 -15.13
N THR B 44 -6.92 -18.79 -16.31
CA THR B 44 -7.22 -17.64 -17.16
C THR B 44 -8.11 -16.63 -16.45
N THR B 45 -8.99 -17.12 -15.56
CA THR B 45 -9.90 -16.22 -14.84
C THR B 45 -9.14 -15.21 -14.00
N ASP B 46 -7.99 -15.60 -13.44
CA ASP B 46 -7.24 -14.69 -12.59
C ASP B 46 -6.63 -13.54 -13.37
N VAL B 47 -6.31 -13.74 -14.65
CA VAL B 47 -5.68 -12.69 -15.44
C VAL B 47 -6.68 -11.61 -15.81
N ALA B 48 -7.96 -11.96 -15.93
CA ALA B 48 -8.96 -11.02 -16.40
C ALA B 48 -9.12 -9.86 -15.41
N ALA B 49 -9.29 -8.65 -15.96
CA ALA B 49 -9.56 -7.50 -15.11
C ALA B 49 -10.85 -7.68 -14.32
N GLY B 50 -11.84 -8.32 -14.92
CA GLY B 50 -13.09 -8.62 -14.25
C GLY B 50 -14.22 -7.63 -14.50
N LEU B 51 -14.11 -6.78 -15.51
CA LEU B 51 -15.18 -5.85 -15.83
C LEU B 51 -16.36 -6.58 -16.47
N TRP B 52 -17.56 -6.13 -16.15
CA TRP B 52 -18.77 -6.66 -16.76
C TRP B 52 -19.08 -5.84 -18.02
N GLN B 53 -18.82 -6.43 -19.18
CA GLN B 53 -19.29 -5.87 -20.44
C GLN B 53 -19.26 -6.96 -21.50
N PRO B 54 -20.39 -7.26 -22.14
CA PRO B 54 -20.39 -8.23 -23.23
C PRO B 54 -19.82 -7.60 -24.49
N TYR B 55 -19.58 -8.45 -25.49
CA TYR B 55 -19.16 -7.95 -26.79
C TYR B 55 -20.17 -6.91 -27.29
N LEU B 56 -19.68 -5.96 -28.07
CA LEU B 56 -20.54 -4.87 -28.52
C LEU B 56 -21.58 -5.34 -29.52
N SER B 57 -21.30 -6.40 -30.25
CA SER B 57 -22.25 -6.95 -31.20
C SER B 57 -23.07 -8.06 -30.55
N ASP B 58 -24.28 -8.26 -31.06
CA ASP B 58 -25.17 -9.25 -30.49
C ASP B 58 -24.64 -10.66 -30.76
N PRO B 59 -24.79 -11.58 -29.82
CA PRO B 59 -24.21 -12.92 -29.99
C PRO B 59 -25.03 -13.79 -30.92
N ASN B 60 -24.34 -14.77 -31.52
CA ASN B 60 -25.04 -15.69 -32.41
C ASN B 60 -26.08 -16.52 -31.68
N ASN B 61 -25.94 -16.66 -30.36
CA ASN B 61 -26.97 -17.29 -29.53
C ASN B 61 -27.58 -16.22 -28.64
N PRO B 62 -28.84 -15.84 -28.83
CA PRO B 62 -29.43 -14.79 -27.99
C PRO B 62 -29.55 -15.19 -26.53
N GLN B 63 -29.47 -16.48 -26.20
CA GLN B 63 -29.52 -16.89 -24.80
C GLN B 63 -28.40 -16.26 -23.99
N GLU B 64 -27.24 -16.03 -24.62
CA GLU B 64 -26.12 -15.40 -23.91
C GLU B 64 -26.51 -14.03 -23.37
N ALA B 65 -27.25 -13.25 -24.16
CA ALA B 65 -27.71 -11.95 -23.68
C ALA B 65 -28.49 -12.09 -22.39
N ASP B 66 -29.37 -13.08 -22.31
CA ASP B 66 -30.07 -13.35 -21.06
C ASP B 66 -29.10 -13.79 -19.96
N TRP B 67 -28.10 -14.59 -20.33
CA TRP B 67 -27.14 -15.06 -19.33
C TRP B 67 -26.33 -13.90 -18.76
N SER B 68 -25.89 -12.98 -19.62
CA SER B 68 -25.21 -11.78 -19.14
C SER B 68 -26.10 -11.00 -18.19
N GLN B 69 -27.34 -10.72 -18.62
CA GLN B 69 -28.23 -9.92 -17.80
C GLN B 69 -28.54 -10.61 -16.48
N GLN B 70 -28.66 -11.93 -16.48
CA GLN B 70 -28.88 -12.66 -15.23
C GLN B 70 -27.69 -12.49 -14.30
N THR B 71 -26.46 -12.53 -14.83
CA THR B 71 -25.27 -12.39 -14.01
C THR B 71 -25.18 -10.98 -13.42
N PHE B 72 -25.41 -9.95 -14.25
CA PHE B 72 -25.29 -8.58 -13.78
C PHE B 72 -26.28 -8.30 -12.64
N ASP B 73 -27.54 -8.72 -12.82
CA ASP B 73 -28.52 -8.52 -11.75
C ASP B 73 -28.12 -9.28 -10.49
N TYR B 74 -27.60 -10.49 -10.64
CA TYR B 74 -27.13 -11.26 -9.50
C TYR B 74 -26.05 -10.50 -8.75
N LEU B 75 -24.99 -10.10 -9.45
CA LEU B 75 -23.88 -9.42 -8.80
C LEU B 75 -24.30 -8.07 -8.24
N LEU B 76 -25.12 -7.32 -8.98
CA LEU B 76 -25.55 -6.01 -8.51
C LEU B 76 -26.29 -6.11 -7.18
N SER B 77 -27.14 -7.13 -7.03
CA SER B 77 -27.95 -7.29 -5.82
C SER B 77 -27.08 -7.56 -4.60
N HIS B 78 -25.77 -7.70 -4.81
CA HIS B 78 -24.81 -7.89 -3.72
C HIS B 78 -23.69 -6.87 -3.74
N VAL B 79 -23.79 -5.83 -4.57
CA VAL B 79 -22.74 -4.81 -4.62
C VAL B 79 -22.56 -4.16 -3.27
N HIS B 80 -23.61 -4.12 -2.45
CA HIS B 80 -23.57 -3.48 -1.14
C HIS B 80 -23.64 -4.47 0.01
N SER B 81 -23.59 -5.77 -0.27
CA SER B 81 -23.59 -6.75 0.81
C SER B 81 -22.36 -6.54 1.69
N PRO B 82 -22.38 -7.07 2.91
CA PRO B 82 -21.20 -6.93 3.78
C PRO B 82 -20.00 -7.67 3.26
N ASN B 83 -20.19 -8.82 2.60
CA ASN B 83 -19.10 -9.62 2.07
C ASN B 83 -18.78 -9.30 0.61
N ALA B 84 -19.18 -8.12 0.13
CA ALA B 84 -18.82 -7.74 -1.23
C ALA B 84 -17.31 -7.60 -1.38
N GLU B 85 -16.62 -7.18 -0.33
CA GLU B 85 -15.16 -7.09 -0.37
C GLU B 85 -14.54 -8.45 -0.63
N ASN B 86 -15.12 -9.51 -0.08
CA ASN B 86 -14.56 -10.85 -0.25
C ASN B 86 -14.73 -11.35 -1.67
N LEU B 87 -15.85 -11.03 -2.32
CA LEU B 87 -16.04 -11.44 -3.70
C LEU B 87 -15.16 -10.66 -4.68
N GLY B 88 -14.51 -9.60 -4.23
CA GLY B 88 -13.83 -8.71 -5.17
C GLY B 88 -14.79 -7.98 -6.07
N LEU B 89 -15.95 -7.58 -5.56
CA LEU B 89 -17.01 -6.96 -6.32
C LEU B 89 -17.20 -5.51 -5.89
N PHE B 90 -17.49 -4.65 -6.87
CA PHE B 90 -17.74 -3.24 -6.58
C PHE B 90 -18.24 -2.57 -7.86
N LEU B 91 -18.79 -1.37 -7.68
CA LEU B 91 -19.30 -0.57 -8.79
C LEU B 91 -18.19 0.27 -9.40
N ILE B 92 -18.28 0.48 -10.72
CA ILE B 92 -17.32 1.32 -11.42
C ILE B 92 -18.00 1.86 -12.68
N SER B 93 -17.67 3.10 -13.03
CA SER B 93 -18.17 3.74 -14.23
C SER B 93 -16.99 4.12 -15.12
N GLY B 94 -17.25 4.30 -16.40
CA GLY B 94 -16.17 4.58 -17.33
C GLY B 94 -16.70 4.84 -18.72
N TYR B 95 -15.76 5.04 -19.63
CA TYR B 95 -16.05 5.47 -21.00
C TYR B 95 -15.78 4.33 -21.98
N ASN B 96 -16.56 4.32 -23.06
CA ASN B 96 -16.29 3.51 -24.24
C ASN B 96 -16.08 4.47 -25.40
N LEU B 97 -14.89 4.43 -26.01
CA LEU B 97 -14.48 5.41 -27.00
C LEU B 97 -14.41 4.77 -28.39
N PHE B 98 -14.88 5.52 -29.39
CA PHE B 98 -14.87 5.10 -30.78
C PHE B 98 -14.33 6.23 -31.65
N HIS B 99 -14.07 5.92 -32.91
CA HIS B 99 -13.71 6.94 -33.89
C HIS B 99 -14.93 7.49 -34.61
N GLU B 100 -15.91 6.63 -34.89
CA GLU B 100 -17.15 7.04 -35.55
C GLU B 100 -18.34 6.51 -34.75
N ALA B 101 -19.46 7.23 -34.84
CA ALA B 101 -20.67 6.83 -34.13
C ALA B 101 -21.11 5.43 -34.57
N ILE B 102 -21.57 4.64 -33.61
CA ILE B 102 -22.00 3.27 -33.88
C ILE B 102 -23.26 2.97 -33.05
N PRO B 103 -23.91 1.83 -33.26
CA PRO B 103 -25.21 1.59 -32.63
C PRO B 103 -25.09 1.14 -31.19
N ASP B 104 -26.01 1.64 -30.36
CA ASP B 104 -26.07 1.30 -28.94
C ASP B 104 -26.01 -0.21 -28.73
N PRO B 105 -25.40 -0.68 -27.65
CA PRO B 105 -25.34 -2.12 -27.40
C PRO B 105 -26.72 -2.66 -27.04
N SER B 106 -26.82 -3.99 -27.07
CA SER B 106 -28.03 -4.65 -26.61
C SER B 106 -28.17 -4.58 -25.09
N TRP B 107 -27.07 -4.42 -24.37
CA TRP B 107 -27.08 -4.33 -22.91
C TRP B 107 -27.14 -2.89 -22.42
N LYS B 108 -27.60 -1.95 -23.24
CA LYS B 108 -27.70 -0.55 -22.81
C LYS B 108 -28.55 -0.43 -21.55
N ASP B 109 -29.61 -1.23 -21.45
CA ASP B 109 -30.54 -1.15 -20.32
C ASP B 109 -30.19 -2.11 -19.20
N THR B 110 -29.15 -2.93 -19.36
CA THR B 110 -28.70 -3.79 -18.27
C THR B 110 -27.79 -3.03 -17.32
N VAL B 111 -26.81 -2.32 -17.87
CA VAL B 111 -25.94 -1.46 -17.08
C VAL B 111 -26.75 -0.25 -16.61
N LEU B 112 -26.19 0.52 -15.68
CA LEU B 112 -26.89 1.63 -15.06
C LEU B 112 -26.55 2.94 -15.74
N GLY B 113 -27.59 3.75 -15.98
CA GLY B 113 -27.37 5.09 -16.49
C GLY B 113 -26.60 5.18 -17.80
N PHE B 114 -26.81 4.23 -18.71
CA PHE B 114 -26.18 4.31 -20.01
C PHE B 114 -26.53 5.63 -20.70
N ARG B 115 -25.58 6.18 -21.42
CA ARG B 115 -25.80 7.43 -22.14
C ARG B 115 -24.65 7.67 -23.11
N LYS B 116 -24.90 8.55 -24.07
CA LYS B 116 -23.84 9.00 -24.96
C LYS B 116 -22.88 9.93 -24.23
N LEU B 117 -21.72 10.15 -24.84
CA LEU B 117 -20.72 11.03 -24.28
C LEU B 117 -21.00 12.48 -24.64
N THR B 118 -20.90 13.36 -23.64
CA THR B 118 -21.03 14.78 -23.89
C THR B 118 -19.86 15.29 -24.73
N PRO B 119 -20.09 16.31 -25.55
CA PRO B 119 -18.97 16.91 -26.30
C PRO B 119 -17.80 17.31 -25.42
N ARG B 120 -18.08 17.90 -24.24
CA ARG B 120 -17.00 18.25 -23.33
C ARG B 120 -16.21 17.01 -22.90
N GLU B 121 -16.91 15.88 -22.73
CA GLU B 121 -16.23 14.65 -22.35
C GLU B 121 -15.36 14.13 -23.48
N LEU B 122 -15.83 14.21 -24.72
CA LEU B 122 -15.05 13.77 -25.86
C LEU B 122 -13.83 14.64 -26.11
N ASP B 123 -13.75 15.83 -25.49
CA ASP B 123 -12.59 16.69 -25.67
C ASP B 123 -11.38 16.21 -24.86
N MET B 124 -11.60 15.40 -23.82
CA MET B 124 -10.49 14.81 -23.09
C MET B 124 -9.82 13.67 -23.85
N PHE B 125 -10.42 13.23 -24.95
CA PHE B 125 -9.89 12.13 -25.75
C PHE B 125 -9.82 12.60 -27.20
N PRO B 126 -8.77 13.34 -27.56
CA PRO B 126 -8.70 13.91 -28.91
C PRO B 126 -8.77 12.87 -30.02
N ASP B 127 -8.19 11.69 -29.81
CA ASP B 127 -8.17 10.68 -30.87
C ASP B 127 -9.53 10.04 -31.11
N TYR B 128 -10.57 10.40 -30.37
CA TYR B 128 -11.87 9.76 -30.48
C TYR B 128 -12.97 10.81 -30.46
N GLY B 129 -14.04 10.53 -31.22
CA GLY B 129 -15.09 11.50 -31.40
C GLY B 129 -16.48 11.00 -31.06
N TYR B 130 -16.58 9.79 -30.51
CA TYR B 130 -17.87 9.23 -30.14
C TYR B 130 -17.65 8.13 -29.11
N GLY B 131 -18.65 7.93 -28.26
CA GLY B 131 -18.57 6.87 -27.27
C GLY B 131 -19.69 7.00 -26.26
N TRP B 132 -19.73 6.03 -25.36
CA TRP B 132 -20.74 5.96 -24.32
C TRP B 132 -20.12 6.20 -22.95
N PHE B 133 -21.00 6.26 -21.94
CA PHE B 133 -20.63 6.31 -20.54
C PHE B 133 -21.71 5.56 -19.76
N HIS B 134 -21.28 4.76 -18.79
CA HIS B 134 -22.24 4.00 -18.00
C HIS B 134 -21.56 3.46 -16.76
N THR B 135 -22.38 3.00 -15.82
CA THR B 135 -21.93 2.39 -14.59
C THR B 135 -22.09 0.87 -14.70
N SER B 136 -21.06 0.14 -14.29
CA SER B 136 -21.07 -1.31 -14.37
C SER B 136 -20.39 -1.86 -13.12
N LEU B 137 -20.11 -3.16 -13.14
CA LEU B 137 -19.51 -3.86 -12.01
C LEU B 137 -18.20 -4.51 -12.42
N ILE B 138 -17.30 -4.63 -11.46
CA ILE B 138 -16.05 -5.37 -11.62
C ILE B 138 -16.05 -6.51 -10.62
N LEU B 139 -15.82 -7.73 -11.11
CA LEU B 139 -15.74 -8.92 -10.27
C LEU B 139 -14.35 -9.50 -10.49
N GLU B 140 -13.40 -9.11 -9.63
CA GLU B 140 -12.02 -9.54 -9.77
C GLU B 140 -11.92 -11.04 -9.52
N GLY B 141 -11.39 -11.77 -10.51
CA GLY B 141 -11.40 -13.22 -10.42
C GLY B 141 -10.60 -13.76 -9.25
N LYS B 142 -9.43 -13.17 -9.00
CA LYS B 142 -8.57 -13.65 -7.91
C LYS B 142 -9.35 -13.78 -6.61
N ASN B 143 -10.15 -12.76 -6.28
CA ASN B 143 -10.97 -12.82 -5.08
C ASN B 143 -12.19 -13.74 -5.28
N TYR B 144 -12.85 -13.61 -6.42
CA TYR B 144 -14.08 -14.38 -6.64
C TYR B 144 -13.81 -15.88 -6.64
N LEU B 145 -12.71 -16.30 -7.27
CA LEU B 145 -12.38 -17.73 -7.28
C LEU B 145 -12.10 -18.23 -5.87
N GLN B 146 -11.34 -17.47 -5.09
CA GLN B 146 -11.06 -17.88 -3.71
C GLN B 146 -12.32 -17.91 -2.87
N TRP B 147 -13.28 -17.02 -3.16
CA TRP B 147 -14.54 -17.04 -2.43
C TRP B 147 -15.36 -18.27 -2.80
N LEU B 148 -15.50 -18.54 -4.10
CA LEU B 148 -16.18 -19.76 -4.53
C LEU B 148 -15.56 -20.99 -3.88
N THR B 149 -14.23 -21.02 -3.79
CA THR B 149 -13.56 -22.18 -3.22
C THR B 149 -13.95 -22.40 -1.76
N GLU B 150 -14.04 -21.31 -0.99
CA GLU B 150 -14.41 -21.45 0.41
C GLU B 150 -15.83 -21.96 0.57
N ARG B 151 -16.73 -21.59 -0.34
CA ARG B 151 -18.11 -22.06 -0.27
C ARG B 151 -18.20 -23.54 -0.64
N LEU B 152 -17.56 -23.93 -1.73
CA LEU B 152 -17.56 -25.34 -2.13
C LEU B 152 -16.95 -26.22 -1.06
N THR B 153 -15.84 -25.76 -0.44
CA THR B 153 -15.20 -26.57 0.59
C THR B 153 -16.10 -26.73 1.80
N GLU B 154 -16.76 -25.64 2.23
CA GLU B 154 -17.71 -25.76 3.33
C GLU B 154 -19.00 -26.46 2.94
N ARG B 155 -19.15 -26.84 1.68
CA ARG B 155 -20.27 -27.66 1.24
C ARG B 155 -19.87 -29.11 1.00
N GLY B 156 -18.66 -29.50 1.38
CA GLY B 156 -18.19 -30.85 1.21
C GLY B 156 -17.59 -31.17 -0.14
N VAL B 157 -17.52 -30.21 -1.05
CA VAL B 157 -16.94 -30.45 -2.36
C VAL B 157 -15.42 -30.54 -2.22
N LYS B 158 -14.86 -31.70 -2.55
CA LYS B 158 -13.42 -31.91 -2.48
C LYS B 158 -12.75 -31.51 -3.78
N PHE B 159 -11.50 -31.08 -3.67
CA PHE B 159 -10.71 -30.61 -4.81
C PHE B 159 -9.52 -31.54 -5.02
N PHE B 160 -9.12 -31.70 -6.27
CA PHE B 160 -8.00 -32.57 -6.63
C PHE B 160 -7.19 -31.93 -7.74
N GLN B 161 -5.90 -31.76 -7.51
CA GLN B 161 -5.00 -31.22 -8.54
C GLN B 161 -4.62 -32.35 -9.47
N ARG B 162 -5.15 -32.33 -10.70
CA ARG B 162 -5.08 -33.49 -11.58
C ARG B 162 -5.48 -33.12 -13.00
N LYS B 163 -4.69 -33.55 -13.97
CA LYS B 163 -5.00 -33.31 -15.38
C LYS B 163 -5.77 -34.49 -15.93
N VAL B 164 -7.03 -34.25 -16.32
CA VAL B 164 -7.86 -35.31 -16.88
C VAL B 164 -7.41 -35.62 -18.29
N GLU B 165 -7.18 -36.90 -18.58
CA GLU B 165 -6.70 -37.33 -19.90
C GLU B 165 -7.85 -37.58 -20.88
N SER B 166 -9.00 -38.03 -20.40
CA SER B 166 -10.14 -38.27 -21.27
C SER B 166 -11.40 -38.39 -20.41
N PHE B 167 -12.55 -38.21 -21.06
CA PHE B 167 -13.82 -38.34 -20.34
C PHE B 167 -14.01 -39.77 -19.84
N GLU B 168 -13.63 -40.76 -20.65
CA GLU B 168 -13.76 -42.15 -20.22
C GLU B 168 -12.96 -42.41 -18.95
N GLU B 169 -11.78 -41.78 -18.82
CA GLU B 169 -10.96 -41.94 -17.62
C GLU B 169 -11.77 -41.64 -16.36
N VAL B 170 -12.54 -40.55 -16.38
CA VAL B 170 -13.35 -40.19 -15.22
C VAL B 170 -14.53 -41.15 -15.11
N ALA B 171 -15.23 -41.38 -16.23
CA ALA B 171 -16.37 -42.29 -16.21
C ALA B 171 -15.98 -43.65 -15.65
N ARG B 172 -14.85 -44.20 -16.09
CA ARG B 172 -14.43 -45.52 -15.64
C ARG B 172 -14.30 -45.59 -14.12
N GLU B 173 -13.90 -44.49 -13.48
CA GLU B 173 -13.73 -44.49 -12.03
C GLU B 173 -15.03 -44.20 -11.28
N GLY B 174 -16.16 -44.13 -11.97
CA GLY B 174 -17.46 -44.13 -11.33
C GLY B 174 -18.30 -42.89 -11.50
N ALA B 175 -17.79 -41.87 -12.16
CA ALA B 175 -18.54 -40.62 -12.32
C ALA B 175 -19.86 -40.86 -13.03
N ASP B 176 -20.94 -40.29 -12.48
CA ASP B 176 -22.27 -40.38 -13.08
C ASP B 176 -22.52 -39.24 -14.05
N VAL B 177 -22.09 -38.02 -13.71
CA VAL B 177 -22.19 -36.87 -14.60
C VAL B 177 -20.84 -36.18 -14.63
N ILE B 178 -20.40 -35.79 -15.82
CA ILE B 178 -19.13 -35.10 -16.03
C ILE B 178 -19.44 -33.70 -16.54
N VAL B 179 -19.13 -32.69 -15.75
CA VAL B 179 -19.32 -31.30 -16.13
C VAL B 179 -18.01 -30.80 -16.71
N ASN B 180 -18.00 -30.52 -18.01
CA ASN B 180 -16.79 -30.17 -18.75
C ASN B 180 -16.68 -28.65 -18.80
N CYS B 181 -15.92 -28.09 -17.87
CA CYS B 181 -15.68 -26.65 -17.77
C CYS B 181 -14.21 -26.33 -18.01
N THR B 182 -13.64 -26.92 -19.05
CA THR B 182 -12.20 -26.99 -19.23
C THR B 182 -11.65 -25.85 -20.08
N GLY B 183 -12.49 -24.89 -20.48
CA GLY B 183 -11.99 -23.68 -21.10
C GLY B 183 -11.28 -23.92 -22.43
N VAL B 184 -10.29 -23.08 -22.69
CA VAL B 184 -9.60 -23.10 -23.98
C VAL B 184 -8.93 -24.43 -24.26
N TRP B 185 -8.61 -25.20 -23.21
CA TRP B 185 -7.99 -26.51 -23.38
C TRP B 185 -9.02 -27.62 -23.55
N ALA B 186 -10.25 -27.29 -23.97
CA ALA B 186 -11.29 -28.30 -24.08
C ALA B 186 -11.03 -29.26 -25.24
N GLY B 187 -10.40 -28.78 -26.31
CA GLY B 187 -10.17 -29.64 -27.46
C GLY B 187 -9.39 -30.89 -27.13
N ALA B 188 -8.56 -30.84 -26.08
CA ALA B 188 -7.76 -32.00 -25.72
C ALA B 188 -8.61 -33.17 -25.20
N LEU B 189 -9.81 -32.89 -24.70
CA LEU B 189 -10.70 -33.95 -24.24
C LEU B 189 -11.66 -34.42 -25.32
N GLN B 190 -12.13 -33.49 -26.15
CA GLN B 190 -12.98 -33.82 -27.29
C GLN B 190 -12.75 -32.76 -28.34
N ARG B 191 -12.11 -33.13 -29.45
CA ARG B 191 -11.69 -32.18 -30.46
C ARG B 191 -12.83 -31.24 -30.83
N ASP B 192 -12.55 -29.95 -30.83
CA ASP B 192 -13.52 -28.94 -31.24
C ASP B 192 -12.83 -27.93 -32.16
N PRO B 193 -13.13 -27.94 -33.45
CA PRO B 193 -12.49 -27.00 -34.37
C PRO B 193 -12.97 -25.56 -34.20
N LEU B 194 -14.07 -25.33 -33.50
CA LEU B 194 -14.59 -23.99 -33.31
C LEU B 194 -13.93 -23.28 -32.14
N LEU B 195 -13.27 -24.01 -31.25
CA LEU B 195 -12.61 -23.43 -30.09
C LEU B 195 -11.15 -23.11 -30.42
N GLN B 196 -10.76 -21.86 -30.22
CA GLN B 196 -9.40 -21.42 -30.45
C GLN B 196 -9.00 -20.40 -29.37
N PRO B 197 -7.71 -20.29 -29.09
CA PRO B 197 -7.26 -19.40 -28.00
C PRO B 197 -7.22 -17.95 -28.45
N GLY B 198 -7.94 -17.09 -27.75
CA GLY B 198 -7.83 -15.65 -27.92
C GLY B 198 -6.79 -15.05 -27.02
N ARG B 199 -5.51 -15.28 -27.32
CA ARG B 199 -4.44 -14.86 -26.42
C ARG B 199 -4.54 -13.37 -26.11
N GLY B 200 -4.34 -13.03 -24.83
CA GLY B 200 -4.31 -11.65 -24.40
C GLY B 200 -3.18 -11.43 -23.41
N GLN B 201 -2.76 -10.18 -23.32
CA GLN B 201 -1.70 -9.79 -22.40
C GLN B 201 -2.08 -8.48 -21.72
N ILE B 202 -1.79 -8.39 -20.43
CA ILE B 202 -2.09 -7.20 -19.63
C ILE B 202 -0.94 -6.95 -18.66
N MET B 203 -0.81 -5.69 -18.27
CA MET B 203 0.06 -5.30 -17.17
C MET B 203 -0.76 -4.56 -16.13
N LYS B 204 -0.33 -4.66 -14.87
CA LYS B 204 -1.02 -4.02 -13.76
C LYS B 204 -0.11 -2.94 -13.19
N VAL B 205 -0.62 -1.71 -13.14
CA VAL B 205 0.17 -0.56 -12.70
C VAL B 205 -0.49 0.04 -11.47
N ASP B 206 0.31 0.82 -10.74
CA ASP B 206 -0.16 1.50 -9.53
C ASP B 206 -0.54 2.94 -9.92
N ALA B 207 -1.82 3.16 -10.16
CA ALA B 207 -2.35 4.47 -10.51
C ALA B 207 -3.67 4.67 -9.78
N PRO B 208 -3.61 4.91 -8.46
CA PRO B 208 -4.85 4.94 -7.67
C PRO B 208 -5.73 6.14 -7.92
N TRP B 209 -5.26 7.15 -8.65
CA TRP B 209 -6.12 8.26 -9.05
C TRP B 209 -7.08 7.87 -10.16
N MET B 210 -6.86 6.74 -10.82
CA MET B 210 -7.75 6.26 -11.86
C MET B 210 -9.04 5.74 -11.23
N LYS B 211 -10.15 6.45 -11.44
CA LYS B 211 -11.43 6.06 -10.89
C LYS B 211 -12.42 5.58 -11.95
N HIS B 212 -12.10 5.72 -13.24
CA HIS B 212 -12.96 5.28 -14.32
C HIS B 212 -12.23 4.28 -15.21
N PHE B 213 -13.00 3.43 -15.87
CA PHE B 213 -12.44 2.60 -16.92
C PHE B 213 -12.59 3.30 -18.26
N ILE B 214 -11.65 3.03 -19.16
CA ILE B 214 -11.62 3.61 -20.49
C ILE B 214 -11.37 2.47 -21.47
N LEU B 215 -12.43 2.02 -22.15
CA LEU B 215 -12.30 1.00 -23.19
C LEU B 215 -12.36 1.67 -24.55
N THR B 216 -11.29 1.53 -25.32
CA THR B 216 -11.22 2.08 -26.67
C THR B 216 -11.49 0.97 -27.68
N HIS B 217 -12.05 1.33 -28.82
CA HIS B 217 -12.42 0.35 -29.83
C HIS B 217 -11.98 0.82 -31.22
N ASP B 218 -11.51 -0.14 -32.02
CA ASP B 218 -11.12 0.06 -33.40
C ASP B 218 -11.61 -1.12 -34.23
N PRO B 219 -12.68 -0.97 -35.01
CA PRO B 219 -13.26 -2.13 -35.71
C PRO B 219 -12.26 -2.84 -36.61
N GLU B 220 -11.27 -2.13 -37.15
CA GLU B 220 -10.27 -2.79 -37.99
C GLU B 220 -9.43 -3.76 -37.19
N ARG B 221 -8.88 -3.32 -36.06
CA ARG B 221 -7.96 -4.14 -35.28
C ARG B 221 -8.66 -5.31 -34.60
N GLY B 222 -9.97 -5.23 -34.41
CA GLY B 222 -10.70 -6.24 -33.67
C GLY B 222 -10.99 -5.81 -32.24
N ILE B 223 -11.92 -6.52 -31.61
CA ILE B 223 -12.33 -6.17 -30.26
C ILE B 223 -11.19 -6.45 -29.29
N TYR B 224 -11.05 -5.57 -28.29
CA TYR B 224 -10.04 -5.70 -27.25
C TYR B 224 -8.64 -5.81 -27.84
N ASN B 225 -8.50 -5.43 -29.10
CA ASN B 225 -7.20 -5.21 -29.74
C ASN B 225 -6.90 -3.72 -29.82
N SER B 226 -7.37 -3.00 -28.81
CA SER B 226 -7.27 -1.55 -28.70
C SER B 226 -7.06 -1.23 -27.23
N PRO B 227 -6.44 -0.08 -26.92
CA PRO B 227 -6.09 0.21 -25.53
C PRO B 227 -7.32 0.22 -24.62
N TYR B 228 -7.15 -0.27 -23.41
CA TYR B 228 -8.20 -0.14 -22.40
C TYR B 228 -7.56 -0.05 -21.02
N ILE B 229 -8.28 0.59 -20.10
CA ILE B 229 -7.80 0.84 -18.74
C ILE B 229 -8.94 0.50 -17.79
N ILE B 230 -8.74 -0.50 -16.95
CA ILE B 230 -9.77 -0.99 -16.04
C ILE B 230 -9.23 -0.92 -14.62
N PRO B 231 -9.56 0.12 -13.87
CA PRO B 231 -9.11 0.21 -12.47
C PRO B 231 -9.66 -0.94 -11.64
N GLY B 232 -8.75 -1.68 -11.00
CA GLY B 232 -9.12 -2.73 -10.07
C GLY B 232 -9.12 -2.21 -8.64
N THR B 233 -9.13 -3.17 -7.71
CA THR B 233 -9.10 -2.81 -6.30
C THR B 233 -7.74 -2.25 -5.89
N GLN B 234 -6.69 -3.04 -6.07
CA GLN B 234 -5.35 -2.63 -5.66
C GLN B 234 -4.50 -2.08 -6.81
N THR B 235 -4.87 -2.34 -8.05
CA THR B 235 -4.05 -1.94 -9.19
C THR B 235 -4.94 -1.60 -10.37
N VAL B 236 -4.34 -0.93 -11.35
CA VAL B 236 -5.02 -0.56 -12.59
C VAL B 236 -4.54 -1.47 -13.71
N THR B 237 -5.49 -2.06 -14.43
CA THR B 237 -5.16 -2.98 -15.52
C THR B 237 -5.06 -2.23 -16.84
N LEU B 238 -3.95 -2.45 -17.54
CA LEU B 238 -3.73 -1.89 -18.87
C LEU B 238 -3.68 -3.03 -19.87
N GLY B 239 -4.47 -2.93 -20.94
CA GLY B 239 -4.56 -4.01 -21.90
C GLY B 239 -4.79 -3.58 -23.32
N GLY B 240 -5.28 -4.50 -24.16
CA GLY B 240 -5.51 -4.21 -25.55
C GLY B 240 -4.82 -5.16 -26.51
N ILE B 241 -4.54 -6.38 -26.06
CA ILE B 241 -3.90 -7.40 -26.87
C ILE B 241 -4.88 -8.56 -27.05
N PHE B 242 -5.22 -8.86 -28.30
CA PHE B 242 -6.12 -9.97 -28.63
C PHE B 242 -5.56 -10.64 -29.89
N GLN B 243 -4.78 -11.71 -29.68
CA GLN B 243 -4.13 -12.43 -30.77
C GLN B 243 -4.75 -13.83 -30.86
N LEU B 244 -5.53 -14.04 -31.91
CA LEU B 244 -6.24 -15.30 -32.10
C LEU B 244 -5.27 -16.39 -32.58
N GLY B 245 -5.31 -17.54 -31.92
CA GLY B 245 -4.56 -18.70 -32.34
C GLY B 245 -3.15 -18.81 -31.77
N ASN B 246 -2.74 -17.89 -30.91
CA ASN B 246 -1.39 -17.89 -30.34
C ASN B 246 -1.43 -18.60 -28.98
N TRP B 247 -0.68 -19.70 -28.87
CA TRP B 247 -0.67 -20.54 -27.67
C TRP B 247 0.49 -20.22 -26.74
N SER B 248 1.14 -19.06 -26.89
CA SER B 248 2.33 -18.74 -26.12
C SER B 248 1.91 -18.07 -24.82
N GLU B 249 1.91 -18.84 -23.73
CA GLU B 249 1.66 -18.30 -22.40
C GLU B 249 2.94 -17.65 -21.88
N LEU B 250 3.34 -16.58 -22.55
CA LEU B 250 4.60 -15.91 -22.26
C LEU B 250 4.46 -14.44 -22.62
N ASN B 251 4.87 -13.56 -21.71
CA ASN B 251 4.72 -12.12 -21.95
C ASN B 251 5.65 -11.69 -23.07
N ASN B 252 5.07 -11.04 -24.08
CA ASN B 252 5.80 -10.63 -25.27
C ASN B 252 6.16 -9.15 -25.17
N ILE B 253 7.43 -8.84 -25.43
CA ILE B 253 7.91 -7.46 -25.28
C ILE B 253 7.14 -6.52 -26.21
N GLN B 254 6.85 -6.96 -27.44
CA GLN B 254 6.14 -6.11 -28.37
C GLN B 254 4.77 -5.73 -27.83
N ASP B 255 4.01 -6.71 -27.33
CA ASP B 255 2.71 -6.41 -26.76
C ASP B 255 2.84 -5.48 -25.56
N HIS B 256 3.88 -5.68 -24.74
CA HIS B 256 4.16 -4.76 -23.65
C HIS B 256 4.21 -3.32 -24.16
N ASN B 257 5.03 -3.07 -25.18
CA ASN B 257 5.12 -1.72 -25.73
C ASN B 257 3.80 -1.27 -26.34
N THR B 258 3.11 -2.18 -27.05
CA THR B 258 1.80 -1.85 -27.60
C THR B 258 0.85 -1.38 -26.50
N ILE B 259 0.77 -2.13 -25.40
CA ILE B 259 -0.11 -1.76 -24.30
C ILE B 259 0.32 -0.43 -23.69
N TRP B 260 1.63 -0.22 -23.57
CA TRP B 260 2.12 0.97 -22.86
C TRP B 260 1.87 2.24 -23.67
N GLU B 261 2.40 2.30 -24.89
CA GLU B 261 2.22 3.49 -25.70
C GLU B 261 0.75 3.77 -25.98
N GLY B 262 -0.07 2.72 -26.08
CA GLY B 262 -1.48 2.93 -26.31
C GLY B 262 -2.18 3.57 -25.14
N CYS B 263 -1.93 3.07 -23.93
CA CYS B 263 -2.60 3.62 -22.75
C CYS B 263 -1.96 4.91 -22.28
N CYS B 264 -0.66 5.08 -22.51
CA CYS B 264 -0.02 6.35 -22.16
C CYS B 264 -0.50 7.48 -23.06
N ARG B 265 -0.85 7.18 -24.30
CA ARG B 265 -1.44 8.19 -25.17
C ARG B 265 -2.90 8.44 -24.84
N LEU B 266 -3.58 7.43 -24.29
CA LEU B 266 -4.96 7.58 -23.88
C LEU B 266 -5.07 8.28 -22.52
N GLU B 267 -4.12 8.03 -21.62
CA GLU B 267 -4.10 8.66 -20.31
C GLU B 267 -2.69 9.10 -19.99
N PRO B 268 -2.30 10.30 -20.41
CA PRO B 268 -0.91 10.74 -20.24
C PRO B 268 -0.42 10.67 -18.80
N THR B 269 -1.31 10.79 -17.81
CA THR B 269 -0.88 10.70 -16.42
C THR B 269 -0.35 9.33 -16.07
N LEU B 270 -0.42 8.37 -17.00
CA LEU B 270 0.07 7.02 -16.77
C LEU B 270 1.59 6.91 -16.89
N LYS B 271 2.24 7.90 -17.52
CA LYS B 271 3.68 7.81 -17.74
C LYS B 271 4.44 7.58 -16.44
N ASN B 272 3.98 8.18 -15.35
CA ASN B 272 4.69 8.11 -14.07
C ASN B 272 4.02 7.14 -13.10
N ALA B 273 3.47 6.04 -13.62
CA ALA B 273 2.89 4.98 -12.79
C ALA B 273 3.82 3.77 -12.81
N ARG B 274 4.10 3.21 -11.64
CA ARG B 274 5.00 2.09 -11.51
C ARG B 274 4.29 0.80 -11.97
N ILE B 275 4.98 0.01 -12.78
CA ILE B 275 4.42 -1.26 -13.25
C ILE B 275 4.57 -2.31 -12.16
N ILE B 276 3.47 -2.94 -11.79
CA ILE B 276 3.45 -3.91 -10.69
C ILE B 276 3.57 -5.33 -11.22
N GLY B 277 3.07 -5.58 -12.43
CA GLY B 277 3.13 -6.93 -12.96
C GLY B 277 2.66 -6.99 -14.39
N GLU B 278 2.70 -8.19 -14.95
CA GLU B 278 2.27 -8.44 -16.32
C GLU B 278 1.94 -9.92 -16.45
N ARG B 279 0.85 -10.23 -17.15
CA ARG B 279 0.36 -11.60 -17.25
C ARG B 279 -0.23 -11.84 -18.63
N THR B 280 -0.27 -13.11 -19.01
CA THR B 280 -0.84 -13.55 -20.28
C THR B 280 -1.94 -14.56 -20.03
N GLY B 281 -2.92 -14.59 -20.93
CA GLY B 281 -4.03 -15.52 -20.82
C GLY B 281 -4.55 -15.89 -22.19
N PHE B 282 -5.51 -16.83 -22.19
CA PHE B 282 -6.11 -17.32 -23.42
C PHE B 282 -7.63 -17.26 -23.28
N ARG B 283 -8.24 -16.29 -23.94
CA ARG B 283 -9.70 -16.23 -24.01
C ARG B 283 -10.22 -17.45 -24.75
N PRO B 284 -11.12 -18.23 -24.17
CA PRO B 284 -11.64 -19.41 -24.88
C PRO B 284 -12.58 -19.00 -26.00
N VAL B 285 -12.02 -18.65 -27.14
CA VAL B 285 -12.80 -18.07 -28.23
C VAL B 285 -13.60 -19.16 -28.93
N ARG B 286 -14.85 -18.83 -29.26
CA ARG B 286 -15.73 -19.75 -29.96
C ARG B 286 -16.90 -18.95 -30.50
N PRO B 287 -17.44 -19.32 -31.67
CA PRO B 287 -18.56 -18.55 -32.23
C PRO B 287 -19.72 -18.40 -31.25
N GLN B 288 -19.89 -19.36 -30.34
CA GLN B 288 -20.89 -19.25 -29.30
C GLN B 288 -20.54 -20.24 -28.20
N ILE B 289 -21.02 -19.95 -26.98
CA ILE B 289 -20.73 -20.82 -25.86
C ILE B 289 -21.33 -22.20 -26.12
N ARG B 290 -20.60 -23.23 -25.72
CA ARG B 290 -21.09 -24.61 -25.83
C ARG B 290 -21.61 -25.04 -24.47
N LEU B 291 -22.90 -24.77 -24.23
CA LEU B 291 -23.57 -25.14 -22.99
C LEU B 291 -24.68 -26.11 -23.38
N GLU B 292 -24.44 -27.40 -23.19
CA GLU B 292 -25.32 -28.44 -23.72
C GLU B 292 -24.87 -29.79 -23.18
N ARG B 293 -25.80 -30.75 -23.19
CA ARG B 293 -25.50 -32.10 -22.73
C ARG B 293 -24.95 -32.95 -23.88
N GLU B 294 -24.46 -34.12 -23.52
CA GLU B 294 -24.02 -35.11 -24.50
C GLU B 294 -23.99 -36.48 -23.84
N GLN B 295 -24.69 -37.44 -24.44
CA GLN B 295 -24.66 -38.83 -23.99
C GLN B 295 -23.36 -39.47 -24.49
N LEU B 296 -22.49 -39.85 -23.56
CA LEU B 296 -21.20 -40.44 -23.91
C LEU B 296 -21.36 -41.95 -23.92
N ARG B 297 -21.32 -42.54 -25.12
CA ARG B 297 -21.48 -43.99 -25.29
C ARG B 297 -20.15 -44.70 -25.07
N THR B 298 -19.64 -44.55 -23.85
CA THR B 298 -18.33 -45.10 -23.47
C THR B 298 -18.50 -46.23 -22.48
N GLY B 299 -17.90 -47.38 -22.77
CA GLY B 299 -17.88 -48.50 -21.87
C GLY B 299 -19.19 -49.26 -21.85
N PRO B 300 -19.51 -49.88 -20.71
CA PRO B 300 -20.78 -50.63 -20.63
C PRO B 300 -22.00 -49.73 -20.61
N SER B 301 -21.97 -48.64 -19.88
CA SER B 301 -23.12 -47.77 -19.71
C SER B 301 -22.84 -46.39 -20.32
N ASN B 302 -23.79 -45.48 -20.14
CA ASN B 302 -23.67 -44.12 -20.63
C ASN B 302 -23.37 -43.18 -19.47
N THR B 303 -22.29 -42.42 -19.59
CA THR B 303 -21.96 -41.37 -18.65
C THR B 303 -22.43 -40.02 -19.21
N GLU B 304 -23.09 -39.24 -18.36
CA GLU B 304 -23.71 -38.00 -18.79
C GLU B 304 -22.69 -36.86 -18.66
N VAL B 305 -22.41 -36.19 -19.78
CA VAL B 305 -21.48 -35.07 -19.83
C VAL B 305 -22.28 -33.82 -20.19
N ILE B 306 -22.03 -32.73 -19.46
CA ILE B 306 -22.61 -31.43 -19.76
C ILE B 306 -21.47 -30.45 -19.96
N HIS B 307 -21.38 -29.89 -21.17
CA HIS B 307 -20.28 -29.02 -21.54
C HIS B 307 -20.58 -27.57 -21.17
N ASN B 308 -19.55 -26.87 -20.70
CA ASN B 308 -19.65 -25.43 -20.44
C ASN B 308 -18.25 -24.84 -20.68
N TYR B 309 -18.04 -24.35 -21.90
CA TYR B 309 -16.75 -23.79 -22.27
C TYR B 309 -16.92 -22.95 -23.54
N GLY B 310 -15.97 -22.04 -23.74
CA GLY B 310 -16.01 -21.17 -24.90
C GLY B 310 -16.65 -19.82 -24.61
N HIS B 311 -16.29 -19.22 -23.47
CA HIS B 311 -16.87 -17.95 -23.06
C HIS B 311 -16.06 -16.75 -23.53
N GLY B 312 -15.00 -16.96 -24.30
CA GLY B 312 -14.26 -15.86 -24.89
C GLY B 312 -13.79 -14.84 -23.87
N GLY B 313 -13.98 -13.56 -24.21
CA GLY B 313 -13.55 -12.48 -23.34
C GLY B 313 -14.67 -11.93 -22.47
N TYR B 314 -15.65 -12.77 -22.14
CA TYR B 314 -16.75 -12.35 -21.28
C TYR B 314 -17.11 -13.45 -20.27
N GLY B 315 -16.14 -14.25 -19.86
CA GLY B 315 -16.42 -15.33 -18.93
C GLY B 315 -16.99 -14.83 -17.61
N LEU B 316 -16.35 -13.81 -17.03
CA LEU B 316 -16.87 -13.25 -15.78
C LEU B 316 -18.25 -12.62 -15.98
N THR B 317 -18.54 -12.16 -17.21
CA THR B 317 -19.77 -11.40 -17.45
C THR B 317 -21.00 -12.29 -17.48
N ILE B 318 -20.87 -13.52 -18.00
CA ILE B 318 -22.00 -14.42 -18.17
C ILE B 318 -21.92 -15.63 -17.26
N HIS B 319 -20.92 -15.71 -16.38
CA HIS B 319 -20.65 -16.95 -15.66
C HIS B 319 -21.88 -17.45 -14.91
N TRP B 320 -22.65 -16.53 -14.32
CA TRP B 320 -23.77 -16.94 -13.49
C TRP B 320 -24.88 -17.57 -14.32
N GLY B 321 -25.30 -16.89 -15.39
CA GLY B 321 -26.32 -17.45 -16.25
C GLY B 321 -25.96 -18.83 -16.76
N CYS B 322 -24.73 -18.99 -17.27
CA CYS B 322 -24.30 -20.30 -17.73
C CYS B 322 -24.36 -21.32 -16.60
N ALA B 323 -23.98 -20.92 -15.38
CA ALA B 323 -24.06 -21.83 -14.25
C ALA B 323 -25.51 -22.26 -14.00
N LEU B 324 -26.42 -21.29 -13.97
CA LEU B 324 -27.84 -21.63 -13.78
C LEU B 324 -28.35 -22.52 -14.90
N GLU B 325 -27.95 -22.24 -16.13
CA GLU B 325 -28.35 -23.09 -17.25
C GLU B 325 -27.78 -24.50 -17.10
N ALA B 326 -26.49 -24.60 -16.74
CA ALA B 326 -25.90 -25.92 -16.52
C ALA B 326 -26.59 -26.66 -15.38
N ALA B 327 -27.04 -25.93 -14.35
CA ALA B 327 -27.77 -26.57 -13.27
C ALA B 327 -29.08 -27.16 -13.77
N LYS B 328 -29.83 -26.40 -14.58
CA LYS B 328 -31.03 -26.93 -15.23
C LYS B 328 -30.72 -28.25 -15.92
N LEU B 329 -29.73 -28.23 -16.81
CA LEU B 329 -29.38 -29.43 -17.55
C LEU B 329 -29.11 -30.59 -16.60
N PHE B 330 -28.43 -30.31 -15.49
CA PHE B 330 -28.23 -31.35 -14.48
C PHE B 330 -29.58 -31.87 -13.97
N GLY B 331 -30.52 -30.96 -13.70
CA GLY B 331 -31.83 -31.38 -13.24
C GLY B 331 -32.52 -32.30 -14.23
N ARG B 332 -32.53 -31.92 -15.51
CA ARG B 332 -33.14 -32.77 -16.52
C ARG B 332 -32.52 -34.16 -16.54
N ILE B 333 -31.23 -34.26 -16.26
CA ILE B 333 -30.57 -35.56 -16.18
C ILE B 333 -31.16 -36.38 -15.04
N LEU B 334 -31.44 -35.73 -13.90
CA LEU B 334 -31.98 -36.44 -12.76
C LEU B 334 -33.36 -37.02 -13.08
N GLU B 335 -34.24 -36.21 -13.68
CA GLU B 335 -35.56 -36.69 -14.06
C GLU B 335 -35.46 -37.92 -14.95
N GLU B 336 -34.51 -37.92 -15.89
CA GLU B 336 -34.37 -39.04 -16.80
C GLU B 336 -33.85 -40.28 -16.09
N LYS B 337 -33.00 -40.11 -15.09
CA LYS B 337 -32.66 -41.23 -14.21
C LYS B 337 -33.81 -41.58 -13.27
N LYS B 338 -34.88 -40.78 -13.27
CA LYS B 338 -36.07 -41.06 -12.48
C LYS B 338 -35.77 -41.01 -10.98
N LEU B 339 -35.07 -39.95 -10.57
CA LEU B 339 -34.80 -39.69 -9.17
C LEU B 339 -34.97 -38.21 -8.87
N SER B 340 -36.03 -37.61 -9.41
CA SER B 340 -36.32 -36.20 -9.19
C SER B 340 -37.73 -36.00 -8.63
N MET C 1 27.18 -22.65 -32.73
CA MET C 1 27.10 -23.16 -31.36
C MET C 1 25.76 -22.80 -30.73
N ARG C 2 24.74 -23.61 -31.01
CA ARG C 2 23.39 -23.35 -30.53
C ARG C 2 23.19 -24.05 -29.19
N VAL C 3 22.79 -23.28 -28.18
CA VAL C 3 22.56 -23.78 -26.83
C VAL C 3 21.09 -23.63 -26.49
N VAL C 4 20.53 -24.62 -25.80
CA VAL C 4 19.12 -24.64 -25.45
C VAL C 4 19.01 -24.93 -23.96
N VAL C 5 18.44 -23.99 -23.21
CA VAL C 5 18.21 -24.14 -21.78
C VAL C 5 16.73 -24.44 -21.57
N ILE C 6 16.44 -25.58 -20.93
CA ILE C 6 15.08 -25.97 -20.59
C ILE C 6 14.85 -25.59 -19.14
N GLY C 7 13.98 -24.61 -18.92
CA GLY C 7 13.65 -24.15 -17.58
C GLY C 7 13.86 -22.67 -17.38
N ALA C 8 12.84 -21.96 -16.90
CA ALA C 8 12.91 -20.51 -16.68
C ALA C 8 12.86 -20.16 -15.20
N GLY C 9 13.28 -21.07 -14.34
CA GLY C 9 13.44 -20.78 -12.94
C GLY C 9 14.76 -20.08 -12.67
N VAL C 10 15.06 -19.91 -11.38
CA VAL C 10 16.31 -19.26 -11.01
C VAL C 10 17.50 -20.05 -11.53
N ILE C 11 17.43 -21.38 -11.47
CA ILE C 11 18.56 -22.20 -11.91
C ILE C 11 18.80 -22.00 -13.40
N GLY C 12 17.76 -22.23 -14.21
CA GLY C 12 17.86 -22.04 -15.64
C GLY C 12 18.31 -20.66 -16.07
N LEU C 13 17.61 -19.62 -15.60
CA LEU C 13 17.89 -18.27 -16.06
C LEU C 13 19.27 -17.81 -15.62
N SER C 14 19.67 -18.13 -14.39
CA SER C 14 21.00 -17.75 -13.94
C SER C 14 22.09 -18.52 -14.67
N THR C 15 21.82 -19.77 -15.04
CA THR C 15 22.77 -20.52 -15.86
C THR C 15 22.85 -19.94 -17.26
N ALA C 16 21.70 -19.64 -17.87
CA ALA C 16 21.68 -18.98 -19.17
C ALA C 16 22.54 -17.71 -19.15
N LEU C 17 22.40 -16.91 -18.09
CA LEU C 17 23.12 -15.65 -18.03
C LEU C 17 24.63 -15.88 -17.92
N CYS C 18 25.05 -16.67 -16.92
CA CYS C 18 26.47 -16.96 -16.74
C CYS C 18 27.12 -17.44 -18.04
N ILE C 19 26.43 -18.29 -18.79
CA ILE C 19 27.01 -18.84 -20.01
C ILE C 19 27.19 -17.74 -21.05
N HIS C 20 26.20 -16.87 -21.18
CA HIS C 20 26.31 -15.78 -22.15
C HIS C 20 27.39 -14.79 -21.73
N GLU C 21 27.43 -14.44 -20.45
CA GLU C 21 28.44 -13.51 -19.96
C GLU C 21 29.85 -14.04 -20.22
N ARG C 22 30.07 -15.33 -19.95
CA ARG C 22 31.42 -15.88 -19.99
C ARG C 22 31.90 -16.24 -21.39
N TYR C 23 31.00 -16.49 -22.34
CA TYR C 23 31.41 -17.06 -23.62
C TYR C 23 30.83 -16.38 -24.85
N HIS C 24 30.06 -15.31 -24.70
CA HIS C 24 29.55 -14.64 -25.89
C HIS C 24 30.66 -14.04 -26.73
N SER C 25 31.80 -13.73 -26.12
CA SER C 25 32.91 -13.10 -26.84
C SER C 25 33.82 -14.12 -27.51
N VAL C 26 33.87 -15.35 -26.99
CA VAL C 26 34.77 -16.38 -27.51
C VAL C 26 34.00 -17.45 -28.28
N LEU C 27 32.81 -17.11 -28.76
CA LEU C 27 32.02 -18.02 -29.59
C LEU C 27 31.27 -17.17 -30.61
N GLN C 28 31.81 -17.08 -31.82
CA GLN C 28 31.22 -16.25 -32.86
C GLN C 28 29.73 -16.59 -32.99
N PRO C 29 29.37 -17.83 -33.35
CA PRO C 29 27.96 -18.24 -33.34
C PRO C 29 27.50 -18.86 -32.02
N LEU C 30 27.26 -18.02 -31.03
CA LEU C 30 26.74 -18.45 -29.73
C LEU C 30 25.29 -18.01 -29.62
N ASP C 31 24.38 -18.88 -30.04
CA ASP C 31 22.95 -18.63 -29.94
C ASP C 31 22.38 -19.42 -28.76
N ILE C 32 21.70 -18.72 -27.86
CA ILE C 32 21.14 -19.32 -26.66
C ILE C 32 19.62 -19.11 -26.67
N LYS C 33 18.88 -20.20 -26.51
CA LYS C 33 17.43 -20.15 -26.42
C LYS C 33 16.99 -20.75 -25.09
N VAL C 34 15.81 -20.33 -24.63
CA VAL C 34 15.26 -20.78 -23.35
C VAL C 34 13.91 -21.41 -23.62
N TYR C 35 13.81 -22.72 -23.41
CA TYR C 35 12.53 -23.43 -23.49
C TYR C 35 12.02 -23.66 -22.08
N ALA C 36 10.79 -23.21 -21.83
CA ALA C 36 10.19 -23.35 -20.50
C ALA C 36 8.71 -23.68 -20.62
N ASP C 37 8.26 -24.59 -19.77
CA ASP C 37 6.83 -24.88 -19.69
C ASP C 37 6.08 -23.77 -18.98
N ARG C 38 6.68 -23.22 -17.91
CA ARG C 38 6.09 -22.13 -17.15
C ARG C 38 7.14 -21.06 -16.90
N PHE C 39 6.73 -19.80 -17.00
CA PHE C 39 7.57 -18.66 -16.67
C PHE C 39 7.02 -17.96 -15.43
N THR C 40 7.84 -17.07 -14.87
CA THR C 40 7.43 -16.23 -13.76
C THR C 40 6.06 -15.63 -14.07
N PRO C 41 5.13 -15.59 -13.10
CA PRO C 41 5.32 -16.00 -11.70
C PRO C 41 4.73 -17.37 -11.39
N LEU C 42 4.88 -18.32 -12.32
CA LEU C 42 4.25 -19.63 -12.18
C LEU C 42 5.27 -20.73 -11.91
N THR C 43 6.45 -20.38 -11.42
CA THR C 43 7.49 -21.35 -11.12
C THR C 43 7.67 -21.48 -9.62
N THR C 44 8.26 -22.62 -9.22
CA THR C 44 8.60 -22.81 -7.80
C THR C 44 9.39 -21.63 -7.27
N THR C 45 10.29 -21.09 -8.08
CA THR C 45 11.11 -19.95 -7.66
C THR C 45 10.26 -18.78 -7.21
N ASP C 46 9.07 -18.62 -7.78
CA ASP C 46 8.20 -17.51 -7.39
C ASP C 46 7.59 -17.75 -6.01
N VAL C 47 7.36 -19.00 -5.64
CA VAL C 47 6.71 -19.29 -4.37
C VAL C 47 7.65 -18.99 -3.20
N ALA C 48 8.95 -19.19 -3.40
CA ALA C 48 9.90 -19.05 -2.31
C ALA C 48 10.03 -17.60 -1.86
N ALA C 49 10.19 -17.41 -0.54
CA ALA C 49 10.42 -16.06 -0.03
C ALA C 49 11.74 -15.50 -0.54
N GLY C 50 12.79 -16.32 -0.55
CA GLY C 50 14.08 -15.91 -1.08
C GLY C 50 15.19 -15.81 -0.05
N LEU C 51 14.94 -16.23 1.19
CA LEU C 51 15.96 -16.14 2.23
C LEU C 51 17.18 -16.98 1.87
N TRP C 52 18.36 -16.42 2.07
CA TRP C 52 19.60 -17.16 1.92
C TRP C 52 19.88 -17.91 3.22
N GLN C 53 19.66 -19.22 3.21
CA GLN C 53 20.12 -20.03 4.32
C GLN C 53 20.19 -21.49 3.87
N PRO C 54 21.37 -22.11 3.94
CA PRO C 54 21.47 -23.54 3.61
C PRO C 54 20.87 -24.40 4.72
N TYR C 55 20.75 -25.68 4.42
CA TYR C 55 20.33 -26.62 5.45
C TYR C 55 21.26 -26.55 6.66
N LEU C 56 20.78 -27.08 7.78
CA LEU C 56 21.57 -27.02 9.00
C LEU C 56 22.69 -28.06 9.01
N SER C 57 22.41 -29.28 8.54
CA SER C 57 23.42 -30.32 8.47
C SER C 57 24.30 -30.11 7.24
N ASP C 58 25.57 -30.47 7.38
CA ASP C 58 26.50 -30.33 6.28
C ASP C 58 25.96 -31.06 5.04
N PRO C 59 26.29 -30.56 3.86
CA PRO C 59 25.75 -31.16 2.63
C PRO C 59 26.48 -32.44 2.27
N ASN C 60 25.75 -33.36 1.64
CA ASN C 60 26.34 -34.63 1.23
C ASN C 60 27.52 -34.41 0.29
N ASN C 61 27.43 -33.38 -0.56
CA ASN C 61 28.56 -32.95 -1.36
C ASN C 61 29.12 -31.67 -0.76
N PRO C 62 30.34 -31.66 -0.25
CA PRO C 62 30.89 -30.42 0.33
C PRO C 62 31.05 -29.30 -0.68
N GLN C 63 31.00 -29.60 -1.98
CA GLN C 63 31.04 -28.55 -2.98
C GLN C 63 29.89 -27.57 -2.81
N GLU C 64 28.70 -28.08 -2.46
CA GLU C 64 27.55 -27.21 -2.31
C GLU C 64 27.80 -26.09 -1.31
N ALA C 65 28.61 -26.35 -0.28
CA ALA C 65 28.94 -25.30 0.68
C ALA C 65 29.64 -24.14 -0.01
N ASP C 66 30.60 -24.43 -0.88
CA ASP C 66 31.26 -23.36 -1.63
C ASP C 66 30.26 -22.64 -2.52
N TRP C 67 29.36 -23.38 -3.17
CA TRP C 67 28.38 -22.76 -4.04
C TRP C 67 27.48 -21.78 -3.27
N SER C 68 27.09 -22.16 -2.04
CA SER C 68 26.29 -21.26 -1.22
C SER C 68 27.06 -20.01 -0.87
N GLN C 69 28.34 -20.16 -0.49
CA GLN C 69 29.12 -19.00 -0.06
C GLN C 69 29.42 -18.08 -1.22
N GLN C 70 29.68 -18.63 -2.41
CA GLN C 70 29.90 -17.79 -3.58
C GLN C 70 28.64 -17.00 -3.92
N THR C 71 27.47 -17.64 -3.83
CA THR C 71 26.22 -16.93 -4.06
C THR C 71 26.05 -15.79 -3.07
N PHE C 72 26.30 -16.06 -1.79
CA PHE C 72 26.16 -15.02 -0.76
C PHE C 72 27.12 -13.88 -1.02
N ASP C 73 28.40 -14.19 -1.27
CA ASP C 73 29.37 -13.13 -1.55
C ASP C 73 28.94 -12.30 -2.75
N TYR C 74 28.45 -12.96 -3.80
CA TYR C 74 27.99 -12.23 -4.99
C TYR C 74 26.85 -11.28 -4.65
N LEU C 75 25.78 -11.81 -4.06
CA LEU C 75 24.63 -10.99 -3.72
C LEU C 75 25.01 -9.88 -2.74
N LEU C 76 25.89 -10.19 -1.78
CA LEU C 76 26.31 -9.18 -0.82
C LEU C 76 27.06 -8.04 -1.50
N SER C 77 27.90 -8.36 -2.48
CA SER C 77 28.69 -7.35 -3.19
C SER C 77 27.78 -6.44 -3.99
N HIS C 78 26.47 -6.70 -3.98
CA HIS C 78 25.50 -5.88 -4.70
C HIS C 78 24.35 -5.40 -3.82
N VAL C 79 24.35 -5.71 -2.53
CA VAL C 79 23.25 -5.30 -1.66
C VAL C 79 23.03 -3.80 -1.71
N HIS C 80 24.09 -3.02 -1.95
CA HIS C 80 23.98 -1.56 -1.99
C HIS C 80 24.07 -0.99 -3.40
N SER C 81 24.11 -1.83 -4.43
CA SER C 81 24.06 -1.31 -5.79
C SER C 81 22.75 -0.60 -6.03
N PRO C 82 22.69 0.28 -7.04
CA PRO C 82 21.45 1.04 -7.28
C PRO C 82 20.29 0.17 -7.70
N ASN C 83 20.54 -0.89 -8.48
CA ASN C 83 19.47 -1.75 -8.97
C ASN C 83 19.20 -2.94 -8.05
N ALA C 84 19.52 -2.82 -6.76
CA ALA C 84 19.17 -3.88 -5.82
C ALA C 84 17.65 -4.02 -5.71
N GLU C 85 16.96 -2.88 -5.61
CA GLU C 85 15.49 -2.91 -5.59
C GLU C 85 14.94 -3.63 -6.81
N ASN C 86 15.59 -3.47 -7.97
CA ASN C 86 15.13 -4.19 -9.16
C ASN C 86 15.37 -5.68 -9.05
N LEU C 87 16.42 -6.09 -8.34
CA LEU C 87 16.68 -7.52 -8.12
C LEU C 87 15.79 -8.12 -7.04
N GLY C 88 15.16 -7.31 -6.21
CA GLY C 88 14.49 -7.83 -5.05
C GLY C 88 15.44 -8.23 -3.95
N LEU C 89 16.64 -7.67 -3.93
CA LEU C 89 17.69 -8.02 -2.99
C LEU C 89 17.72 -7.03 -1.84
N PHE C 90 17.97 -7.53 -0.63
CA PHE C 90 18.09 -6.67 0.54
C PHE C 90 18.57 -7.51 1.72
N LEU C 91 18.98 -6.82 2.78
CA LEU C 91 19.46 -7.44 4.00
C LEU C 91 18.33 -7.69 4.97
N ILE C 92 18.52 -8.68 5.84
CA ILE C 92 17.55 -8.98 6.89
C ILE C 92 18.23 -9.80 7.97
N SER C 93 17.93 -9.45 9.21
CA SER C 93 18.38 -10.19 10.38
C SER C 93 17.20 -10.97 10.95
N GLY C 94 17.50 -12.02 11.71
CA GLY C 94 16.43 -12.87 12.20
C GLY C 94 16.94 -13.90 13.18
N TYR C 95 16.01 -14.76 13.60
CA TYR C 95 16.27 -15.74 14.64
C TYR C 95 16.11 -17.15 14.09
N ASN C 96 16.90 -18.07 14.64
CA ASN C 96 16.74 -19.51 14.43
C ASN C 96 16.53 -20.14 15.80
N LEU C 97 15.33 -20.67 16.03
CA LEU C 97 14.92 -21.14 17.35
C LEU C 97 14.95 -22.67 17.40
N PHE C 98 15.50 -23.20 18.49
CA PHE C 98 15.60 -24.63 18.71
C PHE C 98 15.06 -24.97 20.09
N HIS C 99 14.72 -26.25 20.28
CA HIS C 99 14.31 -26.75 21.58
C HIS C 99 15.50 -27.16 22.44
N GLU C 100 16.62 -27.52 21.83
CA GLU C 100 17.82 -27.90 22.57
C GLU C 100 19.05 -27.39 21.84
N ALA C 101 20.13 -27.21 22.59
CA ALA C 101 21.39 -26.77 22.00
C ALA C 101 21.79 -27.70 20.86
N ILE C 102 22.41 -27.12 19.84
CA ILE C 102 22.89 -27.89 18.70
C ILE C 102 24.14 -27.20 18.14
N PRO C 103 25.02 -27.93 17.46
CA PRO C 103 26.25 -27.31 16.96
C PRO C 103 25.97 -26.16 16.01
N ASP C 104 26.92 -25.24 15.95
CA ASP C 104 26.81 -24.10 15.05
C ASP C 104 26.85 -24.55 13.59
N PRO C 105 26.24 -23.79 12.69
CA PRO C 105 26.21 -24.19 11.28
C PRO C 105 27.53 -23.94 10.58
N SER C 106 27.78 -24.75 9.55
CA SER C 106 29.00 -24.58 8.77
C SER C 106 29.10 -23.19 8.15
N TRP C 107 27.96 -22.56 7.87
CA TRP C 107 27.92 -21.23 7.26
C TRP C 107 27.92 -20.11 8.30
N LYS C 108 28.24 -20.41 9.57
CA LYS C 108 28.22 -19.39 10.60
C LYS C 108 29.04 -18.17 10.21
N ASP C 109 30.16 -18.37 9.51
CA ASP C 109 31.02 -17.26 9.12
C ASP C 109 30.70 -16.73 7.73
N THR C 110 29.75 -17.33 7.02
CA THR C 110 29.31 -16.76 5.74
C THR C 110 28.35 -15.60 5.98
N VAL C 111 27.37 -15.79 6.86
CA VAL C 111 26.44 -14.73 7.23
C VAL C 111 27.19 -13.71 8.06
N LEU C 112 26.58 -12.56 8.30
CA LEU C 112 27.22 -11.48 9.03
C LEU C 112 26.87 -11.53 10.51
N GLY C 113 27.88 -11.45 11.36
CA GLY C 113 27.66 -11.30 12.79
C GLY C 113 26.91 -12.44 13.44
N PHE C 114 27.26 -13.67 13.09
CA PHE C 114 26.60 -14.82 13.72
C PHE C 114 26.88 -14.84 15.22
N ARG C 115 25.87 -15.21 15.99
CA ARG C 115 26.02 -15.35 17.43
C ARG C 115 24.88 -16.21 17.94
N LYS C 116 24.95 -16.53 19.23
CA LYS C 116 23.84 -17.21 19.88
C LYS C 116 22.93 -16.19 20.55
N LEU C 117 21.78 -16.65 21.01
CA LEU C 117 20.73 -15.77 21.50
C LEU C 117 20.89 -15.50 23.00
N THR C 118 20.69 -14.23 23.37
CA THR C 118 20.72 -13.83 24.76
C THR C 118 19.46 -14.30 25.48
N PRO C 119 19.55 -14.60 26.79
CA PRO C 119 18.35 -15.02 27.52
C PRO C 119 17.14 -14.12 27.29
N ARG C 120 17.35 -12.80 27.35
CA ARG C 120 16.24 -11.88 27.12
C ARG C 120 15.62 -12.09 25.75
N GLU C 121 16.43 -12.46 24.76
CA GLU C 121 15.91 -12.75 23.42
C GLU C 121 15.05 -14.01 23.43
N LEU C 122 15.59 -15.09 24.02
CA LEU C 122 14.80 -16.32 24.12
C LEU C 122 13.53 -16.13 24.94
N ASP C 123 13.49 -15.11 25.81
CA ASP C 123 12.28 -14.84 26.57
C ASP C 123 11.10 -14.46 25.69
N MET C 124 11.37 -13.94 24.48
CA MET C 124 10.28 -13.59 23.57
C MET C 124 9.60 -14.81 22.97
N PHE C 125 10.23 -15.98 23.03
CA PHE C 125 9.73 -17.20 22.40
C PHE C 125 9.70 -18.30 23.44
N PRO C 126 8.61 -18.43 24.19
CA PRO C 126 8.58 -19.38 25.31
C PRO C 126 8.80 -20.82 24.88
N ASP C 127 8.27 -21.23 23.73
CA ASP C 127 8.36 -22.61 23.28
C ASP C 127 9.78 -23.03 22.92
N TYR C 128 10.77 -22.14 23.00
CA TYR C 128 12.11 -22.45 22.54
C TYR C 128 13.14 -21.95 23.54
N GLY C 129 14.23 -22.70 23.69
CA GLY C 129 15.21 -22.42 24.71
C GLY C 129 16.65 -22.32 24.24
N TYR C 130 16.85 -22.22 22.93
CA TYR C 130 18.18 -22.04 22.37
C TYR C 130 18.03 -21.63 20.91
N GLY C 131 18.91 -20.74 20.45
CA GLY C 131 18.79 -20.28 19.07
C GLY C 131 19.98 -19.43 18.66
N TRP C 132 19.91 -18.97 17.42
CA TRP C 132 20.93 -18.11 16.81
C TRP C 132 20.34 -16.74 16.50
N PHE C 133 21.23 -15.81 16.19
CA PHE C 133 20.88 -14.54 15.58
C PHE C 133 21.97 -14.17 14.58
N HIS C 134 21.56 -13.71 13.41
CA HIS C 134 22.54 -13.34 12.39
C HIS C 134 21.86 -12.54 11.31
N THR C 135 22.67 -11.86 10.51
CA THR C 135 22.21 -11.04 9.40
C THR C 135 22.47 -11.76 8.08
N SER C 136 21.47 -11.75 7.21
CA SER C 136 21.52 -12.51 5.96
C SER C 136 20.87 -11.68 4.86
N LEU C 137 20.58 -12.33 3.74
CA LEU C 137 20.04 -11.70 2.55
C LEU C 137 18.71 -12.36 2.17
N ILE C 138 17.89 -11.59 1.47
CA ILE C 138 16.66 -12.10 0.85
C ILE C 138 16.71 -11.74 -0.63
N LEU C 139 16.58 -12.74 -1.48
CA LEU C 139 16.53 -12.55 -2.93
C LEU C 139 15.16 -13.00 -3.40
N GLU C 140 14.24 -12.05 -3.52
CA GLU C 140 12.86 -12.37 -3.83
C GLU C 140 12.75 -12.88 -5.26
N GLY C 141 12.22 -14.10 -5.41
CA GLY C 141 12.09 -14.73 -6.72
C GLY C 141 11.43 -13.88 -7.78
N LYS C 142 10.18 -13.48 -7.56
CA LYS C 142 9.43 -12.75 -8.58
C LYS C 142 10.24 -11.64 -9.22
N ASN C 143 10.92 -10.84 -8.40
CA ASN C 143 11.74 -9.75 -8.94
C ASN C 143 12.99 -10.27 -9.63
N TYR C 144 13.68 -11.23 -9.00
CA TYR C 144 14.94 -11.72 -9.55
C TYR C 144 14.73 -12.39 -10.91
N LEU C 145 13.65 -13.16 -11.06
CA LEU C 145 13.39 -13.81 -12.34
C LEU C 145 13.06 -12.79 -13.41
N GLN C 146 12.34 -11.72 -13.05
CA GLN C 146 12.06 -10.68 -14.04
C GLN C 146 13.29 -9.86 -14.35
N TRP C 147 14.20 -9.72 -13.37
CA TRP C 147 15.46 -9.04 -13.64
C TRP C 147 16.35 -9.88 -14.55
N LEU C 148 16.49 -11.17 -14.25
CA LEU C 148 17.26 -12.06 -15.10
C LEU C 148 16.72 -12.06 -16.52
N THR C 149 15.40 -12.13 -16.65
CA THR C 149 14.77 -12.09 -17.97
C THR C 149 15.21 -10.87 -18.76
N GLU C 150 15.23 -9.70 -18.11
CA GLU C 150 15.53 -8.46 -18.83
C GLU C 150 16.97 -8.41 -19.30
N ARG C 151 17.90 -8.95 -18.50
CA ARG C 151 19.29 -8.99 -18.94
C ARG C 151 19.46 -9.94 -20.12
N LEU C 152 18.93 -11.16 -20.00
CA LEU C 152 19.00 -12.10 -21.11
C LEU C 152 18.38 -11.54 -22.38
N THR C 153 17.21 -10.90 -22.25
CA THR C 153 16.52 -10.36 -23.42
C THR C 153 17.40 -9.37 -24.17
N GLU C 154 17.98 -8.40 -23.47
CA GLU C 154 18.87 -7.46 -24.14
C GLU C 154 20.20 -8.11 -24.50
N ARG C 155 20.45 -9.36 -24.11
CA ARG C 155 21.58 -10.13 -24.59
C ARG C 155 21.20 -11.02 -25.77
N GLY C 156 20.07 -10.73 -26.43
CA GLY C 156 19.65 -11.52 -27.57
C GLY C 156 19.29 -12.96 -27.27
N VAL C 157 18.96 -13.27 -26.02
CA VAL C 157 18.55 -14.61 -25.64
C VAL C 157 17.03 -14.71 -25.79
N LYS C 158 16.58 -15.60 -26.66
CA LYS C 158 15.16 -15.71 -26.96
C LYS C 158 14.48 -16.70 -26.02
N PHE C 159 13.21 -16.44 -25.74
CA PHE C 159 12.40 -17.25 -24.84
C PHE C 159 11.24 -17.86 -25.59
N PHE C 160 10.94 -19.11 -25.30
CA PHE C 160 9.85 -19.83 -25.95
C PHE C 160 9.10 -20.66 -24.92
N GLN C 161 7.78 -20.49 -24.87
CA GLN C 161 6.93 -21.21 -23.92
C GLN C 161 6.48 -22.51 -24.57
N ARG C 162 7.01 -23.63 -24.09
CA ARG C 162 6.78 -24.92 -24.72
C ARG C 162 7.29 -26.02 -23.80
N LYS C 163 6.52 -27.11 -23.71
CA LYS C 163 6.91 -28.25 -22.89
C LYS C 163 7.78 -29.19 -23.72
N VAL C 164 9.00 -29.45 -23.24
CA VAL C 164 9.94 -30.32 -23.93
C VAL C 164 9.59 -31.77 -23.63
N GLU C 165 9.35 -32.55 -24.68
CA GLU C 165 8.96 -33.94 -24.52
C GLU C 165 10.16 -34.85 -24.26
N SER C 166 11.34 -34.48 -24.74
CA SER C 166 12.52 -35.34 -24.54
C SER C 166 13.76 -34.57 -25.00
N PHE C 167 14.91 -35.04 -24.52
CA PHE C 167 16.18 -34.45 -24.94
C PHE C 167 16.39 -34.59 -26.44
N GLU C 168 16.09 -35.78 -26.98
CA GLU C 168 16.32 -36.04 -28.40
C GLU C 168 15.48 -35.14 -29.28
N GLU C 169 14.25 -34.82 -28.83
CA GLU C 169 13.45 -33.82 -29.52
C GLU C 169 14.24 -32.53 -29.72
N VAL C 170 14.84 -32.02 -28.66
CA VAL C 170 15.62 -30.78 -28.76
C VAL C 170 16.87 -31.01 -29.59
N ALA C 171 17.56 -32.15 -29.37
CA ALA C 171 18.79 -32.41 -30.11
C ALA C 171 18.52 -32.56 -31.60
N ARG C 172 17.39 -33.16 -31.96
CA ARG C 172 17.07 -33.32 -33.38
C ARG C 172 16.83 -31.97 -34.07
N GLU C 173 16.31 -30.99 -33.35
CA GLU C 173 16.07 -29.68 -33.94
C GLU C 173 17.32 -28.80 -33.98
N GLY C 174 18.46 -29.29 -33.50
CA GLY C 174 19.71 -28.60 -33.73
C GLY C 174 20.57 -28.27 -32.53
N ALA C 175 20.08 -28.57 -31.33
CA ALA C 175 20.81 -28.21 -30.12
C ALA C 175 22.16 -28.92 -30.05
N ASP C 176 23.23 -28.14 -29.87
CA ASP C 176 24.55 -28.71 -29.65
C ASP C 176 24.76 -29.05 -28.19
N VAL C 177 24.42 -28.13 -27.30
CA VAL C 177 24.43 -28.36 -25.86
C VAL C 177 23.03 -28.16 -25.33
N ILE C 178 22.67 -28.93 -24.31
CA ILE C 178 21.37 -28.83 -23.67
C ILE C 178 21.60 -28.67 -22.17
N VAL C 179 21.09 -27.59 -21.60
CA VAL C 179 21.26 -27.29 -20.19
C VAL C 179 19.96 -27.63 -19.49
N ASN C 180 19.99 -28.70 -18.69
CA ASN C 180 18.79 -29.25 -18.07
C ASN C 180 18.61 -28.62 -16.70
N CYS C 181 17.75 -27.59 -16.63
CA CYS C 181 17.45 -26.89 -15.39
C CYS C 181 15.97 -27.04 -15.09
N THR C 182 15.48 -28.27 -15.21
CA THR C 182 14.05 -28.55 -15.32
C THR C 182 13.38 -28.80 -13.97
N GLY C 183 14.08 -28.56 -12.87
CA GLY C 183 13.49 -28.59 -11.55
C GLY C 183 13.01 -29.96 -11.11
N VAL C 184 12.03 -29.93 -10.20
CA VAL C 184 11.47 -31.16 -9.67
C VAL C 184 10.94 -32.07 -10.77
N TRP C 185 10.65 -31.53 -11.95
CA TRP C 185 10.09 -32.29 -13.05
C TRP C 185 11.15 -32.96 -13.92
N ALA C 186 12.40 -33.02 -13.45
CA ALA C 186 13.48 -33.58 -14.27
C ALA C 186 13.23 -35.04 -14.64
N GLY C 187 12.57 -35.80 -13.76
CA GLY C 187 12.39 -37.22 -14.01
C GLY C 187 11.67 -37.52 -15.32
N ALA C 188 10.77 -36.63 -15.75
CA ALA C 188 10.01 -36.85 -16.97
C ALA C 188 10.88 -36.81 -18.23
N LEU C 189 12.13 -36.38 -18.12
CA LEU C 189 13.06 -36.41 -19.25
C LEU C 189 14.14 -37.47 -19.11
N GLN C 190 14.49 -37.83 -17.88
CA GLN C 190 15.44 -38.91 -17.63
C GLN C 190 15.18 -39.42 -16.22
N ARG C 191 14.74 -40.68 -16.12
CA ARG C 191 14.38 -41.26 -14.84
C ARG C 191 15.46 -41.00 -13.80
N ASP C 192 15.07 -40.41 -12.67
CA ASP C 192 15.97 -40.12 -11.56
C ASP C 192 15.29 -40.55 -10.27
N PRO C 193 15.63 -41.72 -9.72
CA PRO C 193 14.96 -42.18 -8.49
C PRO C 193 15.32 -41.38 -7.26
N LEU C 194 16.41 -40.60 -7.29
CA LEU C 194 16.81 -39.80 -6.15
C LEU C 194 16.11 -38.45 -6.09
N LEU C 195 15.38 -38.08 -7.14
CA LEU C 195 14.68 -36.80 -7.19
C LEU C 195 13.23 -37.01 -6.82
N GLN C 196 12.73 -36.19 -5.90
CA GLN C 196 11.35 -36.27 -5.45
C GLN C 196 10.91 -34.88 -5.00
N PRO C 197 9.63 -34.57 -5.12
CA PRO C 197 9.16 -33.22 -4.75
C PRO C 197 9.03 -33.08 -3.24
N GLY C 198 9.64 -32.03 -2.70
CA GLY C 198 9.32 -31.63 -1.35
C GLY C 198 8.25 -30.57 -1.37
N ARG C 199 7.00 -30.98 -1.20
CA ARG C 199 5.89 -30.05 -1.35
C ARG C 199 5.85 -29.07 -0.18
N GLY C 200 5.67 -27.79 -0.50
CA GLY C 200 5.53 -26.77 0.50
C GLY C 200 4.34 -25.89 0.22
N GLN C 201 3.90 -25.18 1.26
CA GLN C 201 2.78 -24.26 1.15
C GLN C 201 3.04 -23.06 2.04
N ILE C 202 2.75 -21.88 1.50
CA ILE C 202 2.96 -20.63 2.22
C ILE C 202 1.73 -19.76 2.04
N MET C 203 1.58 -18.80 2.95
CA MET C 203 0.62 -17.73 2.79
C MET C 203 1.32 -16.40 3.04
N LYS C 204 0.97 -15.39 2.25
CA LYS C 204 1.57 -14.07 2.33
C LYS C 204 0.59 -13.13 3.00
N VAL C 205 1.03 -12.46 4.07
CA VAL C 205 0.17 -11.59 4.85
C VAL C 205 0.76 -10.20 4.89
N ASP C 206 -0.10 -9.22 5.17
CA ASP C 206 0.32 -7.83 5.33
C ASP C 206 0.63 -7.60 6.80
N ALA C 207 1.92 -7.47 7.12
CA ALA C 207 2.38 -7.20 8.49
C ALA C 207 3.70 -6.46 8.40
N PRO C 208 3.68 -5.20 8.00
CA PRO C 208 4.93 -4.49 7.70
C PRO C 208 5.77 -4.16 8.92
N TRP C 209 5.24 -4.35 10.13
CA TRP C 209 6.06 -4.15 11.31
C TRP C 209 7.07 -5.27 11.53
N MET C 210 6.89 -6.41 10.84
CA MET C 210 7.86 -7.49 10.92
C MET C 210 9.13 -7.12 10.18
N LYS C 211 10.24 -6.99 10.91
CA LYS C 211 11.53 -6.67 10.32
C LYS C 211 12.56 -7.77 10.44
N HIS C 212 12.26 -8.85 11.18
CA HIS C 212 13.16 -9.99 11.32
C HIS C 212 12.48 -11.23 10.77
N PHE C 213 13.30 -12.18 10.30
CA PHE C 213 12.81 -13.50 9.99
C PHE C 213 12.87 -14.38 11.24
N ILE C 214 11.92 -15.31 11.34
CA ILE C 214 11.82 -16.20 12.48
C ILE C 214 11.66 -17.61 11.94
N LEU C 215 12.72 -18.41 12.05
CA LEU C 215 12.71 -19.78 11.58
C LEU C 215 12.72 -20.72 12.78
N THR C 216 11.71 -21.58 12.84
CA THR C 216 11.59 -22.57 13.90
C THR C 216 12.10 -23.91 13.41
N HIS C 217 12.70 -24.68 14.33
CA HIS C 217 13.29 -25.96 14.01
C HIS C 217 12.85 -27.02 14.99
N ASP C 218 12.52 -28.21 14.46
CA ASP C 218 12.14 -29.36 15.24
C ASP C 218 12.63 -30.61 14.53
N PRO C 219 13.58 -31.35 15.11
CA PRO C 219 14.15 -32.48 14.36
C PRO C 219 13.15 -33.60 14.11
N GLU C 220 12.28 -33.88 15.08
CA GLU C 220 11.27 -34.91 14.90
C GLU C 220 10.40 -34.64 13.68
N ARG C 221 10.14 -33.38 13.36
CA ARG C 221 9.24 -33.04 12.27
C ARG C 221 9.95 -32.87 10.93
N GLY C 222 11.27 -32.72 10.91
CA GLY C 222 11.99 -32.48 9.68
C GLY C 222 12.15 -31.00 9.39
N ILE C 223 13.10 -30.70 8.51
CA ILE C 223 13.43 -29.30 8.22
C ILE C 223 12.26 -28.64 7.51
N TYR C 224 11.95 -27.41 7.91
CA TYR C 224 10.89 -26.59 7.33
C TYR C 224 9.52 -27.22 7.49
N ASN C 225 9.40 -28.23 8.35
CA ASN C 225 8.10 -28.71 8.83
C ASN C 225 7.72 -28.06 10.15
N SER C 226 8.20 -26.85 10.37
CA SER C 226 7.99 -26.09 11.60
C SER C 226 7.71 -24.65 11.22
N PRO C 227 7.06 -23.89 12.10
CA PRO C 227 6.64 -22.53 11.74
C PRO C 227 7.84 -21.65 11.41
N TYR C 228 7.74 -20.90 10.31
CA TYR C 228 8.73 -19.88 10.00
C TYR C 228 8.02 -18.64 9.44
N ILE C 229 8.67 -17.50 9.62
CA ILE C 229 8.12 -16.20 9.24
C ILE C 229 9.24 -15.41 8.56
N ILE C 230 9.04 -15.02 7.31
CA ILE C 230 10.08 -14.37 6.53
C ILE C 230 9.54 -13.06 5.94
N PRO C 231 9.83 -11.91 6.55
CA PRO C 231 9.36 -10.64 5.98
C PRO C 231 9.95 -10.40 4.61
N GLY C 232 9.09 -10.04 3.67
CA GLY C 232 9.50 -9.69 2.32
C GLY C 232 9.43 -8.20 2.08
N THR C 233 9.57 -7.83 0.80
CA THR C 233 9.46 -6.43 0.42
C THR C 233 8.06 -5.90 0.68
N GLN C 234 7.04 -6.54 0.09
CA GLN C 234 5.66 -6.08 0.20
C GLN C 234 4.84 -6.86 1.20
N THR C 235 5.30 -8.02 1.64
CA THR C 235 4.48 -8.91 2.45
C THR C 235 5.37 -9.80 3.29
N VAL C 236 4.74 -10.55 4.18
CA VAL C 236 5.43 -11.50 5.06
C VAL C 236 5.00 -12.91 4.65
N THR C 237 5.99 -13.79 4.52
CA THR C 237 5.73 -15.19 4.19
C THR C 237 5.58 -16.01 5.47
N LEU C 238 4.48 -16.77 5.55
CA LEU C 238 4.22 -17.68 6.65
C LEU C 238 4.24 -19.10 6.11
N GLY C 239 5.11 -19.94 6.68
CA GLY C 239 5.27 -21.28 6.16
C GLY C 239 5.54 -22.35 7.20
N GLY C 240 6.14 -23.46 6.79
CA GLY C 240 6.40 -24.57 7.69
C GLY C 240 5.82 -25.88 7.21
N ILE C 241 5.64 -26.03 5.90
CA ILE C 241 5.07 -27.24 5.30
C ILE C 241 6.13 -27.90 4.42
N PHE C 242 6.50 -29.13 4.76
CA PHE C 242 7.43 -29.93 3.97
C PHE C 242 6.87 -31.34 3.90
N GLN C 243 6.24 -31.68 2.78
CA GLN C 243 5.60 -32.99 2.59
C GLN C 243 6.29 -33.70 1.44
N LEU C 244 7.04 -34.76 1.76
CA LEU C 244 7.77 -35.49 0.75
C LEU C 244 6.82 -36.32 -0.12
N GLY C 245 7.13 -36.39 -1.41
CA GLY C 245 6.38 -37.22 -2.33
C GLY C 245 4.98 -36.76 -2.66
N ASN C 246 4.56 -35.58 -2.21
CA ASN C 246 3.24 -35.06 -2.51
C ASN C 246 3.31 -34.18 -3.74
N TRP C 247 2.62 -34.59 -4.81
CA TRP C 247 2.64 -33.89 -6.08
C TRP C 247 1.43 -32.96 -6.26
N SER C 248 0.64 -32.76 -5.21
CA SER C 248 -0.58 -31.95 -5.32
C SER C 248 -0.21 -30.48 -5.32
N GLU C 249 -0.30 -29.84 -6.49
CA GLU C 249 -0.13 -28.39 -6.58
C GLU C 249 -1.47 -27.72 -6.29
N LEU C 250 -1.86 -27.80 -5.02
CA LEU C 250 -3.16 -27.29 -4.59
C LEU C 250 -3.06 -26.89 -3.12
N ASN C 251 -3.49 -25.68 -2.80
CA ASN C 251 -3.43 -25.22 -1.42
C ASN C 251 -4.37 -26.07 -0.56
N ASN C 252 -3.87 -26.55 0.55
CA ASN C 252 -4.57 -27.50 1.40
C ASN C 252 -5.06 -26.79 2.65
N ILE C 253 -6.35 -26.96 2.96
CA ILE C 253 -6.94 -26.29 4.11
C ILE C 253 -6.27 -26.73 5.41
N GLN C 254 -5.87 -28.01 5.50
CA GLN C 254 -5.19 -28.47 6.71
C GLN C 254 -3.84 -27.79 6.86
N ASP C 255 -3.09 -27.67 5.77
CA ASP C 255 -1.79 -26.99 5.83
C ASP C 255 -1.98 -25.50 6.10
N HIS C 256 -3.02 -24.90 5.52
CA HIS C 256 -3.36 -23.52 5.84
C HIS C 256 -3.49 -23.32 7.35
N ASN C 257 -4.27 -24.18 8.01
CA ASN C 257 -4.44 -24.05 9.45
C ASN C 257 -3.13 -24.28 10.19
N THR C 258 -2.35 -25.28 9.78
CA THR C 258 -1.08 -25.54 10.43
C THR C 258 -0.15 -24.34 10.34
N ILE C 259 -0.13 -23.68 9.19
CA ILE C 259 0.71 -22.49 9.03
C ILE C 259 0.23 -21.37 9.92
N TRP C 260 -1.08 -21.16 9.99
CA TRP C 260 -1.62 -20.04 10.74
C TRP C 260 -1.45 -20.25 12.25
N GLU C 261 -1.91 -21.39 12.77
CA GLU C 261 -1.76 -21.65 14.20
C GLU C 261 -0.30 -21.71 14.61
N GLY C 262 0.58 -22.15 13.71
CA GLY C 262 1.99 -22.23 14.03
C GLY C 262 2.62 -20.86 14.22
N CYS C 263 2.41 -19.97 13.25
CA CYS C 263 3.04 -18.65 13.32
C CYS C 263 2.36 -17.72 14.31
N CYS C 264 1.06 -17.87 14.52
CA CYS C 264 0.37 -17.02 15.48
C CYS C 264 0.86 -17.30 16.90
N ARG C 265 1.09 -18.57 17.24
CA ARG C 265 1.67 -18.88 18.54
C ARG C 265 3.12 -18.43 18.62
N LEU C 266 3.80 -18.34 17.48
CA LEU C 266 5.18 -17.87 17.46
C LEU C 266 5.26 -16.35 17.48
N GLU C 267 4.32 -15.67 16.83
CA GLU C 267 4.26 -14.21 16.80
C GLU C 267 2.81 -13.79 17.02
N PRO C 268 2.38 -13.71 18.29
CA PRO C 268 0.96 -13.39 18.56
C PRO C 268 0.46 -12.15 17.85
N THR C 269 1.33 -11.19 17.54
CA THR C 269 0.89 -10.00 16.82
C THR C 269 0.42 -10.31 15.41
N LEU C 270 0.53 -11.56 14.97
CA LEU C 270 0.12 -11.95 13.62
C LEU C 270 -1.38 -12.18 13.50
N LYS C 271 -2.09 -12.34 14.63
CA LYS C 271 -3.51 -12.64 14.57
C LYS C 271 -4.30 -11.57 13.83
N ASN C 272 -3.83 -10.34 13.83
CA ASN C 272 -4.54 -9.24 13.18
C ASN C 272 -3.86 -8.82 11.87
N ALA C 273 -3.27 -9.77 11.16
CA ALA C 273 -2.71 -9.53 9.85
C ALA C 273 -3.60 -10.12 8.77
N ARG C 274 -3.82 -9.34 7.71
CA ARG C 274 -4.68 -9.76 6.62
C ARG C 274 -3.93 -10.68 5.67
N ILE C 275 -4.59 -11.76 5.27
CA ILE C 275 -4.00 -12.70 4.31
C ILE C 275 -4.14 -12.12 2.91
N ILE C 276 -3.04 -12.12 2.16
CA ILE C 276 -3.02 -11.56 0.81
C ILE C 276 -3.05 -12.65 -0.24
N GLY C 277 -2.40 -13.78 0.02
CA GLY C 277 -2.35 -14.87 -0.93
C GLY C 277 -1.85 -16.13 -0.28
N GLU C 278 -1.78 -17.19 -1.08
CA GLU C 278 -1.31 -18.49 -0.61
C GLU C 278 -0.90 -19.31 -1.82
N ARG C 279 0.27 -19.93 -1.74
CA ARG C 279 0.86 -20.63 -2.86
C ARG C 279 1.38 -21.99 -2.41
N THR C 280 1.51 -22.90 -3.38
CA THR C 280 2.05 -24.23 -3.16
C THR C 280 3.19 -24.47 -4.15
N GLY C 281 4.27 -25.08 -3.66
CA GLY C 281 5.43 -25.35 -4.49
C GLY C 281 6.02 -26.71 -4.18
N PHE C 282 7.00 -27.09 -5.00
CA PHE C 282 7.66 -28.39 -4.89
C PHE C 282 9.17 -28.18 -4.84
N ARG C 283 9.74 -28.27 -3.65
CA ARG C 283 11.18 -28.27 -3.51
C ARG C 283 11.77 -29.45 -4.28
N PRO C 284 12.62 -29.23 -5.28
CA PRO C 284 13.21 -30.37 -5.99
C PRO C 284 14.20 -31.12 -5.11
N VAL C 285 13.68 -31.95 -4.21
CA VAL C 285 14.52 -32.61 -3.22
C VAL C 285 15.38 -33.69 -3.88
N ARG C 286 16.60 -33.84 -3.39
CA ARG C 286 17.56 -34.81 -3.89
C ARG C 286 18.72 -34.89 -2.90
N PRO C 287 19.27 -36.09 -2.65
CA PRO C 287 20.34 -36.22 -1.65
C PRO C 287 21.47 -35.23 -1.87
N GLN C 288 21.63 -34.79 -3.11
CA GLN C 288 22.61 -33.76 -3.47
C GLN C 288 22.31 -33.31 -4.88
N ILE C 289 22.61 -32.04 -5.17
CA ILE C 289 22.35 -31.49 -6.48
C ILE C 289 23.03 -32.35 -7.54
N ARG C 290 22.39 -32.44 -8.70
CA ARG C 290 23.00 -33.08 -9.87
C ARG C 290 23.48 -31.98 -10.80
N LEU C 291 24.76 -31.62 -10.68
CA LEU C 291 25.40 -30.62 -11.52
C LEU C 291 26.57 -31.32 -12.21
N GLU C 292 26.32 -31.82 -13.42
CA GLU C 292 27.29 -32.68 -14.09
C GLU C 292 26.94 -32.75 -15.57
N ARG C 293 27.93 -33.16 -16.36
CA ARG C 293 27.75 -33.33 -17.80
C ARG C 293 27.31 -34.75 -18.13
N GLU C 294 26.79 -34.93 -19.34
CA GLU C 294 26.45 -36.25 -19.84
C GLU C 294 26.48 -36.21 -21.37
N GLN C 295 27.29 -37.08 -21.97
CA GLN C 295 27.22 -37.27 -23.41
C GLN C 295 25.94 -38.03 -23.76
N LEU C 296 25.07 -37.40 -24.52
CA LEU C 296 23.81 -38.03 -24.93
C LEU C 296 24.07 -38.76 -26.24
N ARG C 297 24.15 -40.09 -26.17
CA ARG C 297 24.47 -40.90 -27.35
C ARG C 297 23.22 -41.08 -28.21
N THR C 298 22.61 -39.97 -28.61
CA THR C 298 21.36 -39.98 -29.36
C THR C 298 21.59 -39.40 -30.75
N GLY C 299 21.01 -40.04 -31.75
CA GLY C 299 21.14 -39.62 -33.12
C GLY C 299 22.47 -40.02 -33.71
N PRO C 300 22.73 -39.61 -34.97
CA PRO C 300 24.02 -39.94 -35.58
C PRO C 300 25.21 -39.46 -34.77
N SER C 301 25.20 -38.20 -34.36
CA SER C 301 26.27 -37.63 -33.54
C SER C 301 25.82 -37.52 -32.09
N ASN C 302 26.69 -36.94 -31.26
CA ASN C 302 26.45 -36.80 -29.84
C ASN C 302 26.12 -35.34 -29.51
N THR C 303 25.00 -35.13 -28.82
CA THR C 303 24.62 -33.83 -28.30
C THR C 303 24.96 -33.76 -26.82
N GLU C 304 25.61 -32.69 -26.41
CA GLU C 304 26.07 -32.56 -25.04
C GLU C 304 24.93 -32.11 -24.13
N VAL C 305 24.87 -32.69 -22.93
CA VAL C 305 23.84 -32.37 -21.95
C VAL C 305 24.50 -32.07 -20.62
N ILE C 306 24.03 -31.00 -19.97
CA ILE C 306 24.58 -30.56 -18.70
C ILE C 306 23.43 -30.38 -17.72
N HIS C 307 23.45 -31.14 -16.62
CA HIS C 307 22.34 -31.17 -15.68
C HIS C 307 22.55 -30.17 -14.56
N ASN C 308 21.47 -29.50 -14.17
CA ASN C 308 21.48 -28.58 -13.04
C ASN C 308 20.08 -28.62 -12.41
N TYR C 309 19.92 -29.47 -11.41
CA TYR C 309 18.64 -29.61 -10.74
C TYR C 309 18.84 -30.34 -9.41
N GLY C 310 17.78 -30.38 -8.62
CA GLY C 310 17.84 -31.00 -7.31
C GLY C 310 18.28 -30.10 -6.19
N HIS C 311 17.98 -28.80 -6.27
CA HIS C 311 18.43 -27.85 -5.26
C HIS C 311 17.51 -27.79 -4.05
N GLY C 312 16.48 -28.64 -3.99
CA GLY C 312 15.67 -28.75 -2.80
C GLY C 312 15.15 -27.42 -2.30
N GLY C 313 15.19 -27.24 -0.99
CA GLY C 313 14.70 -26.02 -0.36
C GLY C 313 15.75 -24.95 -0.20
N TYR C 314 16.79 -24.99 -1.03
CA TYR C 314 17.85 -23.97 -0.97
C TYR C 314 18.28 -23.53 -2.36
N GLY C 315 17.35 -23.49 -3.31
CA GLY C 315 17.65 -23.10 -4.67
C GLY C 315 18.23 -21.71 -4.79
N LEU C 316 17.48 -20.69 -4.32
CA LEU C 316 17.99 -19.33 -4.36
C LEU C 316 19.32 -19.18 -3.64
N THR C 317 19.62 -20.07 -2.69
CA THR C 317 20.81 -19.91 -1.86
C THR C 317 22.09 -20.26 -2.63
N ILE C 318 22.06 -21.34 -3.41
CA ILE C 318 23.25 -21.79 -4.15
C ILE C 318 23.22 -21.40 -5.62
N HIS C 319 22.13 -20.81 -6.11
CA HIS C 319 21.92 -20.72 -7.56
C HIS C 319 23.12 -20.13 -8.29
N TRP C 320 23.80 -19.16 -7.67
CA TRP C 320 24.88 -18.48 -8.37
C TRP C 320 26.11 -19.37 -8.47
N GLY C 321 26.51 -19.98 -7.35
CA GLY C 321 27.61 -20.95 -7.41
C GLY C 321 27.35 -22.05 -8.43
N CYS C 322 26.12 -22.56 -8.47
CA CYS C 322 25.79 -23.59 -9.45
C CYS C 322 25.88 -23.04 -10.87
N ALA C 323 25.42 -21.82 -11.09
CA ALA C 323 25.51 -21.22 -12.42
C ALA C 323 26.95 -21.13 -12.90
N LEU C 324 27.86 -20.72 -12.01
CA LEU C 324 29.26 -20.61 -12.38
C LEU C 324 29.86 -21.99 -12.63
N GLU C 325 29.47 -22.99 -11.84
CA GLU C 325 29.95 -24.34 -12.06
C GLU C 325 29.41 -24.92 -13.36
N ALA C 326 28.17 -24.57 -13.72
CA ALA C 326 27.61 -25.02 -14.99
C ALA C 326 28.33 -24.36 -16.16
N ALA C 327 28.75 -23.10 -16.00
CA ALA C 327 29.48 -22.43 -17.07
C ALA C 327 30.88 -23.01 -17.23
N LYS C 328 31.51 -23.41 -16.13
CA LYS C 328 32.78 -24.13 -16.21
C LYS C 328 32.64 -25.35 -17.12
N LEU C 329 31.73 -26.26 -16.77
CA LEU C 329 31.51 -27.45 -17.59
C LEU C 329 31.28 -27.09 -19.05
N PHE C 330 30.46 -26.07 -19.30
CA PHE C 330 30.28 -25.60 -20.67
C PHE C 330 31.62 -25.24 -21.31
N GLY C 331 32.53 -24.68 -20.51
CA GLY C 331 33.85 -24.35 -21.04
C GLY C 331 34.62 -25.58 -21.49
N ARG C 332 34.68 -26.60 -20.63
CA ARG C 332 35.35 -27.83 -21.02
C ARG C 332 34.75 -28.43 -22.28
N ILE C 333 33.43 -28.28 -22.45
CA ILE C 333 32.79 -28.71 -23.70
C ILE C 333 33.39 -27.97 -24.89
N LEU C 334 33.79 -26.72 -24.68
CA LEU C 334 34.37 -25.95 -25.78
C LEU C 334 35.80 -26.41 -26.08
N GLU C 335 36.56 -26.79 -25.05
CA GLU C 335 37.90 -27.31 -25.28
C GLU C 335 37.86 -28.59 -26.09
N GLU C 336 37.00 -29.53 -25.72
CA GLU C 336 36.95 -30.81 -26.41
C GLU C 336 36.52 -30.63 -27.87
N LYS C 337 35.58 -29.73 -28.12
CA LYS C 337 35.22 -29.41 -29.50
C LYS C 337 36.32 -28.64 -30.22
N LYS C 338 37.44 -28.37 -29.54
CA LYS C 338 38.59 -27.70 -30.13
C LYS C 338 38.20 -26.38 -30.77
N LEU C 339 37.36 -25.63 -30.07
CA LEU C 339 36.99 -24.27 -30.45
C LEU C 339 37.05 -23.34 -29.24
N SER C 340 38.14 -23.47 -28.47
CA SER C 340 38.36 -22.64 -27.29
C SER C 340 39.82 -22.23 -27.20
N MET D 1 -10.52 16.20 44.20
CA MET D 1 -9.19 16.18 43.61
C MET D 1 -9.26 16.32 42.10
N ARG D 2 -9.17 17.54 41.61
CA ARG D 2 -9.26 17.83 40.18
C ARG D 2 -7.86 18.08 39.63
N VAL D 3 -7.43 17.23 38.71
CA VAL D 3 -6.11 17.31 38.09
C VAL D 3 -6.26 17.84 36.68
N VAL D 4 -5.26 18.62 36.24
CA VAL D 4 -5.25 19.20 34.90
C VAL D 4 -3.88 18.96 34.29
N VAL D 5 -3.87 18.32 33.12
CA VAL D 5 -2.63 18.00 32.41
C VAL D 5 -2.56 18.88 31.17
N ILE D 6 -1.53 19.72 31.11
CA ILE D 6 -1.29 20.56 29.94
C ILE D 6 -0.33 19.82 29.01
N GLY D 7 -0.79 19.52 27.81
CA GLY D 7 0.03 18.83 26.84
C GLY D 7 -0.52 17.47 26.45
N ALA D 8 -0.76 17.26 25.16
CA ALA D 8 -1.26 16.01 24.63
C ALA D 8 -0.19 15.21 23.89
N GLY D 9 1.08 15.54 24.12
CA GLY D 9 2.16 14.75 23.58
C GLY D 9 2.30 13.44 24.34
N VAL D 10 3.38 12.73 24.04
CA VAL D 10 3.63 11.47 24.74
C VAL D 10 3.79 11.70 26.23
N ILE D 11 4.51 12.75 26.62
CA ILE D 11 4.74 13.01 28.03
C ILE D 11 3.43 13.31 28.73
N GLY D 12 2.59 14.14 28.13
CA GLY D 12 1.31 14.45 28.72
C GLY D 12 0.40 13.25 28.83
N LEU D 13 0.18 12.55 27.72
CA LEU D 13 -0.76 11.44 27.71
C LEU D 13 -0.29 10.29 28.58
N SER D 14 0.96 9.85 28.40
CA SER D 14 1.47 8.75 29.21
C SER D 14 1.42 9.10 30.70
N THR D 15 1.76 10.35 31.04
CA THR D 15 1.70 10.77 32.44
C THR D 15 0.28 10.72 32.96
N ALA D 16 -0.66 11.34 32.24
CA ALA D 16 -2.07 11.27 32.63
C ALA D 16 -2.51 9.82 32.83
N LEU D 17 -2.05 8.92 31.97
CA LEU D 17 -2.42 7.51 32.11
C LEU D 17 -1.89 6.93 33.42
N CYS D 18 -0.58 7.06 33.65
CA CYS D 18 0.02 6.52 34.86
C CYS D 18 -0.70 7.02 36.11
N ILE D 19 -0.93 8.33 36.18
CA ILE D 19 -1.55 8.89 37.38
C ILE D 19 -2.92 8.27 37.62
N HIS D 20 -3.68 8.04 36.54
CA HIS D 20 -5.00 7.45 36.69
C HIS D 20 -4.94 5.97 37.03
N GLU D 21 -3.93 5.26 36.51
CA GLU D 21 -3.80 3.83 36.81
C GLU D 21 -3.48 3.59 38.28
N ARG D 22 -2.78 4.52 38.92
CA ARG D 22 -2.30 4.27 40.28
C ARG D 22 -3.24 4.79 41.36
N TYR D 23 -3.94 5.89 41.11
CA TYR D 23 -4.68 6.58 42.15
C TYR D 23 -6.15 6.79 41.83
N HIS D 24 -6.67 6.15 40.78
CA HIS D 24 -8.11 6.20 40.53
C HIS D 24 -8.87 5.36 41.54
N SER D 25 -8.22 4.39 42.17
CA SER D 25 -8.85 3.55 43.17
C SER D 25 -8.73 4.08 44.59
N VAL D 26 -7.76 4.96 44.84
CA VAL D 26 -7.51 5.49 46.18
C VAL D 26 -7.99 6.92 46.34
N LEU D 27 -8.52 7.52 45.28
CA LEU D 27 -9.08 8.87 45.33
C LEU D 27 -10.51 8.79 44.80
N GLN D 28 -11.48 8.95 45.70
CA GLN D 28 -12.89 8.93 45.28
C GLN D 28 -13.14 9.96 44.19
N PRO D 29 -13.01 11.26 44.46
CA PRO D 29 -13.11 12.27 43.37
C PRO D 29 -11.79 12.55 42.66
N LEU D 30 -11.43 11.68 41.72
CA LEU D 30 -10.24 11.88 40.89
C LEU D 30 -10.70 12.20 39.47
N ASP D 31 -10.85 13.49 39.19
CA ASP D 31 -11.27 13.98 37.88
C ASP D 31 -10.05 14.57 37.17
N ILE D 32 -9.69 13.97 36.03
CA ILE D 32 -8.52 14.36 35.27
C ILE D 32 -8.97 14.90 33.92
N LYS D 33 -8.54 16.12 33.60
CA LYS D 33 -8.72 16.70 32.27
C LYS D 33 -7.35 16.91 31.64
N VAL D 34 -7.34 16.95 30.31
CA VAL D 34 -6.14 17.24 29.54
C VAL D 34 -6.40 18.52 28.74
N TYR D 35 -5.65 19.57 29.05
CA TYR D 35 -5.67 20.80 28.28
C TYR D 35 -4.48 20.79 27.32
N ALA D 36 -4.76 20.80 26.03
CA ALA D 36 -3.70 20.74 25.02
C ALA D 36 -3.95 21.79 23.96
N ASP D 37 -2.86 22.40 23.48
CA ASP D 37 -2.97 23.34 22.37
C ASP D 37 -3.09 22.61 21.05
N ARG D 38 -2.28 21.56 20.85
CA ARG D 38 -2.36 20.72 19.68
C ARG D 38 -2.48 19.27 20.11
N PHE D 39 -3.30 18.50 19.39
CA PHE D 39 -3.41 17.07 19.59
C PHE D 39 -2.84 16.33 18.39
N THR D 40 -2.59 15.05 18.57
CA THR D 40 -2.10 14.23 17.47
C THR D 40 -3.02 14.39 16.27
N PRO D 41 -2.48 14.44 15.05
CA PRO D 41 -1.05 14.28 14.76
C PRO D 41 -0.32 15.60 14.51
N LEU D 42 -0.58 16.61 15.33
CA LEU D 42 0.05 17.92 15.18
C LEU D 42 1.13 18.18 16.22
N THR D 43 1.47 17.18 17.03
CA THR D 43 2.46 17.38 18.09
C THR D 43 3.84 16.96 17.61
N THR D 44 4.86 17.42 18.36
CA THR D 44 6.23 17.02 18.04
C THR D 44 6.40 15.51 18.16
N THR D 45 5.57 14.84 18.96
CA THR D 45 5.67 13.39 19.11
C THR D 45 5.34 12.67 17.82
N ASP D 46 4.46 13.25 16.98
CA ASP D 46 4.09 12.63 15.73
C ASP D 46 5.25 12.63 14.73
N VAL D 47 6.06 13.69 14.75
CA VAL D 47 7.17 13.79 13.79
C VAL D 47 8.23 12.73 14.05
N ALA D 48 8.44 12.36 15.31
CA ALA D 48 9.56 11.49 15.66
C ALA D 48 9.42 10.12 15.01
N ALA D 49 10.55 9.53 14.64
CA ALA D 49 10.52 8.18 14.08
C ALA D 49 10.02 7.18 15.12
N GLY D 50 10.54 7.27 16.34
CA GLY D 50 10.13 6.41 17.42
C GLY D 50 11.15 5.38 17.85
N LEU D 51 12.39 5.47 17.37
CA LEU D 51 13.42 4.52 17.75
C LEU D 51 13.81 4.72 19.21
N TRP D 52 13.94 3.61 19.94
CA TRP D 52 14.44 3.65 21.30
C TRP D 52 15.96 3.71 21.27
N GLN D 53 16.50 4.89 21.57
CA GLN D 53 17.94 5.01 21.77
C GLN D 53 18.23 6.32 22.49
N PRO D 54 18.91 6.27 23.63
CA PRO D 54 19.29 7.51 24.31
C PRO D 54 20.54 8.12 23.65
N TYR D 55 20.85 9.34 24.07
CA TYR D 55 22.10 9.93 23.66
C TYR D 55 23.27 9.01 24.02
N LEU D 56 24.36 9.17 23.29
CA LEU D 56 25.51 8.28 23.45
C LEU D 56 26.29 8.58 24.71
N SER D 57 26.38 9.84 25.12
CA SER D 57 27.03 10.20 26.36
C SER D 57 26.04 10.15 27.52
N ASP D 58 26.54 9.79 28.70
CA ASP D 58 25.68 9.62 29.85
C ASP D 58 25.04 10.96 30.23
N PRO D 59 23.80 10.93 30.73
CA PRO D 59 23.11 12.18 31.07
C PRO D 59 23.65 12.81 32.34
N ASN D 60 23.54 14.13 32.42
CA ASN D 60 23.96 14.84 33.62
C ASN D 60 23.17 14.42 34.85
N ASN D 61 21.96 13.90 34.66
CA ASN D 61 21.17 13.32 35.74
C ASN D 61 21.12 11.81 35.56
N PRO D 62 21.83 11.03 36.39
CA PRO D 62 21.84 9.57 36.18
C PRO D 62 20.46 8.93 36.25
N GLN D 63 19.47 9.58 36.86
CA GLN D 63 18.14 8.99 36.93
C GLN D 63 17.60 8.67 35.54
N GLU D 64 17.97 9.47 34.54
CA GLU D 64 17.42 9.27 33.20
C GLU D 64 17.79 7.89 32.66
N ALA D 65 19.01 7.43 32.91
CA ALA D 65 19.39 6.08 32.49
C ALA D 65 18.40 5.05 33.01
N ASP D 66 18.03 5.16 34.29
CA ASP D 66 17.00 4.29 34.83
C ASP D 66 15.67 4.50 34.10
N TRP D 67 15.31 5.76 33.85
CA TRP D 67 14.04 6.03 33.17
C TRP D 67 14.02 5.43 31.78
N SER D 68 15.13 5.56 31.04
CA SER D 68 15.22 4.90 29.73
C SER D 68 15.08 3.39 29.87
N GLN D 69 15.82 2.80 30.80
CA GLN D 69 15.82 1.34 30.92
C GLN D 69 14.46 0.82 31.37
N GLN D 70 13.74 1.59 32.20
CA GLN D 70 12.39 1.19 32.58
C GLN D 70 11.46 1.18 31.37
N THR D 71 11.59 2.18 30.50
CA THR D 71 10.73 2.24 29.32
C THR D 71 10.98 1.07 28.38
N PHE D 72 12.25 0.70 28.19
CA PHE D 72 12.55 -0.40 27.27
C PHE D 72 11.99 -1.71 27.79
N ASP D 73 12.16 -1.99 29.08
CA ASP D 73 11.61 -3.23 29.63
C ASP D 73 10.10 -3.26 29.51
N TYR D 74 9.45 -2.12 29.77
CA TYR D 74 7.99 -2.04 29.64
C TYR D 74 7.55 -2.38 28.21
N LEU D 75 8.06 -1.63 27.23
CA LEU D 75 7.67 -1.87 25.84
C LEU D 75 8.05 -3.27 25.39
N LEU D 76 9.25 -3.73 25.75
CA LEU D 76 9.70 -5.05 25.31
C LEU D 76 8.78 -6.15 25.83
N SER D 77 8.24 -5.98 27.04
CA SER D 77 7.34 -7.00 27.59
C SER D 77 5.99 -7.02 26.90
N HIS D 78 5.76 -6.12 25.94
CA HIS D 78 4.54 -6.11 25.15
C HIS D 78 4.80 -6.27 23.66
N VAL D 79 6.06 -6.44 23.25
CA VAL D 79 6.39 -6.58 21.84
C VAL D 79 5.58 -7.71 21.21
N HIS D 80 5.21 -8.72 21.99
CA HIS D 80 4.40 -9.83 21.50
C HIS D 80 2.98 -9.82 22.02
N SER D 81 2.59 -8.79 22.77
CA SER D 81 1.21 -8.68 23.15
C SER D 81 0.35 -8.61 21.90
N PRO D 82 -0.94 -8.92 22.00
CA PRO D 82 -1.78 -8.91 20.79
C PRO D 82 -1.99 -7.52 20.23
N ASN D 83 -2.04 -6.50 21.08
CA ASN D 83 -2.29 -5.13 20.66
C ASN D 83 -1.01 -4.36 20.34
N ALA D 84 0.12 -5.05 20.16
CA ALA D 84 1.34 -4.34 19.82
C ALA D 84 1.20 -3.55 18.53
N GLU D 85 0.40 -4.05 17.58
CA GLU D 85 0.14 -3.31 16.35
C GLU D 85 -0.59 -2.01 16.63
N ASN D 86 -1.46 -1.99 17.64
CA ASN D 86 -2.18 -0.78 18.00
C ASN D 86 -1.24 0.26 18.61
N LEU D 87 -0.31 -0.18 19.46
CA LEU D 87 0.69 0.73 20.01
C LEU D 87 1.70 1.21 18.98
N GLY D 88 1.72 0.61 17.79
CA GLY D 88 2.77 0.91 16.84
C GLY D 88 4.12 0.46 17.34
N LEU D 89 4.19 -0.67 18.03
CA LEU D 89 5.41 -1.19 18.60
C LEU D 89 5.91 -2.38 17.80
N PHE D 90 7.23 -2.53 17.73
CA PHE D 90 7.83 -3.67 17.05
C PHE D 90 9.34 -3.63 17.23
N LEU D 91 9.96 -4.78 17.04
CA LEU D 91 11.41 -4.92 17.14
C LEU D 91 12.09 -4.48 15.85
N ILE D 92 13.29 -3.92 15.99
CA ILE D 92 14.10 -3.54 14.83
C ILE D 92 15.56 -3.56 15.26
N SER D 93 16.41 -4.06 14.37
CA SER D 93 17.86 -4.06 14.55
C SER D 93 18.48 -3.09 13.54
N GLY D 94 19.76 -2.77 13.75
CA GLY D 94 20.39 -1.79 12.89
C GLY D 94 21.79 -1.45 13.38
N TYR D 95 22.39 -0.48 12.70
CA TYR D 95 23.78 -0.13 12.88
C TYR D 95 23.94 1.28 13.40
N ASN D 96 24.95 1.49 14.23
CA ASN D 96 25.43 2.82 14.60
C ASN D 96 26.83 2.98 14.01
N LEU D 97 26.98 3.94 13.10
CA LEU D 97 28.20 4.06 12.31
C LEU D 97 29.01 5.27 12.76
N PHE D 98 30.31 5.07 12.97
CA PHE D 98 31.24 6.12 13.36
C PHE D 98 32.42 6.12 12.40
N HIS D 99 33.22 7.19 12.49
CA HIS D 99 34.48 7.24 11.77
C HIS D 99 35.64 6.70 12.60
N GLU D 100 35.69 7.08 13.87
CA GLU D 100 36.74 6.62 14.78
C GLU D 100 36.12 5.87 15.94
N ALA D 101 36.89 4.93 16.49
CA ALA D 101 36.41 4.12 17.60
C ALA D 101 36.07 5.00 18.80
N ILE D 102 34.96 4.67 19.47
CA ILE D 102 34.51 5.43 20.63
C ILE D 102 33.94 4.45 21.66
N PRO D 103 33.77 4.86 22.91
CA PRO D 103 33.39 3.92 23.97
C PRO D 103 31.94 3.47 23.88
N ASP D 104 31.71 2.24 24.31
CA ASP D 104 30.37 1.68 24.32
C ASP D 104 29.44 2.55 25.16
N PRO D 105 28.17 2.64 24.79
CA PRO D 105 27.22 3.46 25.54
C PRO D 105 26.84 2.81 26.86
N SER D 106 26.23 3.63 27.73
CA SER D 106 25.77 3.12 29.02
C SER D 106 24.62 2.14 28.86
N TRP D 107 23.79 2.30 27.84
CA TRP D 107 22.67 1.40 27.59
C TRP D 107 23.06 0.16 26.81
N LYS D 108 24.35 -0.22 26.82
CA LYS D 108 24.80 -1.36 26.02
C LYS D 108 24.07 -2.64 26.41
N ASP D 109 23.72 -2.80 27.69
CA ASP D 109 23.07 -4.00 28.19
C ASP D 109 21.56 -3.88 28.25
N THR D 110 21.00 -2.72 27.93
CA THR D 110 19.55 -2.58 27.86
C THR D 110 19.02 -3.17 26.56
N VAL D 111 19.64 -2.83 25.44
CA VAL D 111 19.25 -3.36 24.14
C VAL D 111 19.68 -4.82 24.05
N LEU D 112 19.21 -5.52 23.02
CA LEU D 112 19.46 -6.94 22.85
C LEU D 112 20.63 -7.16 21.91
N GLY D 113 21.48 -8.12 22.25
CA GLY D 113 22.56 -8.54 21.37
C GLY D 113 23.50 -7.43 20.93
N PHE D 114 23.73 -6.43 21.77
CA PHE D 114 24.69 -5.39 21.46
C PHE D 114 26.05 -6.00 21.10
N ARG D 115 26.75 -5.38 20.16
CA ARG D 115 28.05 -5.88 19.72
C ARG D 115 28.68 -4.87 18.78
N LYS D 116 29.99 -4.96 18.65
CA LYS D 116 30.70 -4.14 17.68
C LYS D 116 30.46 -4.66 16.26
N LEU D 117 30.65 -3.78 15.29
CA LEU D 117 30.43 -4.15 13.90
C LEU D 117 31.58 -4.98 13.36
N THR D 118 31.24 -6.02 12.60
CA THR D 118 32.24 -6.87 11.99
C THR D 118 32.91 -6.15 10.82
N PRO D 119 34.18 -6.47 10.54
CA PRO D 119 34.84 -5.86 9.37
C PRO D 119 34.04 -5.98 8.09
N ARG D 120 33.57 -7.18 7.76
CA ARG D 120 32.72 -7.35 6.59
C ARG D 120 31.52 -6.42 6.66
N GLU D 121 30.92 -6.28 7.84
CA GLU D 121 29.79 -5.36 8.00
C GLU D 121 30.20 -3.93 7.69
N LEU D 122 31.32 -3.49 8.28
CA LEU D 122 31.83 -2.15 8.02
C LEU D 122 32.26 -1.95 6.58
N ASP D 123 32.42 -3.02 5.80
CA ASP D 123 32.75 -2.85 4.39
C ASP D 123 31.56 -2.35 3.59
N MET D 124 30.34 -2.62 4.07
CA MET D 124 29.15 -2.08 3.43
C MET D 124 29.09 -0.55 3.52
N PHE D 125 29.89 0.04 4.40
CA PHE D 125 29.82 1.47 4.69
C PHE D 125 31.23 2.03 4.52
N PRO D 126 31.59 2.46 3.31
CA PRO D 126 32.97 2.92 3.08
C PRO D 126 33.32 4.16 3.88
N ASP D 127 32.38 5.09 4.05
CA ASP D 127 32.62 6.33 4.76
C ASP D 127 32.75 6.15 6.26
N TYR D 128 32.71 4.92 6.78
CA TYR D 128 32.75 4.70 8.21
C TYR D 128 33.60 3.47 8.52
N GLY D 129 34.29 3.52 9.66
CA GLY D 129 35.24 2.48 10.01
C GLY D 129 35.01 1.82 11.35
N TYR D 130 33.94 2.20 12.04
CA TYR D 130 33.62 1.61 13.33
C TYR D 130 32.15 1.85 13.63
N GLY D 131 31.54 0.90 14.35
CA GLY D 131 30.14 1.02 14.69
C GLY D 131 29.68 -0.15 15.52
N TRP D 132 28.42 -0.07 15.96
CA TRP D 132 27.78 -1.08 16.79
C TRP D 132 26.67 -1.78 15.99
N PHE D 133 26.06 -2.76 16.63
CA PHE D 133 24.89 -3.43 16.09
C PHE D 133 24.07 -3.95 17.27
N HIS D 134 22.76 -3.84 17.19
CA HIS D 134 21.92 -4.28 18.29
C HIS D 134 20.46 -4.26 17.85
N THR D 135 19.64 -5.00 18.59
CA THR D 135 18.21 -5.08 18.35
C THR D 135 17.49 -4.16 19.32
N SER D 136 16.67 -3.26 18.78
CA SER D 136 15.98 -2.28 19.60
C SER D 136 14.50 -2.24 19.27
N LEU D 137 13.79 -1.25 19.80
CA LEU D 137 12.35 -1.11 19.63
C LEU D 137 12.03 0.21 18.93
N ILE D 138 10.91 0.22 18.22
CA ILE D 138 10.33 1.42 17.65
C ILE D 138 8.91 1.55 18.19
N LEU D 139 8.56 2.76 18.64
CA LEU D 139 7.23 3.06 19.16
C LEU D 139 6.72 4.27 18.37
N GLU D 140 6.02 4.00 17.27
CA GLU D 140 5.63 5.08 16.36
C GLU D 140 4.65 6.01 17.03
N GLY D 141 4.98 7.30 17.07
CA GLY D 141 4.20 8.25 17.84
C GLY D 141 2.74 8.30 17.41
N LYS D 142 2.49 8.40 16.11
CA LYS D 142 1.12 8.52 15.62
C LYS D 142 0.23 7.43 16.20
N ASN D 143 0.71 6.20 16.24
CA ASN D 143 -0.07 5.11 16.80
C ASN D 143 -0.12 5.19 18.32
N TYR D 144 1.04 5.37 18.96
CA TYR D 144 1.08 5.37 20.42
C TYR D 144 0.22 6.49 20.98
N LEU D 145 0.28 7.69 20.39
CA LEU D 145 -0.55 8.79 20.87
C LEU D 145 -2.02 8.45 20.77
N GLN D 146 -2.44 7.82 19.66
CA GLN D 146 -3.85 7.48 19.50
C GLN D 146 -4.27 6.35 20.44
N TRP D 147 -3.34 5.45 20.78
CA TRP D 147 -3.67 4.40 21.74
C TRP D 147 -3.80 4.95 23.15
N LEU D 148 -2.90 5.85 23.55
CA LEU D 148 -3.03 6.52 24.84
C LEU D 148 -4.36 7.25 24.92
N THR D 149 -4.72 7.97 23.85
CA THR D 149 -5.96 8.73 23.84
C THR D 149 -7.16 7.83 24.16
N GLU D 150 -7.22 6.66 23.52
CA GLU D 150 -8.37 5.78 23.71
C GLU D 150 -8.43 5.21 25.13
N ARG D 151 -7.26 4.92 25.73
CA ARG D 151 -7.25 4.44 27.11
C ARG D 151 -7.74 5.52 28.07
N LEU D 152 -7.22 6.74 27.93
CA LEU D 152 -7.67 7.84 28.77
C LEU D 152 -9.18 8.06 28.61
N THR D 153 -9.64 8.12 27.37
CA THR D 153 -11.06 8.38 27.13
C THR D 153 -11.93 7.32 27.79
N GLU D 154 -11.63 6.04 27.55
CA GLU D 154 -12.39 5.00 28.20
C GLU D 154 -12.19 4.98 29.72
N ARG D 155 -11.21 5.72 30.22
CA ARG D 155 -11.05 5.92 31.65
C ARG D 155 -11.75 7.17 32.15
N GLY D 156 -12.51 7.85 31.29
CA GLY D 156 -13.22 9.06 31.67
C GLY D 156 -12.42 10.34 31.57
N VAL D 157 -11.12 10.27 31.25
CA VAL D 157 -10.33 11.48 31.12
C VAL D 157 -10.85 12.30 29.95
N LYS D 158 -11.27 13.53 30.23
CA LYS D 158 -11.81 14.41 29.21
C LYS D 158 -10.71 15.27 28.61
N PHE D 159 -10.81 15.52 27.32
CA PHE D 159 -9.84 16.30 26.56
C PHE D 159 -10.46 17.62 26.15
N PHE D 160 -9.62 18.66 26.08
CA PHE D 160 -10.09 19.98 25.67
C PHE D 160 -8.99 20.66 24.86
N GLN D 161 -9.34 21.12 23.66
CA GLN D 161 -8.40 21.87 22.82
C GLN D 161 -8.38 23.31 23.30
N ARG D 162 -7.28 23.71 23.94
CA ARG D 162 -7.23 24.99 24.63
C ARG D 162 -5.80 25.38 24.96
N LYS D 163 -5.41 26.61 24.62
CA LYS D 163 -4.09 27.13 24.93
C LYS D 163 -4.11 27.76 26.31
N VAL D 164 -3.32 27.22 27.23
CA VAL D 164 -3.28 27.70 28.61
C VAL D 164 -2.38 28.92 28.69
N GLU D 165 -2.94 30.04 29.15
CA GLU D 165 -2.17 31.29 29.23
C GLU D 165 -1.23 31.32 30.42
N SER D 166 -1.60 30.67 31.53
CA SER D 166 -0.76 30.70 32.72
C SER D 166 -1.23 29.61 33.68
N PHE D 167 -0.33 29.25 34.60
CA PHE D 167 -0.70 28.28 35.63
C PHE D 167 -1.81 28.82 36.52
N GLU D 168 -1.73 30.11 36.87
CA GLU D 168 -2.75 30.68 37.74
C GLU D 168 -4.12 30.67 37.08
N GLU D 169 -4.16 30.85 35.76
CA GLU D 169 -5.42 30.73 35.03
C GLU D 169 -6.11 29.41 35.34
N VAL D 170 -5.35 28.32 35.31
CA VAL D 170 -5.91 27.00 35.58
C VAL D 170 -6.14 26.81 37.07
N ALA D 171 -5.21 27.28 37.91
CA ALA D 171 -5.39 27.18 39.35
C ALA D 171 -6.62 27.96 39.81
N ARG D 172 -6.85 29.14 39.22
CA ARG D 172 -8.01 29.93 39.60
C ARG D 172 -9.31 29.19 39.30
N GLU D 173 -9.36 28.46 38.18
CA GLU D 173 -10.59 27.80 37.78
C GLU D 173 -10.86 26.49 38.54
N GLY D 174 -9.95 26.05 39.38
CA GLY D 174 -10.25 24.93 40.26
C GLY D 174 -9.25 23.79 40.30
N ALA D 175 -8.17 23.90 39.54
CA ALA D 175 -7.19 22.82 39.49
C ALA D 175 -6.46 22.70 40.82
N ASP D 176 -6.38 21.48 41.34
CA ASP D 176 -5.63 21.22 42.57
C ASP D 176 -4.19 20.81 42.28
N VAL D 177 -3.98 20.01 41.24
CA VAL D 177 -2.65 19.65 40.78
C VAL D 177 -2.57 19.93 39.28
N ILE D 178 -1.45 20.50 38.85
CA ILE D 178 -1.24 20.84 37.45
C ILE D 178 0.01 20.12 36.98
N VAL D 179 -0.14 19.22 36.01
CA VAL D 179 0.97 18.47 35.44
C VAL D 179 1.44 19.21 34.19
N ASN D 180 2.68 19.69 34.22
CA ASN D 180 3.21 20.52 33.14
C ASN D 180 3.96 19.62 32.16
N CYS D 181 3.30 19.26 31.07
CA CYS D 181 3.89 18.43 30.03
C CYS D 181 3.87 19.18 28.71
N THR D 182 4.29 20.44 28.74
CA THR D 182 4.09 21.36 27.64
C THR D 182 5.24 21.35 26.63
N GLY D 183 6.29 20.56 26.86
CA GLY D 183 7.31 20.38 25.85
C GLY D 183 8.17 21.61 25.64
N VAL D 184 8.59 21.80 24.39
CA VAL D 184 9.49 22.90 24.04
C VAL D 184 8.88 24.24 24.40
N TRP D 185 7.55 24.34 24.35
CA TRP D 185 6.85 25.59 24.61
C TRP D 185 6.62 25.87 26.08
N ALA D 186 7.39 25.24 26.97
CA ALA D 186 7.16 25.40 28.40
C ALA D 186 7.44 26.82 28.85
N GLY D 187 8.48 27.46 28.30
CA GLY D 187 8.87 28.77 28.76
C GLY D 187 7.74 29.79 28.77
N ALA D 188 6.74 29.61 27.91
CA ALA D 188 5.65 30.59 27.86
C ALA D 188 4.80 30.59 29.12
N LEU D 189 4.88 29.54 29.94
CA LEU D 189 4.17 29.48 31.21
C LEU D 189 5.07 29.84 32.40
N GLN D 190 6.33 29.42 32.35
CA GLN D 190 7.31 29.78 33.38
C GLN D 190 8.68 29.80 32.71
N ARG D 191 9.24 31.00 32.57
CA ARG D 191 10.50 31.17 31.86
C ARG D 191 11.56 30.17 32.35
N ASP D 192 12.21 29.52 31.39
CA ASP D 192 13.31 28.60 31.67
C ASP D 192 14.44 28.84 30.66
N PRO D 193 15.55 29.46 31.08
CA PRO D 193 16.64 29.72 30.12
C PRO D 193 17.32 28.46 29.64
N LEU D 194 17.15 27.34 30.34
CA LEU D 194 17.78 26.07 29.97
C LEU D 194 17.04 25.34 28.85
N LEU D 195 15.80 25.72 28.57
CA LEU D 195 14.98 25.04 27.56
C LEU D 195 15.10 25.79 26.24
N GLN D 196 15.56 25.09 25.20
CA GLN D 196 15.70 25.66 23.86
C GLN D 196 15.27 24.64 22.83
N PRO D 197 14.81 25.10 21.66
CA PRO D 197 14.30 24.18 20.64
C PRO D 197 15.43 23.55 19.83
N GLY D 198 15.46 22.21 19.81
CA GLY D 198 16.35 21.48 18.93
C GLY D 198 15.68 21.14 17.61
N ARG D 199 15.45 22.15 16.76
CA ARG D 199 14.70 21.94 15.53
C ARG D 199 15.29 20.80 14.72
N GLY D 200 14.41 19.93 14.23
CA GLY D 200 14.81 18.86 13.35
C GLY D 200 13.85 18.72 12.18
N GLN D 201 14.35 18.12 11.11
CA GLN D 201 13.56 17.90 9.91
C GLN D 201 13.75 16.46 9.45
N ILE D 202 12.66 15.84 9.02
CA ILE D 202 12.68 14.47 8.50
C ILE D 202 11.82 14.41 7.26
N MET D 203 12.09 13.40 6.43
CA MET D 203 11.21 13.03 5.32
C MET D 203 10.93 11.54 5.40
N LYS D 204 9.75 11.14 4.91
CA LYS D 204 9.31 9.76 4.95
C LYS D 204 9.22 9.23 3.53
N VAL D 205 10.05 8.25 3.21
CA VAL D 205 10.13 7.71 1.86
C VAL D 205 9.58 6.29 1.86
N ASP D 206 9.14 5.85 0.68
CA ASP D 206 8.62 4.50 0.50
C ASP D 206 9.77 3.61 0.05
N ALA D 207 10.33 2.85 1.00
CA ALA D 207 11.43 1.93 0.71
C ALA D 207 11.28 0.70 1.59
N PRO D 208 10.32 -0.18 1.25
CA PRO D 208 9.98 -1.28 2.16
C PRO D 208 11.05 -2.34 2.31
N TRP D 209 12.05 -2.37 1.43
CA TRP D 209 13.14 -3.34 1.59
C TRP D 209 14.05 -2.98 2.75
N MET D 210 13.95 -1.77 3.29
CA MET D 210 14.74 -1.37 4.45
C MET D 210 14.25 -2.10 5.68
N LYS D 211 15.06 -3.01 6.22
CA LYS D 211 14.71 -3.75 7.42
C LYS D 211 15.54 -3.35 8.63
N HIS D 212 16.56 -2.50 8.46
CA HIS D 212 17.42 -2.06 9.54
C HIS D 212 17.39 -0.55 9.66
N PHE D 213 17.58 -0.05 10.88
CA PHE D 213 17.91 1.35 11.07
C PHE D 213 19.42 1.54 10.91
N ILE D 214 19.80 2.72 10.42
CA ILE D 214 21.19 3.06 10.18
C ILE D 214 21.41 4.46 10.73
N LEU D 215 22.02 4.55 11.91
CA LEU D 215 22.33 5.82 12.53
C LEU D 215 23.82 6.12 12.36
N THR D 216 24.13 7.23 11.73
CA THR D 216 25.50 7.69 11.54
C THR D 216 25.80 8.83 12.50
N HIS D 217 27.06 8.95 12.89
CA HIS D 217 27.47 9.91 13.90
C HIS D 217 28.66 10.73 13.45
N ASP D 218 28.66 12.00 13.82
CA ASP D 218 29.76 12.91 13.52
C ASP D 218 29.87 13.86 14.69
N PRO D 219 30.83 13.67 15.60
CA PRO D 219 30.85 14.48 16.83
C PRO D 219 31.03 15.97 16.58
N GLU D 220 31.70 16.35 15.50
CA GLU D 220 31.84 17.77 15.18
C GLU D 220 30.47 18.38 14.88
N ARG D 221 29.70 17.75 14.00
CA ARG D 221 28.39 18.25 13.61
C ARG D 221 27.36 18.19 14.72
N GLY D 222 27.62 17.44 15.78
CA GLY D 222 26.65 17.25 16.84
C GLY D 222 25.73 16.06 16.58
N ILE D 223 25.14 15.55 17.65
CA ILE D 223 24.35 14.33 17.57
C ILE D 223 23.11 14.59 16.72
N TYR D 224 22.71 13.58 15.94
CA TYR D 224 21.56 13.65 15.07
C TYR D 224 21.65 14.81 14.08
N ASN D 225 22.86 15.33 13.89
CA ASN D 225 23.18 16.27 12.82
C ASN D 225 23.91 15.55 11.70
N SER D 226 23.51 14.29 11.46
CA SER D 226 24.17 13.36 10.57
C SER D 226 23.11 12.43 10.02
N PRO D 227 23.34 11.83 8.86
CA PRO D 227 22.28 11.04 8.22
C PRO D 227 21.87 9.85 9.07
N TYR D 228 20.56 9.61 9.15
CA TYR D 228 20.05 8.40 9.77
C TYR D 228 18.86 7.89 8.97
N ILE D 229 18.64 6.58 9.04
CA ILE D 229 17.61 5.89 8.28
C ILE D 229 16.89 4.96 9.24
N ILE D 230 15.61 5.23 9.48
CA ILE D 230 14.83 4.47 10.45
C ILE D 230 13.56 3.94 9.80
N PRO D 231 13.52 2.67 9.40
CA PRO D 231 12.30 2.12 8.78
C PRO D 231 11.16 2.06 9.79
N GLY D 232 10.03 2.67 9.44
CA GLY D 232 8.83 2.61 10.25
C GLY D 232 7.96 1.44 9.85
N THR D 233 6.70 1.50 10.27
CA THR D 233 5.75 0.48 9.89
C THR D 233 5.44 0.54 8.40
N GLN D 234 4.91 1.67 7.93
CA GLN D 234 4.53 1.82 6.53
C GLN D 234 5.58 2.55 5.70
N THR D 235 6.49 3.28 6.33
CA THR D 235 7.41 4.14 5.62
C THR D 235 8.77 4.12 6.31
N VAL D 236 9.76 4.69 5.62
CA VAL D 236 11.12 4.79 6.14
C VAL D 236 11.42 6.25 6.42
N THR D 237 12.00 6.52 7.58
CA THR D 237 12.31 7.90 7.98
C THR D 237 13.75 8.23 7.64
N LEU D 238 13.95 9.35 6.97
CA LEU D 238 15.27 9.88 6.65
C LEU D 238 15.47 11.19 7.38
N GLY D 239 16.57 11.31 8.11
CA GLY D 239 16.81 12.49 8.92
C GLY D 239 18.27 12.87 9.07
N GLY D 240 18.58 13.62 10.12
CA GLY D 240 19.93 14.11 10.34
C GLY D 240 20.02 15.61 10.48
N ILE D 241 18.94 16.25 10.91
CA ILE D 241 18.89 17.70 11.09
C ILE D 241 18.68 18.01 12.56
N PHE D 242 19.59 18.78 13.14
CA PHE D 242 19.49 19.23 14.53
C PHE D 242 20.02 20.66 14.60
N GLN D 243 19.11 21.63 14.54
CA GLN D 243 19.46 23.05 14.52
C GLN D 243 19.01 23.67 15.84
N LEU D 244 19.96 23.96 16.72
CA LEU D 244 19.65 24.50 18.03
C LEU D 244 19.27 25.97 17.94
N GLY D 245 18.14 26.33 18.54
CA GLY D 245 17.69 27.70 18.57
C GLY D 245 16.77 28.13 17.45
N ASN D 246 16.47 27.25 16.51
CA ASN D 246 15.64 27.59 15.36
C ASN D 246 14.18 27.27 15.67
N TRP D 247 13.33 28.28 15.60
CA TRP D 247 11.91 28.17 15.94
C TRP D 247 11.01 28.13 14.71
N SER D 248 11.55 27.79 13.55
CA SER D 248 10.80 27.81 12.30
C SER D 248 10.18 26.44 12.07
N GLU D 249 8.87 26.34 12.33
CA GLU D 249 8.11 25.13 12.00
C GLU D 249 7.80 25.19 10.51
N LEU D 250 8.82 24.94 9.70
CA LEU D 250 8.69 25.05 8.27
C LEU D 250 9.78 24.22 7.61
N ASN D 251 9.40 23.47 6.58
CA ASN D 251 10.38 22.64 5.87
C ASN D 251 11.32 23.53 5.06
N ASN D 252 12.61 23.36 5.29
CA ASN D 252 13.65 24.14 4.64
C ASN D 252 14.23 23.36 3.48
N ILE D 253 14.33 24.01 2.31
CA ILE D 253 14.81 23.34 1.11
C ILE D 253 16.25 22.85 1.31
N GLN D 254 17.06 23.62 2.05
CA GLN D 254 18.45 23.23 2.26
C GLN D 254 18.53 21.97 3.11
N ASP D 255 17.81 21.94 4.24
CA ASP D 255 17.79 20.74 5.08
C ASP D 255 17.31 19.53 4.30
N HIS D 256 16.33 19.73 3.41
CA HIS D 256 15.86 18.65 2.54
C HIS D 256 17.04 18.00 1.80
N ASN D 257 17.77 18.80 1.02
CA ASN D 257 18.88 18.25 0.24
C ASN D 257 19.91 17.59 1.15
N THR D 258 20.27 18.25 2.24
CA THR D 258 21.18 17.65 3.21
C THR D 258 20.70 16.27 3.62
N ILE D 259 19.40 16.13 3.91
CA ILE D 259 18.85 14.83 4.26
C ILE D 259 18.95 13.86 3.09
N TRP D 260 18.65 14.33 1.88
CA TRP D 260 18.64 13.44 0.72
C TRP D 260 20.04 12.97 0.37
N GLU D 261 20.94 13.90 0.04
CA GLU D 261 22.29 13.50 -0.34
C GLU D 261 22.96 12.71 0.77
N GLY D 262 22.70 13.06 2.03
CA GLY D 262 23.30 12.34 3.13
C GLY D 262 22.89 10.88 3.17
N CYS D 263 21.59 10.61 3.03
CA CYS D 263 21.08 9.25 3.14
C CYS D 263 21.36 8.45 1.86
N CYS D 264 21.25 9.08 0.69
CA CYS D 264 21.54 8.37 -0.54
C CYS D 264 22.97 7.86 -0.57
N ARG D 265 23.91 8.68 -0.10
CA ARG D 265 25.29 8.20 0.00
C ARG D 265 25.41 7.07 1.02
N LEU D 266 24.61 7.11 2.08
CA LEU D 266 24.65 6.06 3.09
C LEU D 266 23.96 4.79 2.61
N GLU D 267 22.90 4.93 1.82
CA GLU D 267 22.17 3.79 1.25
C GLU D 267 21.84 4.12 -0.19
N PRO D 268 22.69 3.70 -1.13
CA PRO D 268 22.46 4.05 -2.54
C PRO D 268 21.16 3.50 -3.10
N THR D 269 20.59 2.45 -2.51
CA THR D 269 19.31 1.94 -2.99
C THR D 269 18.17 2.91 -2.72
N LEU D 270 18.44 4.02 -2.03
CA LEU D 270 17.41 5.00 -1.70
C LEU D 270 17.08 5.93 -2.85
N LYS D 271 18.00 6.09 -3.81
CA LYS D 271 17.82 7.07 -4.88
C LYS D 271 16.57 6.82 -5.71
N ASN D 272 16.04 5.61 -5.71
CA ASN D 272 14.83 5.28 -6.47
C ASN D 272 13.62 5.07 -5.57
N ALA D 273 13.54 5.82 -4.47
CA ALA D 273 12.46 5.71 -3.51
C ALA D 273 11.58 6.95 -3.59
N ARG D 274 10.27 6.73 -3.67
CA ARG D 274 9.32 7.85 -3.73
C ARG D 274 9.20 8.51 -2.37
N ILE D 275 9.19 9.85 -2.37
CA ILE D 275 9.09 10.62 -1.14
C ILE D 275 7.61 10.78 -0.81
N ILE D 276 7.21 10.33 0.38
CA ILE D 276 5.81 10.36 0.77
C ILE D 276 5.46 11.67 1.47
N GLY D 277 6.36 12.18 2.30
CA GLY D 277 6.08 13.40 3.03
C GLY D 277 7.32 13.94 3.71
N GLU D 278 7.13 15.05 4.40
CA GLU D 278 8.22 15.73 5.08
C GLU D 278 7.63 16.59 6.19
N ARG D 279 8.35 16.69 7.30
CA ARG D 279 7.83 17.34 8.49
C ARG D 279 8.96 17.94 9.31
N THR D 280 8.63 18.98 10.07
CA THR D 280 9.57 19.62 10.98
C THR D 280 9.03 19.55 12.40
N GLY D 281 9.94 19.54 13.37
CA GLY D 281 9.56 19.53 14.76
C GLY D 281 10.67 20.12 15.62
N PHE D 282 10.34 20.33 16.89
CA PHE D 282 11.27 20.96 17.84
C PHE D 282 11.49 20.02 19.01
N ARG D 283 12.69 19.47 19.09
CA ARG D 283 13.06 18.68 20.26
C ARG D 283 13.16 19.60 21.48
N PRO D 284 12.52 19.26 22.59
CA PRO D 284 12.64 20.10 23.80
C PRO D 284 13.99 19.92 24.49
N VAL D 285 14.99 20.65 23.98
CA VAL D 285 16.35 20.51 24.47
C VAL D 285 16.50 21.16 25.84
N ARG D 286 17.24 20.49 26.73
CA ARG D 286 17.50 20.98 28.07
C ARG D 286 18.67 20.20 28.63
N PRO D 287 19.56 20.83 29.41
CA PRO D 287 20.69 20.07 29.98
C PRO D 287 20.27 18.80 30.68
N GLN D 288 19.04 18.76 31.21
CA GLN D 288 18.49 17.55 31.79
C GLN D 288 16.98 17.74 31.96
N ILE D 289 16.26 16.63 31.95
CA ILE D 289 14.81 16.70 32.06
C ILE D 289 14.42 17.38 33.36
N ARG D 290 13.43 18.26 33.29
CA ARG D 290 12.84 18.86 34.48
C ARG D 290 11.62 18.03 34.85
N LEU D 291 11.76 17.21 35.88
CA LEU D 291 10.67 16.36 36.38
C LEU D 291 10.67 16.50 37.90
N GLU D 292 9.90 17.45 38.39
CA GLU D 292 9.95 17.81 39.81
C GLU D 292 8.68 18.57 40.17
N ARG D 293 8.46 18.71 41.47
CA ARG D 293 7.30 19.42 41.99
C ARG D 293 7.64 20.90 42.22
N GLU D 294 6.60 21.72 42.23
CA GLU D 294 6.73 23.12 42.58
C GLU D 294 5.42 23.62 43.18
N GLN D 295 5.49 24.18 44.37
CA GLN D 295 4.33 24.86 44.95
C GLN D 295 4.20 26.25 44.32
N LEU D 296 3.01 26.54 43.79
CA LEU D 296 2.73 27.84 43.19
C LEU D 296 2.02 28.68 44.26
N ARG D 297 2.78 29.60 44.88
CA ARG D 297 2.25 30.44 45.94
C ARG D 297 1.36 31.55 45.35
N THR D 298 0.29 31.12 44.70
CA THR D 298 -0.60 32.01 43.98
C THR D 298 -2.00 31.92 44.59
N GLY D 299 -2.58 33.08 44.88
CA GLY D 299 -3.94 33.15 45.38
C GLY D 299 -4.03 32.90 46.87
N PRO D 300 -5.24 32.58 47.34
CA PRO D 300 -5.40 32.30 48.78
C PRO D 300 -4.64 31.06 49.25
N SER D 301 -4.48 30.06 48.38
CA SER D 301 -3.79 28.84 48.76
C SER D 301 -2.70 28.47 47.76
N ASN D 302 -2.14 27.27 47.90
CA ASN D 302 -1.05 26.81 47.03
C ASN D 302 -1.57 25.72 46.11
N THR D 303 -1.40 25.92 44.80
CA THR D 303 -1.71 24.90 43.81
C THR D 303 -0.45 24.11 43.48
N GLU D 304 -0.58 22.78 43.47
CA GLU D 304 0.57 21.92 43.28
C GLU D 304 0.87 21.75 41.80
N VAL D 305 2.11 21.98 41.41
CA VAL D 305 2.56 21.87 40.03
C VAL D 305 3.69 20.85 39.97
N ILE D 306 3.56 19.90 39.04
CA ILE D 306 4.59 18.90 38.80
C ILE D 306 5.01 19.01 37.34
N HIS D 307 6.28 19.32 37.11
CA HIS D 307 6.80 19.56 35.77
C HIS D 307 7.35 18.28 35.15
N ASN D 308 7.09 18.12 33.85
CA ASN D 308 7.64 17.01 33.09
C ASN D 308 7.84 17.51 31.66
N TYR D 309 9.05 17.99 31.38
CA TYR D 309 9.36 18.54 30.07
C TYR D 309 10.88 18.67 29.94
N GLY D 310 11.32 18.83 28.69
CA GLY D 310 12.74 18.92 28.41
C GLY D 310 13.38 17.61 28.02
N HIS D 311 12.65 16.72 27.35
CA HIS D 311 13.17 15.42 26.96
C HIS D 311 13.93 15.46 25.65
N GLY D 312 13.97 16.59 24.97
CA GLY D 312 14.84 16.72 23.81
C GLY D 312 14.54 15.70 22.75
N GLY D 313 15.56 14.91 22.38
CA GLY D 313 15.45 13.98 21.28
C GLY D 313 15.28 12.54 21.68
N TYR D 314 14.88 12.30 22.92
CA TYR D 314 14.69 10.96 23.45
C TYR D 314 13.39 10.88 24.25
N GLY D 315 12.37 11.60 23.79
CA GLY D 315 11.07 11.60 24.43
C GLY D 315 10.46 10.22 24.54
N LEU D 316 10.29 9.55 23.39
CA LEU D 316 9.69 8.21 23.40
C LEU D 316 10.54 7.21 24.17
N THR D 317 11.86 7.43 24.20
CA THR D 317 12.76 6.46 24.82
C THR D 317 12.61 6.40 26.32
N ILE D 318 12.35 7.54 26.97
CA ILE D 318 12.23 7.60 28.42
C ILE D 318 10.80 7.77 28.90
N HIS D 319 9.85 8.11 28.03
CA HIS D 319 8.54 8.61 28.43
C HIS D 319 7.89 7.81 29.55
N TRP D 320 8.12 6.49 29.58
CA TRP D 320 7.44 5.66 30.56
C TRP D 320 8.04 5.86 31.95
N GLY D 321 9.36 5.81 32.06
CA GLY D 321 10.00 6.08 33.34
C GLY D 321 9.55 7.40 33.95
N CYS D 322 9.56 8.46 33.13
CA CYS D 322 9.13 9.77 33.62
C CYS D 322 7.69 9.75 34.10
N ALA D 323 6.81 9.08 33.35
CA ALA D 323 5.41 8.97 33.77
C ALA D 323 5.30 8.25 35.11
N LEU D 324 6.12 7.21 35.31
CA LEU D 324 6.15 6.53 36.60
C LEU D 324 6.66 7.47 37.69
N GLU D 325 7.71 8.25 37.39
CA GLU D 325 8.24 9.19 38.37
C GLU D 325 7.23 10.29 38.70
N ALA D 326 6.56 10.84 37.68
CA ALA D 326 5.53 11.83 37.92
C ALA D 326 4.41 11.26 38.79
N ALA D 327 4.07 9.99 38.59
CA ALA D 327 3.08 9.35 39.45
C ALA D 327 3.55 9.29 40.89
N LYS D 328 4.83 8.95 41.10
CA LYS D 328 5.41 8.99 42.43
C LYS D 328 5.21 10.36 43.07
N LEU D 329 5.65 11.41 42.37
CA LEU D 329 5.48 12.76 42.90
C LEU D 329 4.02 13.06 43.20
N PHE D 330 3.12 12.63 42.32
CA PHE D 330 1.69 12.82 42.58
C PHE D 330 1.26 12.10 43.86
N GLY D 331 1.83 10.93 44.12
CA GLY D 331 1.50 10.20 45.34
C GLY D 331 1.94 10.95 46.58
N ARG D 332 3.16 11.51 46.57
CA ARG D 332 3.64 12.26 47.72
C ARG D 332 2.73 13.44 48.03
N ILE D 333 2.24 14.12 46.98
CA ILE D 333 1.30 15.22 47.19
C ILE D 333 0.09 14.75 47.98
N LEU D 334 -0.35 13.51 47.73
CA LEU D 334 -1.54 13.00 48.42
C LEU D 334 -1.27 12.77 49.91
N GLU D 335 -0.13 12.16 50.23
CA GLU D 335 0.21 11.94 51.64
C GLU D 335 0.26 13.27 52.39
N GLU D 336 0.87 14.29 51.80
CA GLU D 336 0.97 15.58 52.47
C GLU D 336 -0.39 16.25 52.59
N LYS D 337 -1.27 16.06 51.61
CA LYS D 337 -2.65 16.47 51.79
C LYS D 337 -3.42 15.52 52.70
N LYS D 338 -2.76 14.50 53.24
CA LYS D 338 -3.35 13.60 54.22
C LYS D 338 -4.63 12.96 53.70
N LEU D 339 -4.57 12.47 52.46
CA LEU D 339 -5.66 11.71 51.86
C LEU D 339 -5.10 10.53 51.08
N SER D 340 -4.09 9.87 51.64
CA SER D 340 -3.48 8.71 51.00
C SER D 340 -3.71 7.45 51.82
PA FAD E . -6.77 27.57 5.55
O1A FAD E . -6.02 26.58 4.74
O2A FAD E . -6.80 27.53 7.04
O5B FAD E . -5.38 28.38 5.68
C5B FAD E . -5.27 29.54 6.50
C4B FAD E . -3.83 30.05 6.41
O4B FAD E . -3.70 31.38 7.01
C3B FAD E . -2.89 29.18 7.25
O3B FAD E . -1.56 29.38 6.82
C2B FAD E . -3.05 29.86 8.56
O2B FAD E . -2.05 29.42 9.49
C1B FAD E . -2.70 31.23 8.04
N9A FAD E . -2.83 32.29 9.09
C8A FAD E . -3.98 32.52 9.71
N7A FAD E . -3.79 33.52 10.57
C5A FAD E . -2.51 33.89 10.49
C6A FAD E . -1.83 34.84 11.15
N6A FAD E . -2.53 35.54 12.05
N1A FAD E . -0.54 35.07 10.92
C2A FAD E . 0.12 34.30 9.97
N3A FAD E . -0.62 33.31 9.30
C4A FAD E . -1.92 33.13 9.57
N1 FAD E . -13.59 22.69 0.09
C2 FAD E . -13.75 22.18 -1.20
O2 FAD E . -13.72 22.94 -2.17
N3 FAD E . -13.94 20.81 -1.39
C4 FAD E . -13.98 19.95 -0.29
O4 FAD E . -14.15 18.74 -0.47
C4X FAD E . -13.82 20.45 1.00
N5 FAD E . -13.86 19.63 2.05
C5X FAD E . -13.72 20.11 3.29
C6 FAD E . -13.77 19.25 4.38
C7 FAD E . -13.63 19.77 5.66
C7M FAD E . -13.68 18.91 6.77
C8 FAD E . -13.43 21.13 5.86
C8M FAD E . -13.29 21.62 7.15
C9 FAD E . -13.39 21.98 4.77
C9A FAD E . -13.53 21.48 3.48
N10 FAD E . -13.48 22.31 2.43
C10 FAD E . -13.63 21.82 1.18
C1' FAD E . -13.27 23.76 2.62
C2' FAD E . -11.80 24.13 2.44
O2' FAD E . -10.99 23.29 3.28
C3' FAD E . -11.58 25.59 2.83
O3' FAD E . -12.62 26.40 2.27
C4' FAD E . -10.23 26.06 2.28
O4' FAD E . -9.21 25.14 2.70
C5' FAD E . -9.90 27.45 2.81
O5' FAD E . -8.53 27.51 3.20
P FAD E . -7.76 28.92 3.28
O1P FAD E . -6.57 28.88 2.41
O2P FAD E . -8.76 29.99 3.10
O3P FAD E . -7.25 28.95 4.81
C1 9E9 F . -17.39 19.39 3.70
C2 9E9 F . -17.43 19.11 2.39
C5 9E9 F . -17.36 19.10 0.03
C6 9E9 F . -17.73 17.92 0.53
C7 9E9 F . -17.76 17.92 1.88
O8 9E9 F . -17.06 20.52 4.08
O9 9E9 F . -17.67 18.50 4.53
S1 9E9 F . -17.09 20.15 1.22
CL1 9E9 F . -17.21 19.47 -1.66
H6 9E9 F . -17.96 17.04 -0.07
H7 9E9 F . -18.03 17.05 2.49
PA FAD G . -10.27 -20.70 -17.19
O1A FAD G . -10.50 -20.10 -15.86
O2A FAD G . -8.92 -21.12 -17.66
O5B FAD G . -10.40 -22.14 -16.46
C5B FAD G . -9.75 -23.31 -16.97
C4B FAD G . -9.84 -24.43 -15.92
O4B FAD G . -9.97 -25.73 -16.57
C3B FAD G . -8.54 -24.54 -15.15
O3B FAD G . -8.78 -25.25 -13.94
C2B FAD G . -7.80 -25.44 -16.06
O2B FAD G . -6.60 -25.94 -15.41
C1B FAD G . -8.86 -26.51 -16.08
N9A FAD G . -8.55 -27.64 -16.99
C8A FAD G . -8.45 -27.49 -18.31
N7A FAD G . -8.16 -28.67 -18.84
C5A FAD G . -8.09 -29.57 -17.85
C6A FAD G . -7.82 -30.88 -17.87
N6A FAD G . -7.60 -31.42 -19.07
N1A FAD G . -7.79 -31.60 -16.74
C2A FAD G . -8.04 -30.97 -15.53
N3A FAD G . -8.31 -29.59 -15.54
C4A FAD G . -8.33 -28.92 -16.71
N1 FAD G . -13.92 -11.64 -19.05
C2 FAD G . -14.80 -10.73 -18.46
O2 FAD G . -15.97 -11.05 -18.29
N3 FAD G . -14.34 -9.46 -18.07
C4 FAD G . -13.00 -9.12 -18.27
O4 FAD G . -12.61 -8.00 -17.93
C4X FAD G . -12.13 -10.03 -18.86
N5 FAD G . -10.85 -9.67 -19.05
C5X FAD G . -10.01 -10.53 -19.65
C6 FAD G . -8.69 -10.16 -19.87
C7 FAD G . -7.83 -11.04 -20.50
C7M FAD G . -6.50 -10.67 -20.73
C8 FAD G . -8.27 -12.30 -20.89
C8M FAD G . -7.40 -13.19 -21.50
C9 FAD G . -9.59 -12.67 -20.65
C9A FAD G . -10.45 -11.79 -20.03
N10 FAD G . -11.72 -12.15 -19.81
C10 FAD G . -12.58 -11.29 -19.25
C1' FAD G . -12.18 -13.51 -20.19
C2' FAD G . -12.22 -14.47 -19.00
O2' FAD G . -10.95 -14.46 -18.31
C3' FAD G . -12.51 -15.90 -19.47
O3' FAD G . -13.68 -15.91 -20.28
C4' FAD G . -12.71 -16.81 -18.25
O4' FAD G . -11.59 -16.68 -17.38
C5' FAD G . -12.85 -18.26 -18.71
O5' FAD G . -12.84 -19.13 -17.57
P FAD G . -13.03 -20.72 -17.71
O1P FAD G . -13.42 -21.28 -16.40
O2P FAD G . -13.88 -20.99 -18.88
O3P FAD G . -11.55 -21.25 -18.03
C1 9E9 H . -10.33 -8.33 -22.55
C2 9E9 H . -11.35 -7.69 -21.98
C5 9E9 H . -13.41 -6.96 -21.03
C6 9E9 H . -12.46 -6.00 -21.02
C7 9E9 H . -11.30 -6.42 -21.55
O8 9E9 H . -9.23 -7.76 -22.71
O9 9E9 H . -10.47 -9.52 -22.92
S1 9E9 H . -12.81 -8.31 -21.70
CL1 9E9 H . -15.02 -6.79 -20.42
H6 9E9 H . -12.63 -5.01 -20.62
H7 9E9 H . -10.41 -5.79 -21.64
PA FAD I . 11.81 -24.18 -10.64
O1A FAD I . 11.79 -22.70 -10.57
O2A FAD I . 10.56 -24.99 -10.73
O5B FAD I . 11.76 -24.02 -12.24
C5B FAD I . 11.57 -25.15 -13.10
C4B FAD I . 11.64 -24.67 -14.56
O4B FAD I . 11.80 -25.82 -15.45
C3B FAD I . 10.31 -24.06 -14.99
O3B FAD I . 10.53 -23.25 -16.15
C2B FAD I . 9.60 -25.30 -15.42
O2B FAD I . 8.40 -25.00 -16.16
C1B FAD I . 10.68 -25.76 -16.36
N9A FAD I . 10.40 -27.09 -16.96
C8A FAD I . 10.31 -28.20 -16.22
N7A FAD I . 10.05 -29.21 -17.04
C5A FAD I . 9.97 -28.74 -18.28
C6A FAD I . 9.74 -29.36 -19.44
N6A FAD I . 9.55 -30.67 -19.38
N1A FAD I . 9.71 -28.69 -20.60
C2A FAD I . 9.94 -27.31 -20.59
N3A FAD I . 10.18 -26.70 -19.36
C4A FAD I . 10.20 -27.42 -18.23
N1 FAD I . 15.10 -21.62 -1.63
C2 FAD I . 15.92 -20.64 -1.05
O2 FAD I . 17.11 -20.55 -1.38
N3 FAD I . 15.40 -19.77 -0.07
C4 FAD I . 14.07 -19.89 0.32
O4 FAD I . 13.63 -19.12 1.17
C4X FAD I . 13.25 -20.86 -0.27
N5 FAD I . 11.97 -20.96 0.11
C5X FAD I . 11.18 -21.89 -0.44
C6 FAD I . 9.85 -21.99 -0.05
C7 FAD I . 9.03 -22.95 -0.63
C7M FAD I . 7.70 -23.06 -0.24
C8 FAD I . 9.54 -23.81 -1.59
C8M FAD I . 8.70 -24.77 -2.16
C9 FAD I . 10.87 -23.71 -1.98
C9A FAD I . 11.69 -22.74 -1.42
N10 FAD I . 12.97 -22.64 -1.79
C10 FAD I . 13.76 -21.72 -1.23
C1' FAD I . 13.51 -23.56 -2.81
C2' FAD I . 13.45 -22.96 -4.21
O2' FAD I . 12.11 -22.57 -4.50
C3' FAD I . 13.92 -24.00 -5.25
O3' FAD I . 15.09 -24.65 -4.77
C4' FAD I . 14.22 -23.28 -6.57
O4' FAD I . 13.14 -22.41 -6.91
C5' FAD I . 14.42 -24.31 -7.69
O5' FAD I . 14.09 -23.72 -8.94
P FAD I . 14.59 -24.38 -10.31
O1P FAD I . 15.14 -23.32 -11.18
O2P FAD I . 15.41 -25.57 -9.99
O3P FAD I . 13.21 -24.91 -10.97
C1 9E9 J . 11.53 -23.43 2.80
C2 9E9 J . 12.46 -22.56 3.16
C5 9E9 J . 14.42 -21.23 3.44
C6 9E9 J . 13.43 -20.88 4.27
C7 9E9 J . 12.32 -21.62 4.11
O8 9E9 J . 11.78 -24.26 1.90
O9 9E9 J . 10.41 -23.41 3.35
S1 9E9 J . 13.95 -22.47 2.52
CL1 9E9 J . 15.97 -20.49 3.39
H6 9E9 J . 13.51 -20.06 5.00
H7 9E9 J . 11.41 -21.49 4.69
PA FAD K . 5.34 17.43 22.31
O1A FAD K . 4.65 16.22 21.78
O2A FAD K . 5.37 18.73 21.58
O5B FAD K . 3.90 17.87 22.92
C5B FAD K . 3.65 19.18 23.46
C4B FAD K . 2.21 19.22 23.99
O4B FAD K . 2.06 20.35 24.91
C3B FAD K . 1.24 19.53 22.85
O3B FAD K . -0.08 19.19 23.26
C2B FAD K . 1.36 21.03 22.87
O2B FAD K . 0.33 21.63 22.06
C1B FAD K . 1.02 21.17 24.33
N9A FAD K . 1.11 22.58 24.81
C8A FAD K . 2.25 23.25 24.81
N7A FAD K . 2.02 24.47 25.30
C5A FAD K . 0.72 24.54 25.60
C6A FAD K . 0.01 25.54 26.12
N6A FAD K . 0.67 26.66 26.38
N1A FAD K . -1.30 25.42 26.35
C2A FAD K . -1.93 24.21 26.05
N3A FAD K . -1.15 23.18 25.51
C4A FAD K . 0.16 23.37 25.30
N1 FAD K . 12.49 10.66 20.51
C2 FAD K . 12.69 9.28 20.62
O2 FAD K . 12.62 8.73 21.72
N3 FAD K . 12.95 8.52 19.47
C4 FAD K . 13.01 9.14 18.21
O4 FAD K . 13.25 8.47 17.21
C4X FAD K . 12.82 10.52 18.12
N5 FAD K . 12.90 11.11 16.92
C5X FAD K . 12.73 12.44 16.82
C6 FAD K . 12.83 13.05 15.57
C7 FAD K . 12.66 14.43 15.45
C7M FAD K . 12.76 15.02 14.21
C8 FAD K . 12.40 15.19 16.59
C8M FAD K . 12.24 16.57 16.47
C9 FAD K . 12.31 14.58 17.84
C9A FAD K . 12.46 13.20 17.95
N10 FAD K . 12.38 12.61 19.15
C10 FAD K . 12.56 11.28 19.25
C1' FAD K . 12.08 13.40 20.37
C2' FAD K . 10.59 13.38 20.69
O2' FAD K . 9.84 13.82 19.55
C3' FAD K . 10.30 14.32 21.87
O3' FAD K . 11.23 14.09 22.93
C4' FAD K . 8.86 14.08 22.38
O4' FAD K . 7.96 14.07 21.28
C5' FAD K . 8.47 15.20 23.36
O5' FAD K . 7.04 15.31 23.39
P FAD K . 6.32 16.10 24.59
O1P FAD K . 5.16 15.31 25.06
O2P FAD K . 7.35 16.54 25.54
O3P FAD K . 5.75 17.44 23.87
C1 9E9 L . 16.25 12.42 16.19
C2 9E9 L . 16.41 11.15 16.56
C5 9E9 L . 16.53 9.05 17.65
C6 9E9 L . 16.92 8.99 16.37
C7 9E9 L . 16.85 10.18 15.75
O8 9E9 L . 16.50 12.77 15.03
O9 9E9 L . 15.84 13.26 17.03
S1 9E9 L . 16.11 10.56 18.03
CL1 9E9 L . 16.50 7.71 18.75
H6 9E9 L . 17.25 8.06 15.88
H7 9E9 L . 17.11 10.34 14.70
#